data_3U8J
#
_entry.id   3U8J
#
_cell.length_a   72.350
_cell.length_b   114.430
_cell.length_c   247.370
_cell.angle_alpha   90.00
_cell.angle_beta   90.00
_cell.angle_gamma   90.00
#
_symmetry.space_group_name_H-M   'P 21 21 21'
#
loop_
_entity.id
_entity.type
_entity.pdbx_description
1 polymer 'Acetylcholine-binding protein'
2 non-polymer 1-(pyridin-3-yl)-1,4-diazepane
3 non-polymer 'SULFATE ION'
4 non-polymer 2-acetamido-2-deoxy-beta-D-glucopyranose
5 water water
#
_entity_poly.entity_id   1
_entity_poly.type   'polypeptide(L)'
_entity_poly.pdbx_seq_one_letter_code
;LDRADILYNIRQTSRPDVIPTQRDRPVAVSVSLKFINILEVNEITNEVDVVFWQQTTWSDRTLAWNSSHSPDQVSVPISS
LWVPDLAAYNAISKPEVLTPQLARVVSDGEVLYMPSIRQRFSCDVSGVDTESGATCRIKIGSWTHHSREISVDPTTENSD
DSEYFSQYSRFEILDVTQKKNSVTYSCCPEAYEDVEVSLNFRKKGRSEIL
;
_entity_poly.pdbx_strand_id   B,A,C,D,E,F,G,J,I,H
#
# COMPACT_ATOMS: atom_id res chain seq x y z
N LEU A 1 -39.36 37.76 40.71
CA LEU A 1 -38.86 36.85 39.69
C LEU A 1 -40.00 36.25 38.90
N ASP A 2 -39.80 36.08 37.60
CA ASP A 2 -40.76 35.36 36.78
C ASP A 2 -40.12 34.07 36.29
N ARG A 3 -40.90 33.24 35.61
CA ARG A 3 -40.39 31.96 35.13
C ARG A 3 -39.12 32.11 34.30
N ALA A 4 -39.11 33.10 33.40
CA ALA A 4 -37.95 33.32 32.56
C ALA A 4 -36.68 33.54 33.38
N ASP A 5 -36.80 34.37 34.42
CA ASP A 5 -35.67 34.64 35.29
C ASP A 5 -35.19 33.37 36.00
N ILE A 6 -36.13 32.63 36.57
CA ILE A 6 -35.81 31.43 37.33
C ILE A 6 -35.06 30.41 36.46
N LEU A 7 -35.59 30.17 35.28
CA LEU A 7 -35.01 29.21 34.35
C LEU A 7 -33.66 29.68 33.83
N TYR A 8 -33.53 30.99 33.64
CA TYR A 8 -32.25 31.57 33.26
C TYR A 8 -31.22 31.29 34.35
N ASN A 9 -31.60 31.61 35.59
CA ASN A 9 -30.69 31.44 36.72
C ASN A 9 -30.26 30.01 36.89
N ILE A 10 -31.20 29.09 36.71
CA ILE A 10 -30.93 27.67 36.82
C ILE A 10 -30.00 27.19 35.71
N ARG A 11 -30.36 27.51 34.47
CA ARG A 11 -29.50 27.17 33.33
C ARG A 11 -28.06 27.70 33.52
N GLN A 12 -27.92 28.94 33.97
CA GLN A 12 -26.61 29.55 34.14
C GLN A 12 -25.78 29.01 35.31
N THR A 13 -26.43 28.50 36.36
CA THR A 13 -25.72 28.18 37.61
C THR A 13 -25.83 26.75 38.13
N SER A 14 -26.85 26.02 37.70
CA SER A 14 -26.93 24.63 38.11
C SER A 14 -25.66 23.95 37.59
N ARG A 15 -25.20 22.97 38.35
CA ARG A 15 -23.99 22.27 37.98
C ARG A 15 -24.37 20.82 37.77
N PRO A 16 -24.80 20.48 36.54
CA PRO A 16 -25.43 19.20 36.27
C PRO A 16 -24.50 18.04 36.57
N ASP A 17 -23.20 18.29 36.62
CA ASP A 17 -22.22 17.24 36.85
C ASP A 17 -21.86 17.17 38.32
N VAL A 18 -22.44 18.06 39.12
CA VAL A 18 -22.07 18.14 40.53
C VAL A 18 -23.17 17.63 41.45
N ILE A 19 -22.91 16.50 42.10
CA ILE A 19 -23.85 15.93 43.05
C ILE A 19 -24.02 16.88 44.23
N PRO A 20 -25.26 17.27 44.51
CA PRO A 20 -25.58 18.27 45.54
C PRO A 20 -25.53 17.73 46.97
N THR A 21 -24.41 17.14 47.32
CA THR A 21 -24.13 16.73 48.70
C THR A 21 -24.21 17.90 49.70
N GLN A 22 -24.91 17.68 50.81
CA GLN A 22 -25.01 18.68 51.87
C GLN A 22 -24.27 18.16 53.11
N ARG A 23 -23.24 18.90 53.55
CA ARG A 23 -22.47 18.56 54.76
C ARG A 23 -21.96 17.12 54.75
N ASP A 24 -21.35 16.72 53.64
CA ASP A 24 -20.84 15.36 53.44
C ASP A 24 -21.86 14.23 53.68
N ARG A 25 -23.13 14.58 53.85
CA ARG A 25 -24.19 13.59 53.94
C ARG A 25 -24.58 13.14 52.53
N PRO A 26 -25.12 11.92 52.38
CA PRO A 26 -25.51 11.45 51.04
C PRO A 26 -26.72 12.19 50.54
N VAL A 27 -26.81 12.36 49.23
CA VAL A 27 -28.04 12.82 48.63
C VAL A 27 -29.07 11.71 48.75
N ALA A 28 -30.18 12.00 49.43
CA ALA A 28 -31.26 11.04 49.55
C ALA A 28 -32.11 11.01 48.29
N VAL A 29 -32.08 9.88 47.60
CA VAL A 29 -32.89 9.70 46.40
C VAL A 29 -34.03 8.72 46.64
N SER A 30 -35.26 9.14 46.36
CA SER A 30 -36.39 8.22 46.41
C SER A 30 -36.72 7.73 45.01
N VAL A 31 -36.93 6.42 44.89
CA VAL A 31 -37.21 5.82 43.61
C VAL A 31 -38.43 4.97 43.75
N SER A 32 -39.26 4.95 42.71
CA SER A 32 -40.50 4.20 42.72
C SER A 32 -40.93 3.96 41.27
N LEU A 33 -41.27 2.71 40.96
CA LEU A 33 -41.75 2.37 39.62
C LEU A 33 -43.27 2.27 39.59
N LYS A 34 -43.89 3.05 38.71
CA LYS A 34 -45.33 2.94 38.49
C LYS A 34 -45.50 2.22 37.17
N PHE A 35 -45.93 0.97 37.24
CA PHE A 35 -46.05 0.14 36.06
C PHE A 35 -47.23 0.55 35.20
N ILE A 36 -46.96 0.67 33.90
CA ILE A 36 -47.95 1.11 32.94
C ILE A 36 -48.39 -0.07 32.08
N ASN A 37 -47.45 -0.95 31.77
CA ASN A 37 -47.74 -2.06 30.88
C ASN A 37 -46.67 -3.13 30.92
N ILE A 38 -47.10 -4.36 30.62
CA ILE A 38 -46.22 -5.50 30.45
C ILE A 38 -46.45 -6.00 29.05
N LEU A 39 -45.48 -5.82 28.17
CA LEU A 39 -45.70 -5.97 26.72
C LEU A 39 -45.39 -7.37 26.24
N GLU A 40 -44.26 -7.90 26.66
CA GLU A 40 -43.88 -9.22 26.23
C GLU A 40 -43.25 -9.96 27.38
N VAL A 41 -43.52 -11.25 27.43
CA VAL A 41 -42.99 -12.08 28.48
C VAL A 41 -42.50 -13.35 27.82
N ASN A 42 -41.36 -13.85 28.28
CA ASN A 42 -40.82 -15.10 27.76
C ASN A 42 -40.39 -15.96 28.91
N GLU A 43 -41.14 -17.04 29.10
CA GLU A 43 -40.96 -17.93 30.23
C GLU A 43 -39.85 -18.92 29.96
N ILE A 44 -39.44 -19.01 28.69
CA ILE A 44 -38.26 -19.78 28.32
C ILE A 44 -36.99 -19.02 28.64
N THR A 45 -36.92 -17.79 28.15
CA THR A 45 -35.70 -16.98 28.29
C THR A 45 -35.67 -16.18 29.59
N ASN A 46 -36.80 -16.15 30.30
CA ASN A 46 -36.91 -15.31 31.50
C ASN A 46 -36.62 -13.84 31.22
N GLU A 47 -37.32 -13.30 30.24
CA GLU A 47 -37.17 -11.92 29.87
C GLU A 47 -38.54 -11.25 29.81
N VAL A 48 -38.61 -10.00 30.22
CA VAL A 48 -39.87 -9.28 30.18
C VAL A 48 -39.63 -7.91 29.59
N ASP A 49 -40.62 -7.43 28.85
CA ASP A 49 -40.58 -6.11 28.26
C ASP A 49 -41.62 -5.28 28.99
N VAL A 50 -41.19 -4.22 29.67
CA VAL A 50 -42.08 -3.46 30.53
C VAL A 50 -42.07 -1.94 30.28
N VAL A 51 -43.23 -1.31 30.49
CA VAL A 51 -43.33 0.15 30.52
C VAL A 51 -43.71 0.62 31.92
N PHE A 52 -42.97 1.59 32.43
CA PHE A 52 -43.22 2.10 33.77
C PHE A 52 -42.77 3.56 33.87
N TRP A 53 -43.38 4.30 34.78
CA TRP A 53 -42.90 5.62 35.16
C TRP A 53 -41.89 5.42 36.26
N GLN A 54 -40.70 5.97 36.05
CA GLN A 54 -39.64 5.89 37.05
C GLN A 54 -39.64 7.13 37.92
N GLN A 55 -40.52 7.16 38.92
CA GLN A 55 -40.69 8.31 39.76
C GLN A 55 -39.46 8.48 40.61
N THR A 56 -38.75 9.59 40.41
CA THR A 56 -37.48 9.82 41.05
C THR A 56 -37.48 11.17 41.75
N THR A 57 -37.01 11.17 42.98
CA THR A 57 -37.14 12.33 43.83
C THR A 57 -35.88 12.62 44.63
N TRP A 58 -35.47 13.87 44.66
CA TRP A 58 -34.35 14.30 45.48
C TRP A 58 -34.34 15.81 45.66
N SER A 59 -33.47 16.27 46.54
CA SER A 59 -33.37 17.68 46.84
C SER A 59 -32.03 18.24 46.34
N ASP A 60 -32.08 19.38 45.66
CA ASP A 60 -30.87 20.09 45.25
C ASP A 60 -31.00 21.57 45.61
N ARG A 61 -30.42 21.95 46.74
CA ARG A 61 -30.55 23.31 47.28
C ARG A 61 -29.98 24.38 46.37
N THR A 62 -29.05 24.01 45.48
CA THR A 62 -28.46 25.00 44.57
C THR A 62 -29.47 25.48 43.54
N LEU A 63 -30.60 24.80 43.47
CA LEU A 63 -31.65 25.19 42.53
C LEU A 63 -32.67 26.13 43.17
N ALA A 64 -32.61 26.28 44.48
CA ALA A 64 -33.65 26.98 45.24
C ALA A 64 -33.73 28.47 44.90
N TRP A 65 -34.92 29.04 45.04
CA TRP A 65 -35.10 30.48 44.89
C TRP A 65 -36.17 31.02 45.84
N ASN A 66 -36.13 32.32 46.07
CA ASN A 66 -37.13 32.97 46.90
C ASN A 66 -38.42 33.08 46.09
N SER A 67 -39.48 32.40 46.52
CA SER A 67 -40.74 32.36 45.76
C SER A 67 -41.86 33.20 46.36
N SER A 68 -41.55 34.14 47.24
CA SER A 68 -42.60 34.91 47.91
C SER A 68 -43.52 35.64 46.92
N HIS A 69 -42.94 36.22 45.87
CA HIS A 69 -43.76 36.89 44.87
C HIS A 69 -43.46 36.31 43.52
N SER A 70 -43.29 34.98 43.46
CA SER A 70 -42.81 34.31 42.28
C SER A 70 -43.44 32.94 42.09
N PRO A 71 -43.30 32.37 40.89
CA PRO A 71 -43.74 30.99 40.64
C PRO A 71 -43.13 30.04 41.67
N ASP A 72 -43.90 29.03 42.06
CA ASP A 72 -43.51 28.08 43.08
C ASP A 72 -42.74 26.91 42.47
N GLN A 73 -42.96 26.69 41.18
CA GLN A 73 -42.39 25.55 40.47
C GLN A 73 -42.14 25.87 38.99
N VAL A 74 -41.17 25.20 38.40
CA VAL A 74 -40.93 25.27 36.96
C VAL A 74 -40.54 23.88 36.45
N SER A 75 -40.73 23.69 35.14
CA SER A 75 -40.23 22.51 34.47
C SER A 75 -38.89 22.84 33.83
N VAL A 76 -37.94 21.93 33.98
CA VAL A 76 -36.55 22.17 33.59
C VAL A 76 -36.00 20.97 32.80
N PRO A 77 -35.38 21.22 31.65
CA PRO A 77 -34.69 20.13 30.96
C PRO A 77 -33.65 19.47 31.89
N ILE A 78 -33.63 18.16 31.94
CA ILE A 78 -32.67 17.47 32.82
C ILE A 78 -31.23 17.72 32.41
N SER A 79 -31.04 18.19 31.17
CA SER A 79 -29.71 18.52 30.71
C SER A 79 -29.17 19.72 31.48
N SER A 80 -30.06 20.45 32.14
CA SER A 80 -29.65 21.61 32.94
C SER A 80 -29.60 21.30 34.43
N LEU A 81 -29.76 20.04 34.80
CA LEU A 81 -29.80 19.67 36.21
C LEU A 81 -28.88 18.50 36.47
N TRP A 82 -28.38 18.40 37.70
CA TRP A 82 -27.79 17.15 38.12
C TRP A 82 -28.90 16.14 38.31
N VAL A 83 -28.69 14.95 37.77
CA VAL A 83 -29.63 13.86 37.96
C VAL A 83 -28.89 12.65 38.51
N PRO A 84 -29.55 11.88 39.40
CA PRO A 84 -28.92 10.67 39.95
C PRO A 84 -28.61 9.69 38.81
N ASP A 85 -27.47 9.02 38.87
CA ASP A 85 -27.08 8.07 37.83
C ASP A 85 -27.65 6.70 38.12
N LEU A 86 -28.97 6.61 38.17
CA LEU A 86 -29.66 5.34 38.43
C LEU A 86 -29.63 4.38 37.24
N ALA A 87 -29.49 3.10 37.54
CA ALA A 87 -29.53 2.10 36.49
C ALA A 87 -30.18 0.86 37.04
N ALA A 88 -30.93 0.16 36.18
CA ALA A 88 -31.46 -1.13 36.52
C ALA A 88 -30.39 -2.18 36.26
N TYR A 89 -29.96 -2.88 37.32
CA TYR A 89 -28.91 -3.90 37.21
C TYR A 89 -29.23 -5.06 36.29
N ASN A 90 -30.50 -5.42 36.21
CA ASN A 90 -30.90 -6.59 35.42
C ASN A 90 -31.62 -6.19 34.13
N ALA A 91 -31.49 -4.93 33.75
CA ALA A 91 -31.97 -4.49 32.45
C ALA A 91 -31.08 -5.08 31.37
N ILE A 92 -31.69 -5.56 30.28
CA ILE A 92 -30.95 -6.12 29.16
C ILE A 92 -31.15 -5.30 27.88
N SER A 93 -31.73 -4.12 28.04
CA SER A 93 -31.77 -3.14 26.94
C SER A 93 -31.57 -1.76 27.53
N LYS A 94 -31.17 -0.82 26.69
CA LYS A 94 -31.09 0.60 27.06
C LYS A 94 -32.49 1.10 27.45
N PRO A 95 -32.57 1.98 28.45
CA PRO A 95 -33.88 2.56 28.79
C PRO A 95 -34.37 3.34 27.57
N GLU A 96 -35.57 3.03 27.08
CA GLU A 96 -36.17 3.82 26.02
C GLU A 96 -37.07 4.84 26.69
N VAL A 97 -36.62 6.10 26.73
CA VAL A 97 -37.39 7.16 27.39
C VAL A 97 -38.49 7.64 26.45
N LEU A 98 -39.74 7.47 26.88
CA LEU A 98 -40.88 7.71 26.01
C LEU A 98 -41.37 9.16 26.07
N THR A 99 -41.01 9.86 27.14
CA THR A 99 -41.58 11.17 27.43
C THR A 99 -40.56 12.30 27.35
N PRO A 100 -41.04 13.55 27.22
CA PRO A 100 -40.15 14.72 27.23
C PRO A 100 -39.27 14.71 28.47
N GLN A 101 -37.99 14.99 28.29
CA GLN A 101 -37.04 14.86 29.39
C GLN A 101 -36.94 16.16 30.23
N LEU A 102 -38.01 16.43 30.95
CA LEU A 102 -38.09 17.57 31.84
C LEU A 102 -38.33 17.10 33.27
N ALA A 103 -37.74 17.81 34.23
CA ALA A 103 -38.01 17.55 35.63
C ALA A 103 -38.81 18.71 36.19
N ARG A 104 -39.57 18.45 37.24
CA ARG A 104 -40.31 19.49 37.92
C ARG A 104 -39.50 19.93 39.13
N VAL A 105 -39.23 21.23 39.23
CA VAL A 105 -38.41 21.77 40.31
C VAL A 105 -39.23 22.73 41.15
N VAL A 106 -39.26 22.48 42.46
CA VAL A 106 -39.97 23.35 43.39
C VAL A 106 -39.00 24.40 43.92
N SER A 107 -39.52 25.56 44.33
CA SER A 107 -38.67 26.69 44.76
C SER A 107 -37.75 26.37 45.94
N ASP A 108 -38.02 25.30 46.68
CA ASP A 108 -37.17 24.93 47.80
C ASP A 108 -36.07 23.96 47.36
N GLY A 109 -36.01 23.62 46.07
CA GLY A 109 -34.97 22.75 45.58
C GLY A 109 -35.37 21.30 45.42
N GLU A 110 -36.60 20.96 45.77
CA GLU A 110 -37.10 19.59 45.53
C GLU A 110 -37.31 19.33 44.05
N VAL A 111 -36.86 18.16 43.60
CA VAL A 111 -36.97 17.81 42.19
C VAL A 111 -37.77 16.55 42.02
N LEU A 112 -38.66 16.55 41.03
CA LEU A 112 -39.38 15.35 40.63
C LEU A 112 -39.13 15.08 39.16
N TYR A 113 -38.41 13.98 38.89
CA TYR A 113 -38.24 13.50 37.52
C TYR A 113 -38.97 12.16 37.38
N MET A 114 -39.91 12.09 36.44
CA MET A 114 -40.73 10.90 36.31
C MET A 114 -41.01 10.60 34.85
N PRO A 115 -40.00 10.10 34.15
CA PRO A 115 -40.17 9.74 32.73
C PRO A 115 -40.87 8.42 32.61
N SER A 116 -41.57 8.21 31.51
CA SER A 116 -42.11 6.90 31.23
C SER A 116 -41.05 6.18 30.41
N ILE A 117 -40.77 4.95 30.79
CA ILE A 117 -39.68 4.20 30.21
C ILE A 117 -40.12 2.82 29.78
N ARG A 118 -39.72 2.42 28.59
CA ARG A 118 -39.84 1.03 28.14
C ARG A 118 -38.48 0.35 28.14
N GLN A 119 -38.41 -0.81 28.78
CA GLN A 119 -37.15 -1.47 28.98
C GLN A 119 -37.36 -2.96 29.14
N ARG A 120 -36.38 -3.75 28.69
CA ARG A 120 -36.43 -5.19 28.87
C ARG A 120 -35.54 -5.64 30.02
N PHE A 121 -36.02 -6.62 30.77
CA PHE A 121 -35.29 -7.13 31.93
C PHE A 121 -35.13 -8.64 31.92
N SER A 122 -34.09 -9.09 32.59
CA SER A 122 -33.88 -10.50 32.86
C SER A 122 -34.35 -10.75 34.29
N CYS A 123 -35.33 -11.62 34.44
CA CYS A 123 -35.89 -11.90 35.76
C CYS A 123 -36.73 -13.17 35.72
N ASP A 124 -37.22 -13.56 36.88
CA ASP A 124 -37.92 -14.82 37.01
C ASP A 124 -39.34 -14.74 36.46
N VAL A 125 -39.57 -15.38 35.33
CA VAL A 125 -40.88 -15.35 34.68
C VAL A 125 -41.68 -16.64 34.99
N SER A 126 -41.05 -17.60 35.61
CA SER A 126 -41.70 -18.87 35.91
C SER A 126 -42.98 -18.63 36.71
N GLY A 127 -44.03 -19.36 36.34
CA GLY A 127 -45.31 -19.26 37.03
C GLY A 127 -46.22 -18.17 36.51
N VAL A 128 -45.77 -17.45 35.49
CA VAL A 128 -46.55 -16.34 34.95
C VAL A 128 -47.95 -16.77 34.52
N ASP A 129 -48.09 -18.02 34.07
CA ASP A 129 -49.38 -18.50 33.59
C ASP A 129 -50.13 -19.30 34.64
N THR A 130 -49.75 -19.13 35.91
CA THR A 130 -50.46 -19.73 37.00
C THR A 130 -51.24 -18.68 37.81
N GLU A 131 -52.01 -19.16 38.79
CA GLU A 131 -52.80 -18.30 39.67
C GLU A 131 -51.93 -17.45 40.57
N SER A 132 -50.86 -18.09 41.02
CA SER A 132 -49.90 -17.52 41.96
C SER A 132 -49.08 -16.42 41.24
N GLY A 133 -48.99 -16.54 39.93
CA GLY A 133 -48.30 -15.58 39.10
C GLY A 133 -46.79 -15.68 39.23
N ALA A 134 -46.09 -14.87 38.43
CA ALA A 134 -44.64 -14.79 38.51
C ALA A 134 -44.24 -13.59 39.35
N THR A 135 -43.01 -13.60 39.85
CA THR A 135 -42.47 -12.45 40.57
C THR A 135 -41.17 -11.99 39.92
N CYS A 136 -41.26 -10.89 39.19
CA CYS A 136 -40.11 -10.32 38.51
C CYS A 136 -39.51 -9.25 39.39
N ARG A 137 -38.28 -9.49 39.81
CA ARG A 137 -37.53 -8.61 40.69
C ARG A 137 -36.65 -7.64 39.87
N ILE A 138 -36.86 -6.34 40.05
CA ILE A 138 -36.08 -5.31 39.35
C ILE A 138 -35.20 -4.49 40.29
N LYS A 139 -33.90 -4.48 40.01
CA LYS A 139 -32.92 -3.87 40.90
C LYS A 139 -32.40 -2.55 40.35
N ILE A 140 -32.66 -1.47 41.06
CA ILE A 140 -32.24 -0.14 40.63
C ILE A 140 -31.40 0.58 41.70
N GLY A 141 -30.29 1.17 41.27
CA GLY A 141 -29.46 1.96 42.17
C GLY A 141 -28.47 2.83 41.42
N SER A 142 -27.75 3.69 42.16
CA SER A 142 -26.71 4.53 41.56
C SER A 142 -25.63 3.67 40.99
N TRP A 143 -25.23 3.93 39.75
CA TRP A 143 -24.22 3.13 39.11
C TRP A 143 -22.84 3.38 39.68
N THR A 144 -22.55 4.64 40.02
CA THR A 144 -21.20 5.04 40.40
C THR A 144 -21.07 5.78 41.74
N HIS A 145 -22.18 6.08 42.41
CA HIS A 145 -22.13 6.73 43.72
C HIS A 145 -22.45 5.76 44.85
N HIS A 146 -21.49 5.57 45.75
CA HIS A 146 -21.69 4.70 46.89
C HIS A 146 -22.55 5.36 47.95
N SER A 147 -22.78 4.62 49.04
CA SER A 147 -23.78 4.98 50.05
C SER A 147 -23.51 6.26 50.84
N ARG A 148 -22.27 6.74 50.83
CA ARG A 148 -21.98 8.01 51.50
C ARG A 148 -22.27 9.20 50.57
N GLU A 149 -22.54 8.89 49.30
CA GLU A 149 -22.86 9.91 48.31
C GLU A 149 -24.33 9.88 47.87
N ILE A 150 -24.83 8.68 47.60
CA ILE A 150 -26.25 8.52 47.31
C ILE A 150 -26.88 7.39 48.13
N SER A 151 -27.96 7.70 48.82
CA SER A 151 -28.79 6.66 49.39
C SER A 151 -30.06 6.57 48.57
N VAL A 152 -30.53 5.35 48.32
CA VAL A 152 -31.82 5.16 47.64
C VAL A 152 -32.85 4.55 48.58
N ASP A 153 -34.07 5.07 48.51
CA ASP A 153 -35.17 4.58 49.32
C ASP A 153 -36.43 4.50 48.48
N PRO A 154 -37.27 3.50 48.75
CA PRO A 154 -38.59 3.43 48.11
C PRO A 154 -39.46 4.58 48.60
N THR A 155 -40.22 5.19 47.70
CA THR A 155 -41.14 6.26 48.09
C THR A 155 -42.24 5.64 48.93
N THR A 156 -43.27 6.42 49.23
CA THR A 156 -44.45 5.94 49.96
C THR A 156 -44.89 4.53 49.59
N GLU A 157 -45.16 3.73 50.60
CA GLU A 157 -45.60 2.35 50.40
C GLU A 157 -47.12 2.24 50.16
N ASN A 158 -47.79 3.39 50.06
CA ASN A 158 -49.26 3.44 49.82
C ASN A 158 -49.62 4.00 48.44
N SER A 159 -50.26 3.17 47.62
CA SER A 159 -50.76 3.59 46.31
C SER A 159 -51.37 2.42 45.53
N ASP A 160 -52.46 2.68 44.80
CA ASP A 160 -53.02 1.68 43.90
C ASP A 160 -51.90 1.23 42.96
N ASP A 161 -51.58 -0.06 43.01
CA ASP A 161 -50.44 -0.57 42.27
C ASP A 161 -50.68 -0.52 40.76
N SER A 162 -51.96 -0.61 40.38
CA SER A 162 -52.34 -0.63 38.97
C SER A 162 -52.91 0.70 38.57
N GLU A 163 -52.76 1.70 39.42
CA GLU A 163 -53.37 3.00 39.20
C GLU A 163 -53.26 3.44 37.75
N TYR A 164 -52.07 3.21 37.19
CA TYR A 164 -51.79 3.66 35.82
C TYR A 164 -51.60 2.48 34.89
N PHE A 165 -51.78 1.27 35.39
CA PHE A 165 -51.55 0.09 34.58
C PHE A 165 -52.64 -0.10 33.52
N SER A 166 -52.22 -0.38 32.30
CA SER A 166 -53.14 -0.56 31.18
C SER A 166 -54.11 -1.74 31.34
N GLN A 167 -55.39 -1.45 31.17
CA GLN A 167 -56.41 -2.47 31.23
C GLN A 167 -56.36 -3.34 29.99
N TYR A 168 -55.53 -2.95 29.04
CA TYR A 168 -55.46 -3.66 27.76
C TYR A 168 -54.26 -4.58 27.64
N SER A 169 -53.46 -4.64 28.69
CA SER A 169 -52.36 -5.59 28.77
C SER A 169 -52.90 -7.02 28.81
N ARG A 170 -52.11 -8.00 28.36
CA ARG A 170 -52.53 -9.39 28.54
C ARG A 170 -52.23 -9.83 29.96
N PHE A 171 -51.70 -8.89 30.75
CA PHE A 171 -51.29 -9.22 32.09
C PHE A 171 -51.98 -8.34 33.11
N GLU A 172 -52.03 -8.83 34.34
CA GLU A 172 -52.54 -8.05 35.46
C GLU A 172 -51.53 -8.09 36.60
N ILE A 173 -51.51 -7.05 37.41
CA ILE A 173 -50.60 -6.98 38.53
C ILE A 173 -51.27 -7.49 39.79
N LEU A 174 -50.63 -8.42 40.46
CA LEU A 174 -51.16 -9.00 41.69
C LEU A 174 -50.65 -8.21 42.88
N ASP A 175 -49.40 -7.76 42.79
CA ASP A 175 -48.77 -7.08 43.91
C ASP A 175 -47.44 -6.46 43.50
N VAL A 176 -47.15 -5.30 44.08
CA VAL A 176 -45.84 -4.68 43.94
C VAL A 176 -45.27 -4.40 45.33
N THR A 177 -44.07 -4.91 45.59
CA THR A 177 -43.37 -4.61 46.85
C THR A 177 -41.96 -4.14 46.56
N GLN A 178 -41.41 -3.37 47.49
CA GLN A 178 -40.11 -2.75 47.32
C GLN A 178 -39.19 -3.07 48.50
N LYS A 179 -37.92 -3.30 48.22
CA LYS A 179 -36.98 -3.62 49.26
C LYS A 179 -35.70 -2.84 49.04
N LYS A 180 -35.10 -2.34 50.12
CA LYS A 180 -33.84 -1.61 50.01
C LYS A 180 -32.67 -2.52 50.32
N ASN A 181 -31.61 -2.43 49.54
CA ASN A 181 -30.39 -3.18 49.82
C ASN A 181 -29.14 -2.32 49.77
N SER A 182 -28.11 -2.81 50.44
CA SER A 182 -26.80 -2.19 50.40
C SER A 182 -25.80 -3.28 50.08
N VAL A 183 -25.11 -3.14 48.95
CA VAL A 183 -24.27 -4.20 48.43
C VAL A 183 -22.82 -3.77 48.18
N THR A 184 -21.89 -4.65 48.53
CA THR A 184 -20.49 -4.44 48.23
C THR A 184 -20.12 -5.22 46.96
N TYR A 185 -19.41 -4.57 46.05
CA TYR A 185 -19.01 -5.19 44.80
C TYR A 185 -17.50 -5.40 44.84
N SER A 186 -17.04 -6.45 44.18
CA SER A 186 -15.64 -6.84 44.26
C SER A 186 -14.70 -5.77 43.73
N CYS A 187 -15.21 -4.88 42.88
CA CYS A 187 -14.39 -3.82 42.30
C CYS A 187 -13.97 -2.78 43.33
N CYS A 188 -14.74 -2.64 44.40
CA CYS A 188 -14.67 -1.45 45.22
C CYS A 188 -14.94 -1.75 46.70
N PRO A 189 -14.32 -0.97 47.59
CA PRO A 189 -14.42 -1.20 49.03
C PRO A 189 -15.75 -0.72 49.60
N GLU A 190 -16.46 0.09 48.85
CA GLU A 190 -17.61 0.79 49.38
C GLU A 190 -18.91 0.04 49.10
N ALA A 191 -19.94 0.30 49.92
CA ALA A 191 -21.26 -0.25 49.69
C ALA A 191 -22.10 0.67 48.81
N TYR A 192 -22.85 0.07 47.89
CA TYR A 192 -23.74 0.84 47.03
C TYR A 192 -25.16 0.40 47.27
N GLU A 193 -26.04 1.38 47.40
CA GLU A 193 -27.44 1.08 47.72
C GLU A 193 -28.27 0.80 46.47
N ASP A 194 -29.30 0.00 46.64
CA ASP A 194 -30.28 -0.21 45.57
C ASP A 194 -31.67 -0.41 46.13
N VAL A 195 -32.66 -0.23 45.27
CA VAL A 195 -34.01 -0.63 45.57
C VAL A 195 -34.36 -1.81 44.67
N GLU A 196 -34.89 -2.87 45.26
CA GLU A 196 -35.40 -3.99 44.48
C GLU A 196 -36.90 -3.94 44.46
N VAL A 197 -37.46 -3.80 43.27
CA VAL A 197 -38.90 -3.77 43.10
C VAL A 197 -39.38 -5.14 42.61
N SER A 198 -40.22 -5.77 43.41
CA SER A 198 -40.75 -7.08 43.08
C SER A 198 -42.14 -6.95 42.47
N LEU A 199 -42.22 -7.26 41.18
CA LEU A 199 -43.45 -7.17 40.43
C LEU A 199 -44.10 -8.56 40.35
N ASN A 200 -45.21 -8.73 41.06
CA ASN A 200 -45.94 -10.00 41.05
C ASN A 200 -47.10 -9.88 40.07
N PHE A 201 -47.01 -10.60 38.97
CA PHE A 201 -48.01 -10.46 37.92
C PHE A 201 -48.34 -11.82 37.31
N ARG A 202 -49.47 -11.89 36.63
CA ARG A 202 -49.84 -13.10 35.88
C ARG A 202 -50.52 -12.77 34.56
N LYS A 203 -50.61 -13.77 33.69
CA LYS A 203 -51.38 -13.66 32.46
C LYS A 203 -52.87 -13.71 32.83
N LYS A 204 -53.65 -12.85 32.19
CA LYS A 204 -55.10 -12.83 32.42
C LYS A 204 -55.69 -14.17 31.95
N GLY A 205 -56.57 -14.77 32.77
CA GLY A 205 -57.10 -16.10 32.44
C GLY A 205 -56.66 -17.36 33.25
N ARG A 206 -55.95 -17.23 34.38
CA ARG A 206 -55.90 -18.37 35.33
C ARG A 206 -56.32 -18.08 36.78
N SER A 207 -57.45 -17.43 36.95
CA SER A 207 -58.10 -17.36 38.25
C SER A 207 -59.56 -17.75 38.04
N GLU A 208 -59.78 -18.53 36.98
CA GLU A 208 -61.12 -18.93 36.55
C GLU A 208 -61.71 -20.00 37.46
N ILE A 209 -62.98 -19.85 37.84
CA ILE A 209 -63.71 -20.98 38.42
C ILE A 209 -64.58 -21.63 37.37
N LEU A 210 -65.40 -20.81 36.70
CA LEU A 210 -66.26 -21.21 35.57
C LEU A 210 -67.76 -21.06 35.85
N LEU B 1 -38.55 44.62 7.82
CA LEU B 1 -37.96 43.33 8.19
C LEU B 1 -38.10 42.33 7.07
N ASP B 2 -37.05 41.53 6.85
CA ASP B 2 -37.16 40.40 5.94
C ASP B 2 -37.05 39.10 6.74
N ARG B 3 -37.23 37.97 6.06
CA ARG B 3 -37.17 36.67 6.73
C ARG B 3 -35.90 36.47 7.57
N ALA B 4 -34.74 36.84 7.02
CA ALA B 4 -33.48 36.68 7.72
C ALA B 4 -33.52 37.41 9.07
N ASP B 5 -34.00 38.65 9.06
CA ASP B 5 -34.10 39.44 10.30
C ASP B 5 -35.01 38.77 11.32
N ILE B 6 -36.20 38.38 10.87
CA ILE B 6 -37.19 37.74 11.74
C ILE B 6 -36.65 36.48 12.42
N LEU B 7 -36.07 35.61 11.61
CA LEU B 7 -35.49 34.37 12.10
C LEU B 7 -34.31 34.61 13.03
N TYR B 8 -33.50 35.60 12.71
CA TYR B 8 -32.42 36.03 13.58
C TYR B 8 -32.96 36.45 14.94
N ASN B 9 -33.97 37.32 14.92
CA ASN B 9 -34.54 37.84 16.15
C ASN B 9 -35.13 36.73 17.01
N ILE B 10 -35.79 35.78 16.35
CA ILE B 10 -36.38 34.66 17.05
C ILE B 10 -35.33 33.77 17.66
N ARG B 11 -34.35 33.38 16.85
CA ARG B 11 -33.27 32.56 17.33
C ARG B 11 -32.60 33.22 18.54
N GLN B 12 -32.31 34.51 18.44
CA GLN B 12 -31.62 35.23 19.50
C GLN B 12 -32.41 35.42 20.80
N THR B 13 -33.73 35.39 20.74
CA THR B 13 -34.52 35.79 21.90
C THR B 13 -35.59 34.83 22.38
N SER B 14 -35.75 33.70 21.71
CA SER B 14 -36.99 32.96 21.90
C SER B 14 -37.15 32.17 23.22
N ARG B 15 -36.05 31.78 23.88
CA ARG B 15 -36.17 31.08 25.17
C ARG B 15 -37.02 29.82 25.11
N PRO B 16 -36.49 28.73 24.53
CA PRO B 16 -37.15 27.44 24.27
C PRO B 16 -37.57 26.70 25.54
N ASP B 17 -36.93 27.03 26.66
CA ASP B 17 -37.20 26.35 27.92
C ASP B 17 -38.22 27.11 28.74
N VAL B 18 -38.69 28.23 28.21
CA VAL B 18 -39.60 29.09 28.96
C VAL B 18 -41.03 29.05 28.41
N ILE B 19 -41.95 28.50 29.19
CA ILE B 19 -43.35 28.46 28.80
C ILE B 19 -43.93 29.88 28.73
N PRO B 20 -44.52 30.23 27.57
CA PRO B 20 -44.96 31.60 27.31
C PRO B 20 -46.29 31.89 27.95
N THR B 21 -46.35 31.65 29.25
CA THR B 21 -47.47 32.05 30.08
C THR B 21 -47.67 33.56 30.06
N GLN B 22 -48.90 33.98 29.79
CA GLN B 22 -49.28 35.39 29.85
C GLN B 22 -50.23 35.67 31.04
N ARG B 23 -49.86 36.60 31.90
CA ARG B 23 -50.68 36.98 33.04
C ARG B 23 -51.35 35.82 33.74
N ASP B 24 -50.54 34.82 34.10
CA ASP B 24 -51.00 33.68 34.89
C ASP B 24 -52.18 32.90 34.31
N ARG B 25 -52.50 33.16 33.05
CA ARG B 25 -53.32 32.22 32.31
C ARG B 25 -52.43 31.05 31.88
N PRO B 26 -53.00 29.85 31.81
CA PRO B 26 -52.31 28.72 31.18
C PRO B 26 -52.14 29.00 29.69
N VAL B 27 -51.10 28.42 29.10
CA VAL B 27 -50.97 28.44 27.66
C VAL B 27 -52.00 27.47 27.10
N ALA B 28 -52.89 27.99 26.26
CA ALA B 28 -53.91 27.17 25.62
C ALA B 28 -53.30 26.43 24.43
N VAL B 29 -53.24 25.11 24.54
CA VAL B 29 -52.71 24.26 23.49
C VAL B 29 -53.86 23.44 22.86
N SER B 30 -53.97 23.53 21.53
CA SER B 30 -54.92 22.69 20.81
C SER B 30 -54.16 21.54 20.20
N VAL B 31 -54.71 20.34 20.33
CA VAL B 31 -54.09 19.14 19.80
C VAL B 31 -55.12 18.37 19.00
N SER B 32 -54.67 17.76 17.91
CA SER B 32 -55.56 17.02 17.04
C SER B 32 -54.73 16.03 16.23
N LEU B 33 -55.19 14.79 16.16
CA LEU B 33 -54.50 13.78 15.38
C LEU B 33 -55.19 13.55 14.06
N LYS B 34 -54.47 13.76 12.95
CA LYS B 34 -54.98 13.41 11.64
C LYS B 34 -54.33 12.08 11.27
N PHE B 35 -55.11 11.01 11.27
CA PHE B 35 -54.58 9.70 10.98
C PHE B 35 -54.25 9.49 9.50
N ILE B 36 -53.04 9.01 9.24
CA ILE B 36 -52.55 8.79 7.89
C ILE B 36 -52.54 7.31 7.57
N ASN B 37 -52.20 6.49 8.56
CA ASN B 37 -52.13 5.05 8.33
C ASN B 37 -52.18 4.23 9.61
N ILE B 38 -52.67 3.00 9.46
CA ILE B 38 -52.64 2.01 10.53
C ILE B 38 -51.85 0.84 9.98
N LEU B 39 -50.65 0.63 10.49
CA LEU B 39 -49.71 -0.25 9.82
C LEU B 39 -49.79 -1.68 10.34
N GLU B 40 -49.86 -1.82 11.65
CA GLU B 40 -49.90 -3.14 12.25
C GLU B 40 -50.82 -3.13 13.44
N VAL B 41 -51.52 -4.24 13.59
CA VAL B 41 -52.46 -4.38 14.67
C VAL B 41 -52.27 -5.76 15.23
N ASN B 42 -52.35 -5.88 16.54
CA ASN B 42 -52.24 -7.17 17.18
C ASN B 42 -53.34 -7.31 18.22
N GLU B 43 -54.35 -8.11 17.91
CA GLU B 43 -55.53 -8.23 18.76
C GLU B 43 -55.23 -9.10 19.98
N ILE B 44 -54.24 -9.97 19.86
CA ILE B 44 -53.79 -10.73 21.02
C ILE B 44 -53.14 -9.80 22.04
N THR B 45 -52.16 -9.01 21.60
CA THR B 45 -51.40 -8.16 22.51
C THR B 45 -52.06 -6.81 22.74
N ASN B 46 -53.09 -6.48 21.95
CA ASN B 46 -53.70 -5.16 22.02
C ASN B 46 -52.70 -4.04 21.77
N GLU B 47 -51.97 -4.14 20.66
CA GLU B 47 -51.02 -3.12 20.28
C GLU B 47 -51.28 -2.70 18.83
N VAL B 48 -51.13 -1.42 18.55
CA VAL B 48 -51.31 -0.92 17.19
C VAL B 48 -50.11 -0.05 16.82
N ASP B 49 -49.77 -0.07 15.53
CA ASP B 49 -48.70 0.74 15.01
C ASP B 49 -49.34 1.74 14.06
N VAL B 50 -49.21 3.02 14.36
CA VAL B 50 -49.96 4.06 13.67
C VAL B 50 -49.10 5.23 13.14
N VAL B 51 -49.49 5.80 12.00
CA VAL B 51 -48.91 7.05 11.52
C VAL B 51 -49.97 8.15 11.53
N PHE B 52 -49.63 9.29 12.12
CA PHE B 52 -50.57 10.41 12.19
C PHE B 52 -49.85 11.74 12.20
N TRP B 53 -50.53 12.80 11.77
CA TRP B 53 -50.01 14.14 11.94
C TRP B 53 -50.48 14.65 13.28
N GLN B 54 -49.56 15.09 14.12
CA GLN B 54 -49.93 15.61 15.43
C GLN B 54 -50.06 17.12 15.37
N GLN B 55 -51.21 17.57 14.90
CA GLN B 55 -51.44 18.99 14.70
C GLN B 55 -51.49 19.69 16.06
N THR B 56 -50.52 20.56 16.29
CA THR B 56 -50.37 21.17 17.61
C THR B 56 -50.31 22.69 17.49
N THR B 57 -51.13 23.36 18.28
CA THR B 57 -51.32 24.79 18.14
C THR B 57 -51.28 25.54 19.46
N TRP B 58 -50.56 26.66 19.47
CA TRP B 58 -50.53 27.54 20.64
C TRP B 58 -49.99 28.90 20.28
N SER B 59 -50.15 29.83 21.21
CA SER B 59 -49.69 31.20 21.02
C SER B 59 -48.49 31.50 21.89
N ASP B 60 -47.45 32.12 21.31
CA ASP B 60 -46.29 32.60 22.06
C ASP B 60 -45.97 34.04 21.66
N ARG B 61 -46.43 34.99 22.46
CA ARG B 61 -46.32 36.41 22.13
C ARG B 61 -44.88 36.90 22.01
N THR B 62 -43.95 36.23 22.68
CA THR B 62 -42.55 36.64 22.62
C THR B 62 -41.98 36.45 21.22
N LEU B 63 -42.70 35.73 20.36
CA LEU B 63 -42.24 35.50 19.00
C LEU B 63 -42.73 36.56 18.03
N ALA B 64 -43.74 37.32 18.47
CA ALA B 64 -44.45 38.26 17.60
C ALA B 64 -43.56 39.33 16.99
N TRP B 65 -43.94 39.82 15.82
CA TRP B 65 -43.27 40.95 15.21
C TRP B 65 -44.22 41.83 14.41
N ASN B 66 -43.79 43.06 14.15
CA ASN B 66 -44.59 43.96 13.33
C ASN B 66 -44.47 43.53 11.86
N SER B 67 -45.57 43.08 11.28
CA SER B 67 -45.52 42.57 9.91
C SER B 67 -46.05 43.55 8.88
N SER B 68 -46.03 44.83 9.19
CA SER B 68 -46.32 45.82 8.18
C SER B 68 -45.15 45.81 7.21
N HIS B 69 -45.46 45.57 5.95
CA HIS B 69 -44.43 45.50 4.93
C HIS B 69 -43.34 44.48 5.29
N SER B 70 -43.74 43.46 6.04
CA SER B 70 -42.88 42.33 6.32
C SER B 70 -43.63 41.02 6.08
N PRO B 71 -42.90 39.90 5.97
CA PRO B 71 -43.52 38.59 5.86
C PRO B 71 -44.46 38.35 7.04
N ASP B 72 -45.56 37.65 6.76
CA ASP B 72 -46.61 37.37 7.73
C ASP B 72 -46.29 36.11 8.53
N GLN B 73 -45.49 35.23 7.96
CA GLN B 73 -45.17 33.93 8.56
C GLN B 73 -43.77 33.47 8.20
N VAL B 74 -43.19 32.66 9.07
CA VAL B 74 -41.91 32.02 8.78
C VAL B 74 -41.91 30.59 9.31
N SER B 75 -41.04 29.75 8.77
CA SER B 75 -40.83 28.42 9.30
C SER B 75 -39.61 28.44 10.22
N VAL B 76 -39.75 27.84 11.39
CA VAL B 76 -38.73 27.92 12.43
C VAL B 76 -38.40 26.55 13.00
N PRO B 77 -37.10 26.22 13.08
CA PRO B 77 -36.73 24.97 13.79
C PRO B 77 -37.29 24.97 15.22
N ILE B 78 -37.90 23.87 15.63
CA ILE B 78 -38.49 23.82 16.97
C ILE B 78 -37.42 23.91 18.05
N SER B 79 -36.18 23.69 17.68
CA SER B 79 -35.08 23.82 18.63
C SER B 79 -34.94 25.28 19.06
N SER B 80 -35.50 26.18 18.26
CA SER B 80 -35.44 27.61 18.56
C SER B 80 -36.71 28.12 19.24
N LEU B 81 -37.65 27.24 19.54
CA LEU B 81 -38.95 27.64 20.07
C LEU B 81 -39.27 26.85 21.33
N TRP B 82 -40.06 27.44 22.21
CA TRP B 82 -40.66 26.64 23.26
C TRP B 82 -41.74 25.80 22.64
N VAL B 83 -41.75 24.51 22.96
CA VAL B 83 -42.79 23.61 22.47
C VAL B 83 -43.43 22.92 23.67
N PRO B 84 -44.75 22.70 23.60
CA PRO B 84 -45.44 21.98 24.69
C PRO B 84 -44.84 20.59 24.89
N ASP B 85 -44.70 20.16 26.13
CA ASP B 85 -44.15 18.84 26.41
C ASP B 85 -45.23 17.75 26.35
N LEU B 86 -45.90 17.64 25.22
CA LEU B 86 -46.94 16.62 25.02
C LEU B 86 -46.40 15.19 24.94
N ALA B 87 -47.16 14.25 25.48
CA ALA B 87 -46.79 12.85 25.38
C ALA B 87 -48.04 12.00 25.32
N ALA B 88 -47.99 10.92 24.55
CA ALA B 88 -49.08 9.95 24.57
C ALA B 88 -48.88 8.98 25.72
N TYR B 89 -49.83 8.96 26.65
CA TYR B 89 -49.71 8.15 27.87
C TYR B 89 -49.61 6.66 27.59
N ASN B 90 -50.28 6.20 26.55
CA ASN B 90 -50.32 4.76 26.26
C ASN B 90 -49.45 4.36 25.09
N ALA B 91 -48.54 5.27 24.72
CA ALA B 91 -47.53 4.96 23.72
C ALA B 91 -46.54 3.95 24.31
N ILE B 92 -46.15 2.96 23.51
CA ILE B 92 -45.20 1.94 23.96
C ILE B 92 -43.91 2.00 23.15
N SER B 93 -43.77 3.03 22.32
CA SER B 93 -42.53 3.28 21.63
C SER B 93 -42.32 4.78 21.57
N LYS B 94 -41.06 5.20 21.44
CA LYS B 94 -40.72 6.59 21.22
C LYS B 94 -41.41 7.10 19.95
N PRO B 95 -41.85 8.36 19.98
CA PRO B 95 -42.38 8.96 18.74
C PRO B 95 -41.30 8.94 17.67
N GLU B 96 -41.58 8.30 16.54
CA GLU B 96 -40.68 8.40 15.41
C GLU B 96 -41.13 9.56 14.52
N VAL B 97 -40.40 10.68 14.58
CA VAL B 97 -40.80 11.86 13.82
C VAL B 97 -40.34 11.77 12.37
N LEU B 98 -41.31 11.72 11.46
CA LEU B 98 -41.02 11.40 10.06
C LEU B 98 -40.65 12.62 9.23
N THR B 99 -40.98 13.79 9.75
CA THR B 99 -40.90 15.00 8.94
C THR B 99 -39.93 16.02 9.52
N PRO B 100 -39.51 17.00 8.68
CA PRO B 100 -38.58 18.05 9.14
C PRO B 100 -39.16 18.77 10.35
N GLN B 101 -38.35 18.98 11.37
CA GLN B 101 -38.84 19.49 12.63
C GLN B 101 -38.90 21.02 12.65
N LEU B 102 -39.81 21.55 11.83
CA LEU B 102 -40.02 22.99 11.73
C LEU B 102 -41.45 23.32 12.11
N ALA B 103 -41.65 24.44 12.80
CA ALA B 103 -42.99 24.92 13.08
C ALA B 103 -43.25 26.15 12.24
N ARG B 104 -44.52 26.44 12.02
CA ARG B 104 -44.90 27.64 11.29
C ARG B 104 -45.34 28.69 12.30
N VAL B 105 -44.74 29.88 12.20
CA VAL B 105 -44.97 30.95 13.15
C VAL B 105 -45.56 32.14 12.42
N VAL B 106 -46.72 32.58 12.88
CA VAL B 106 -47.39 33.75 12.33
C VAL B 106 -46.93 35.00 13.09
N SER B 107 -47.00 36.15 12.44
CA SER B 107 -46.45 37.39 13.02
C SER B 107 -47.10 37.83 14.34
N ASP B 108 -48.26 37.26 14.66
CA ASP B 108 -48.93 37.58 15.90
C ASP B 108 -48.54 36.61 17.01
N GLY B 109 -47.65 35.67 16.70
CA GLY B 109 -47.16 34.75 17.72
C GLY B 109 -47.83 33.38 17.73
N GLU B 110 -48.79 33.16 16.85
CA GLU B 110 -49.45 31.86 16.74
C GLU B 110 -48.48 30.88 16.13
N VAL B 111 -48.45 29.67 16.69
CA VAL B 111 -47.52 28.66 16.20
C VAL B 111 -48.32 27.45 15.77
N LEU B 112 -47.94 26.85 14.65
CA LEU B 112 -48.47 25.57 14.21
C LEU B 112 -47.33 24.58 14.00
N TYR B 113 -47.29 23.55 14.84
CA TYR B 113 -46.34 22.48 14.68
C TYR B 113 -47.13 21.22 14.36
N MET B 114 -46.85 20.61 13.21
CA MET B 114 -47.61 19.46 12.77
C MET B 114 -46.72 18.42 12.11
N PRO B 115 -45.97 17.68 12.92
CA PRO B 115 -45.10 16.63 12.39
C PRO B 115 -45.91 15.37 12.09
N SER B 116 -45.45 14.60 11.12
CA SER B 116 -45.99 13.28 10.93
C SER B 116 -45.23 12.33 11.85
N ILE B 117 -45.95 11.51 12.58
CA ILE B 117 -45.35 10.65 13.59
C ILE B 117 -45.81 9.20 13.41
N ARG B 118 -44.86 8.27 13.46
CA ARG B 118 -45.15 6.86 13.61
C ARG B 118 -44.89 6.41 15.03
N GLN B 119 -45.86 5.73 15.63
CA GLN B 119 -45.74 5.35 17.03
C GLN B 119 -46.61 4.13 17.32
N ARG B 120 -46.18 3.32 18.28
CA ARG B 120 -46.98 2.18 18.68
C ARG B 120 -47.67 2.43 20.01
N PHE B 121 -48.90 1.92 20.12
CA PHE B 121 -49.71 2.18 21.29
C PHE B 121 -50.30 0.90 21.87
N SER B 122 -50.56 0.96 23.17
CA SER B 122 -51.32 -0.07 23.82
C SER B 122 -52.75 0.42 23.94
N CYS B 123 -53.70 -0.29 23.34
CA CYS B 123 -55.10 0.09 23.41
C CYS B 123 -55.96 -1.08 22.99
N ASP B 124 -57.27 -0.88 23.05
CA ASP B 124 -58.24 -1.94 22.81
C ASP B 124 -58.40 -2.27 21.34
N VAL B 125 -57.87 -3.43 20.94
CA VAL B 125 -57.92 -3.84 19.54
C VAL B 125 -59.07 -4.83 19.30
N SER B 126 -59.72 -5.28 20.37
CA SER B 126 -60.80 -6.25 20.23
C SER B 126 -61.88 -5.74 19.29
N GLY B 127 -62.37 -6.61 18.42
CA GLY B 127 -63.40 -6.26 17.47
C GLY B 127 -62.89 -5.69 16.16
N VAL B 128 -61.58 -5.58 16.01
CA VAL B 128 -61.02 -4.96 14.82
C VAL B 128 -61.47 -5.63 13.52
N ASP B 129 -61.73 -6.94 13.59
CA ASP B 129 -62.13 -7.70 12.42
C ASP B 129 -63.64 -7.92 12.31
N THR B 130 -64.40 -7.07 13.00
CA THR B 130 -65.83 -7.12 12.93
C THR B 130 -66.33 -5.89 12.20
N GLU B 131 -67.61 -5.91 11.89
CA GLU B 131 -68.27 -4.79 11.25
C GLU B 131 -68.23 -3.57 12.17
N SER B 132 -68.29 -3.81 13.48
CA SER B 132 -68.37 -2.75 14.48
C SER B 132 -66.98 -2.14 14.73
N GLY B 133 -65.94 -2.91 14.41
CA GLY B 133 -64.57 -2.45 14.50
C GLY B 133 -64.06 -2.36 15.91
N ALA B 134 -62.78 -2.00 16.04
CA ALA B 134 -62.19 -1.75 17.32
C ALA B 134 -62.18 -0.24 17.62
N THR B 135 -62.09 0.10 18.89
CA THR B 135 -61.90 1.50 19.29
C THR B 135 -60.63 1.65 20.12
N CYS B 136 -59.62 2.25 19.50
CA CYS B 136 -58.35 2.46 20.16
C CYS B 136 -58.31 3.88 20.68
N ARG B 137 -58.19 3.99 21.99
CA ARG B 137 -58.22 5.26 22.68
C ARG B 137 -56.77 5.72 22.96
N ILE B 138 -56.42 6.91 22.48
CA ILE B 138 -55.09 7.48 22.66
C ILE B 138 -55.11 8.75 23.52
N LYS B 139 -54.31 8.75 24.58
CA LYS B 139 -54.35 9.80 25.58
C LYS B 139 -53.12 10.69 25.51
N ILE B 140 -53.32 11.96 25.18
CA ILE B 140 -52.22 12.89 25.03
C ILE B 140 -52.39 14.11 25.93
N GLY B 141 -51.33 14.52 26.61
CA GLY B 141 -51.34 15.73 27.42
C GLY B 141 -49.95 16.15 27.83
N SER B 142 -49.85 17.32 28.47
CA SER B 142 -48.57 17.80 28.97
C SER B 142 -48.05 16.86 30.03
N TRP B 143 -46.78 16.49 29.90
CA TRP B 143 -46.19 15.57 30.86
C TRP B 143 -45.95 16.23 32.21
N THR B 144 -45.54 17.49 32.22
CA THR B 144 -45.10 18.14 33.47
C THR B 144 -45.81 19.45 33.82
N HIS B 145 -46.66 19.94 32.92
CA HIS B 145 -47.38 21.19 33.17
C HIS B 145 -48.84 20.94 33.54
N HIS B 146 -49.22 21.34 34.75
CA HIS B 146 -50.61 21.17 35.18
C HIS B 146 -51.55 22.22 34.55
N SER B 147 -52.83 22.12 34.87
CA SER B 147 -53.88 22.89 34.22
C SER B 147 -53.79 24.41 34.34
N ARG B 148 -53.06 24.93 35.32
CA ARG B 148 -52.90 26.38 35.42
C ARG B 148 -51.77 26.87 34.51
N GLU B 149 -51.05 25.93 33.92
CA GLU B 149 -49.92 26.23 33.06
C GLU B 149 -50.17 25.84 31.62
N ILE B 150 -50.73 24.64 31.41
CA ILE B 150 -51.16 24.23 30.08
C ILE B 150 -52.54 23.64 30.14
N SER B 151 -53.42 24.15 29.27
CA SER B 151 -54.69 23.52 29.03
C SER B 151 -54.59 22.89 27.64
N VAL B 152 -55.22 21.73 27.46
CA VAL B 152 -55.28 21.08 26.15
C VAL B 152 -56.72 20.97 25.70
N ASP B 153 -56.94 21.26 24.43
CA ASP B 153 -58.26 21.20 23.82
C ASP B 153 -58.11 20.59 22.43
N PRO B 154 -59.14 19.86 21.98
CA PRO B 154 -59.13 19.38 20.60
C PRO B 154 -59.19 20.57 19.66
N THR B 155 -58.32 20.57 18.68
CA THR B 155 -58.27 21.62 17.70
C THR B 155 -59.69 21.85 17.18
N THR B 156 -60.39 20.78 16.83
CA THR B 156 -61.81 20.91 16.54
C THR B 156 -62.64 19.64 16.66
N GLU B 157 -63.95 19.84 16.73
CA GLU B 157 -64.91 18.75 16.77
C GLU B 157 -65.47 18.53 15.35
N ASN B 158 -65.10 19.43 14.45
CA ASN B 158 -65.63 19.44 13.10
C ASN B 158 -64.54 19.13 12.06
N SER B 159 -64.62 17.94 11.48
CA SER B 159 -63.57 17.40 10.62
C SER B 159 -64.00 16.20 9.79
N ASP B 160 -63.32 15.99 8.67
CA ASP B 160 -63.43 14.71 7.95
C ASP B 160 -62.39 13.72 8.49
N ASP B 161 -62.84 12.73 9.25
CA ASP B 161 -61.94 11.82 9.95
C ASP B 161 -60.94 11.08 9.06
N SER B 162 -61.18 11.06 7.76
CA SER B 162 -60.41 10.22 6.86
C SER B 162 -59.76 11.00 5.73
N GLU B 163 -59.71 12.33 5.85
CA GLU B 163 -59.22 13.13 4.72
C GLU B 163 -57.81 12.74 4.24
N TYR B 164 -56.91 12.37 5.14
CA TYR B 164 -55.53 12.09 4.74
C TYR B 164 -55.18 10.63 4.92
N PHE B 165 -56.18 9.82 5.28
CA PHE B 165 -55.93 8.41 5.56
C PHE B 165 -55.67 7.62 4.28
N SER B 166 -54.63 6.81 4.31
CA SER B 166 -54.19 6.03 3.14
C SER B 166 -55.22 5.00 2.67
N GLN B 167 -55.57 5.08 1.39
CA GLN B 167 -56.48 4.12 0.77
C GLN B 167 -55.84 2.73 0.66
N TYR B 168 -54.55 2.66 0.97
CA TYR B 168 -53.80 1.41 0.79
C TYR B 168 -53.57 0.66 2.10
N SER B 169 -54.02 1.24 3.20
CA SER B 169 -54.04 0.53 4.47
C SER B 169 -54.93 -0.72 4.37
N ARG B 170 -54.66 -1.72 5.19
CA ARG B 170 -55.55 -2.87 5.37
C ARG B 170 -56.74 -2.50 6.26
N PHE B 171 -56.74 -1.28 6.79
CA PHE B 171 -57.76 -0.88 7.74
C PHE B 171 -58.49 0.34 7.23
N GLU B 172 -59.67 0.58 7.76
CA GLU B 172 -60.44 1.77 7.43
C GLU B 172 -60.93 2.41 8.72
N ILE B 173 -61.12 3.72 8.69
CA ILE B 173 -61.57 4.43 9.87
C ILE B 173 -63.07 4.59 9.83
N LEU B 174 -63.72 4.17 10.91
CA LEU B 174 -65.18 4.31 11.01
C LEU B 174 -65.54 5.65 11.63
N ASP B 175 -64.75 6.08 12.61
CA ASP B 175 -65.06 7.31 13.31
C ASP B 175 -63.90 7.72 14.17
N VAL B 176 -63.71 9.03 14.32
CA VAL B 176 -62.76 9.58 15.26
C VAL B 176 -63.48 10.60 16.15
N THR B 177 -63.40 10.40 17.45
CA THR B 177 -63.95 11.38 18.40
C THR B 177 -62.92 11.76 19.46
N GLN B 178 -63.05 12.97 19.98
CA GLN B 178 -62.08 13.52 20.92
C GLN B 178 -62.78 13.95 22.20
N LYS B 179 -62.13 13.70 23.33
CA LYS B 179 -62.69 14.05 24.63
C LYS B 179 -61.61 14.72 25.47
N LYS B 180 -61.98 15.77 26.19
CA LYS B 180 -61.04 16.44 27.08
C LYS B 180 -61.17 15.93 28.51
N ASN B 181 -60.05 15.67 29.17
CA ASN B 181 -60.09 15.28 30.59
C ASN B 181 -59.15 16.10 31.47
N SER B 182 -59.45 16.11 32.76
CA SER B 182 -58.61 16.75 33.75
C SER B 182 -58.37 15.76 34.88
N VAL B 183 -57.14 15.32 35.03
CA VAL B 183 -56.85 14.20 35.95
C VAL B 183 -55.86 14.57 37.02
N THR B 184 -56.11 14.11 38.24
CA THR B 184 -55.16 14.23 39.33
C THR B 184 -54.36 12.94 39.45
N TYR B 185 -53.05 13.07 39.62
CA TYR B 185 -52.17 11.91 39.76
C TYR B 185 -51.62 11.88 41.19
N SER B 186 -51.36 10.68 41.71
CA SER B 186 -51.02 10.52 43.12
C SER B 186 -49.72 11.21 43.52
N CYS B 187 -48.86 11.46 42.53
CA CYS B 187 -47.61 12.17 42.75
C CYS B 187 -47.80 13.65 43.13
N CYS B 188 -48.91 14.23 42.73
CA CYS B 188 -48.99 15.68 42.71
C CYS B 188 -50.39 16.17 43.03
N PRO B 189 -50.49 17.37 43.62
CA PRO B 189 -51.76 17.92 44.07
C PRO B 189 -52.57 18.55 42.94
N GLU B 190 -51.91 18.85 41.82
CA GLU B 190 -52.58 19.55 40.74
C GLU B 190 -53.23 18.60 39.75
N ALA B 191 -54.17 19.14 38.97
CA ALA B 191 -54.78 18.46 37.84
C ALA B 191 -54.03 18.71 36.54
N TYR B 192 -53.86 17.65 35.74
CA TYR B 192 -53.21 17.74 34.44
C TYR B 192 -54.23 17.40 33.35
N GLU B 193 -54.26 18.22 32.30
CA GLU B 193 -55.24 18.03 31.26
C GLU B 193 -54.74 17.10 30.18
N ASP B 194 -55.66 16.41 29.53
CA ASP B 194 -55.33 15.59 28.37
C ASP B 194 -56.46 15.60 27.37
N VAL B 195 -56.14 15.20 26.16
CA VAL B 195 -57.15 14.91 25.15
C VAL B 195 -57.11 13.42 24.88
N GLU B 196 -58.28 12.77 24.93
CA GLU B 196 -58.40 11.36 24.55
C GLU B 196 -58.98 11.26 23.16
N VAL B 197 -58.22 10.68 22.23
CA VAL B 197 -58.67 10.52 20.86
C VAL B 197 -59.08 9.07 20.65
N SER B 198 -60.36 8.86 20.37
CA SER B 198 -60.90 7.53 20.16
C SER B 198 -60.95 7.20 18.67
N LEU B 199 -60.12 6.25 18.28
CA LEU B 199 -60.03 5.84 16.90
C LEU B 199 -60.84 4.58 16.70
N ASN B 200 -61.97 4.72 16.01
CA ASN B 200 -62.82 3.58 15.68
C ASN B 200 -62.51 3.06 14.27
N PHE B 201 -61.95 1.88 14.19
CA PHE B 201 -61.46 1.37 12.91
C PHE B 201 -61.68 -0.14 12.80
N ARG B 202 -61.65 -0.64 11.58
CA ARG B 202 -61.79 -2.07 11.37
C ARG B 202 -60.92 -2.54 10.21
N LYS B 203 -60.69 -3.84 10.14
CA LYS B 203 -60.01 -4.43 9.00
C LYS B 203 -60.94 -4.40 7.80
N LYS B 204 -60.43 -4.02 6.64
CA LYS B 204 -61.25 -4.03 5.40
C LYS B 204 -61.67 -5.45 5.04
N GLY B 205 -62.84 -5.57 4.43
CA GLY B 205 -63.30 -6.86 3.94
C GLY B 205 -64.40 -7.51 4.78
N ARG B 206 -65.15 -6.71 5.54
CA ARG B 206 -66.19 -7.23 6.43
C ARG B 206 -65.59 -7.98 7.62
N LEU C 1 -10.84 22.07 48.82
CA LEU C 1 -11.59 21.81 47.59
C LEU C 1 -12.85 21.03 47.89
N ASP C 2 -13.95 21.38 47.23
CA ASP C 2 -15.15 20.56 47.31
C ASP C 2 -15.44 19.93 45.94
N ARG C 3 -16.46 19.09 45.86
CA ARG C 3 -16.76 18.41 44.61
C ARG C 3 -16.95 19.36 43.44
N ALA C 4 -17.67 20.45 43.66
CA ALA C 4 -17.89 21.44 42.60
C ALA C 4 -16.58 21.95 42.03
N ASP C 5 -15.63 22.29 42.91
CA ASP C 5 -14.33 22.78 42.47
C ASP C 5 -13.59 21.73 41.63
N ILE C 6 -13.49 20.52 42.15
CA ILE C 6 -12.78 19.43 41.48
C ILE C 6 -13.34 19.19 40.08
N LEU C 7 -14.67 19.11 39.98
CA LEU C 7 -15.34 18.83 38.72
C LEU C 7 -15.17 19.99 37.76
N TYR C 8 -15.19 21.20 38.31
CA TYR C 8 -14.95 22.39 37.51
C TYR C 8 -13.55 22.31 36.90
N ASN C 9 -12.58 22.03 37.76
CA ASN C 9 -11.18 21.95 37.35
C ASN C 9 -10.96 20.90 36.26
N ILE C 10 -11.62 19.75 36.43
CA ILE C 10 -11.49 18.66 35.48
C ILE C 10 -12.14 19.03 34.17
N ARG C 11 -13.34 19.56 34.22
CA ARG C 11 -14.03 19.96 33.01
C ARG C 11 -13.20 21.00 32.23
N GLN C 12 -12.62 21.96 32.95
CA GLN C 12 -11.88 23.04 32.33
C GLN C 12 -10.54 22.64 31.72
N THR C 13 -9.91 21.62 32.27
CA THR C 13 -8.57 21.29 31.84
C THR C 13 -8.56 19.87 31.31
N SER C 14 -9.75 19.31 31.18
CA SER C 14 -9.91 18.02 30.56
C SER C 14 -9.37 18.10 29.14
N ARG C 15 -8.48 17.19 28.80
CA ARG C 15 -8.14 17.03 27.41
C ARG C 15 -8.48 15.60 26.98
N PRO C 16 -9.76 15.37 26.64
CA PRO C 16 -10.35 14.05 26.36
C PRO C 16 -9.73 13.40 25.14
N ASP C 17 -9.12 14.19 24.27
CA ASP C 17 -8.50 13.66 23.06
C ASP C 17 -7.01 13.38 23.24
N VAL C 18 -6.49 13.65 24.43
CA VAL C 18 -5.08 13.49 24.69
C VAL C 18 -4.81 12.30 25.62
N ILE C 19 -4.15 11.27 25.07
CA ILE C 19 -3.74 10.11 25.85
C ILE C 19 -2.72 10.52 26.93
N PRO C 20 -3.00 10.18 28.20
CA PRO C 20 -2.18 10.64 29.33
C PRO C 20 -0.91 9.82 29.49
N THR C 21 -0.14 9.77 28.41
CA THR C 21 1.13 9.08 28.35
C THR C 21 2.18 9.80 29.20
N GLN C 22 2.84 9.05 30.07
CA GLN C 22 3.82 9.60 30.98
C GLN C 22 5.24 9.17 30.64
N ARG C 23 6.07 10.12 30.22
CA ARG C 23 7.44 9.83 29.87
C ARG C 23 7.53 8.67 28.88
N ASP C 24 6.77 8.80 27.79
CA ASP C 24 6.66 7.79 26.73
C ASP C 24 6.60 6.32 27.24
N ARG C 25 6.06 6.16 28.44
CA ARG C 25 5.51 4.90 28.91
C ARG C 25 4.11 4.73 28.34
N PRO C 26 3.79 3.54 27.83
CA PRO C 26 2.40 3.34 27.43
C PRO C 26 1.48 3.56 28.61
N VAL C 27 0.26 3.98 28.35
CA VAL C 27 -0.78 4.00 29.36
C VAL C 27 -1.17 2.56 29.61
N ALA C 28 -1.03 2.12 30.86
CA ALA C 28 -1.43 0.78 31.24
C ALA C 28 -2.94 0.73 31.48
N VAL C 29 -3.63 -0.02 30.63
CA VAL C 29 -5.08 -0.19 30.74
C VAL C 29 -5.46 -1.60 31.16
N SER C 30 -6.18 -1.72 32.27
CA SER C 30 -6.67 -3.02 32.72
C SER C 30 -8.09 -3.20 32.22
N VAL C 31 -8.37 -4.37 31.66
CA VAL C 31 -9.70 -4.68 31.14
C VAL C 31 -10.17 -6.00 31.67
N SER C 32 -11.45 -6.06 32.01
CA SER C 32 -12.02 -7.25 32.62
C SER C 32 -13.53 -7.27 32.32
N LEU C 33 -14.04 -8.40 31.87
CA LEU C 33 -15.47 -8.55 31.63
C LEU C 33 -16.16 -9.29 32.76
N LYS C 34 -17.13 -8.65 33.38
CA LYS C 34 -17.97 -9.34 34.34
C LYS C 34 -19.28 -9.68 33.63
N PHE C 35 -19.47 -10.96 33.34
CA PHE C 35 -20.67 -11.38 32.62
C PHE C 35 -21.92 -11.34 33.49
N ILE C 36 -22.98 -10.76 32.93
CA ILE C 36 -24.24 -10.56 33.64
C ILE C 36 -25.30 -11.47 33.05
N ASN C 37 -25.26 -11.64 31.73
CA ASN C 37 -26.22 -12.50 31.08
C ASN C 37 -25.78 -12.95 29.70
N ILE C 38 -26.32 -14.10 29.29
CA ILE C 38 -26.18 -14.61 27.94
C ILE C 38 -27.60 -14.74 27.41
N LEU C 39 -27.94 -13.90 26.45
CA LEU C 39 -29.33 -13.74 26.05
C LEU C 39 -29.75 -14.66 24.92
N GLU C 40 -28.92 -14.73 23.89
CA GLU C 40 -29.22 -15.55 22.74
C GLU C 40 -27.96 -16.22 22.24
N VAL C 41 -28.12 -17.45 21.80
CA VAL C 41 -27.03 -18.22 21.28
C VAL C 41 -27.50 -18.92 20.01
N ASN C 42 -26.64 -18.96 19.00
CA ASN C 42 -26.97 -19.64 17.77
C ASN C 42 -25.79 -20.51 17.36
N GLU C 43 -25.91 -21.82 17.57
CA GLU C 43 -24.85 -22.75 17.24
C GLU C 43 -24.68 -22.91 15.72
N ILE C 44 -25.70 -22.55 14.93
CA ILE C 44 -25.59 -22.58 13.46
C ILE C 44 -24.69 -21.45 12.97
N THR C 45 -25.01 -20.23 13.38
CA THR C 45 -24.32 -19.04 12.89
C THR C 45 -23.10 -18.70 13.73
N ASN C 46 -22.94 -19.38 14.87
CA ASN C 46 -21.86 -19.06 15.81
C ASN C 46 -21.89 -17.62 16.25
N GLU C 47 -23.04 -17.19 16.76
CA GLU C 47 -23.20 -15.82 17.23
C GLU C 47 -23.79 -15.88 18.63
N VAL C 48 -23.32 -15.00 19.50
CA VAL C 48 -23.87 -14.90 20.84
C VAL C 48 -24.25 -13.47 21.17
N ASP C 49 -25.30 -13.30 21.96
CA ASP C 49 -25.73 -12.00 22.43
C ASP C 49 -25.48 -11.97 23.95
N VAL C 50 -24.63 -11.05 24.40
CA VAL C 50 -24.15 -11.07 25.78
C VAL C 50 -24.25 -9.71 26.49
N VAL C 51 -24.51 -9.76 27.79
CA VAL C 51 -24.44 -8.57 28.64
C VAL C 51 -23.32 -8.73 29.65
N PHE C 52 -22.46 -7.73 29.76
CA PHE C 52 -21.32 -7.78 30.67
C PHE C 52 -20.95 -6.39 31.13
N TRP C 53 -20.36 -6.29 32.32
CA TRP C 53 -19.71 -5.05 32.76
C TRP C 53 -18.28 -5.07 32.21
N GLN C 54 -17.89 -4.00 31.53
CA GLN C 54 -16.55 -3.90 30.97
C GLN C 54 -15.66 -3.10 31.91
N GLN C 55 -15.18 -3.75 32.94
CA GLN C 55 -14.39 -3.06 33.96
C GLN C 55 -13.09 -2.60 33.35
N THR C 56 -12.90 -1.27 33.33
CA THR C 56 -11.77 -0.67 32.65
C THR C 56 -11.03 0.28 33.58
N THR C 57 -9.73 0.11 33.68
CA THR C 57 -8.94 0.80 34.68
C THR C 57 -7.64 1.36 34.11
N TRP C 58 -7.35 2.61 34.45
CA TRP C 58 -6.10 3.24 34.05
C TRP C 58 -5.84 4.48 34.88
N SER C 59 -4.62 5.00 34.77
CA SER C 59 -4.23 6.18 35.53
C SER C 59 -4.08 7.39 34.60
N ASP C 60 -4.63 8.53 35.02
CA ASP C 60 -4.42 9.79 34.33
C ASP C 60 -4.05 10.86 35.34
N ARG C 61 -2.75 11.13 35.48
CA ARG C 61 -2.24 12.07 36.46
C ARG C 61 -2.71 13.51 36.27
N THR C 62 -3.13 13.87 35.06
CA THR C 62 -3.62 15.22 34.81
C THR C 62 -4.93 15.48 35.53
N LEU C 63 -5.56 14.42 36.03
CA LEU C 63 -6.84 14.55 36.74
C LEU C 63 -6.63 14.72 38.25
N ALA C 64 -5.41 14.42 38.72
CA ALA C 64 -5.13 14.35 40.15
C ALA C 64 -5.33 15.68 40.86
N TRP C 65 -5.67 15.60 42.15
CA TRP C 65 -5.81 16.79 42.98
C TRP C 65 -5.41 16.49 44.41
N ASN C 66 -5.11 17.55 45.16
CA ASN C 66 -4.75 17.43 46.56
C ASN C 66 -6.00 17.18 47.38
N SER C 67 -6.12 15.99 47.95
CA SER C 67 -7.35 15.60 48.67
C SER C 67 -7.20 15.67 50.18
N SER C 68 -6.26 16.49 50.65
CA SER C 68 -6.00 16.64 52.09
C SER C 68 -7.30 16.79 52.85
N HIS C 69 -7.96 17.92 52.64
CA HIS C 69 -9.27 18.11 53.26
C HIS C 69 -10.33 18.28 52.19
N SER C 70 -10.32 17.35 51.24
CA SER C 70 -11.20 17.37 50.10
C SER C 70 -11.75 15.96 49.82
N PRO C 71 -12.79 15.86 48.99
CA PRO C 71 -13.29 14.56 48.55
C PRO C 71 -12.17 13.73 47.93
N ASP C 72 -12.24 12.42 48.13
CA ASP C 72 -11.23 11.50 47.65
C ASP C 72 -11.54 11.00 46.23
N GLN C 73 -12.80 11.10 45.85
CA GLN C 73 -13.26 10.62 44.56
C GLN C 73 -14.43 11.42 44.04
N VAL C 74 -14.60 11.42 42.71
CA VAL C 74 -15.78 12.01 42.09
C VAL C 74 -16.21 11.17 40.90
N SER C 75 -17.47 11.32 40.49
CA SER C 75 -17.93 10.71 39.27
C SER C 75 -17.91 11.76 38.17
N VAL C 76 -17.42 11.37 37.00
CA VAL C 76 -17.19 12.31 35.92
C VAL C 76 -17.74 11.77 34.61
N PRO C 77 -18.45 12.61 33.85
CA PRO C 77 -18.87 12.19 32.50
C PRO C 77 -17.64 11.86 31.66
N ILE C 78 -17.65 10.71 30.99
CA ILE C 78 -16.50 10.30 30.17
C ILE C 78 -16.25 11.26 29.03
N SER C 79 -17.24 12.10 28.72
CA SER C 79 -17.08 13.11 27.68
C SER C 79 -16.05 14.17 28.14
N SER C 80 -15.82 14.24 29.44
CA SER C 80 -14.82 15.15 29.99
C SER C 80 -13.45 14.49 30.25
N LEU C 81 -13.30 13.23 29.88
CA LEU C 81 -12.08 12.51 30.19
C LEU C 81 -11.53 11.85 28.95
N TRP C 82 -10.22 11.61 28.92
CA TRP C 82 -9.67 10.73 27.93
C TRP C 82 -10.03 9.32 28.32
N VAL C 83 -10.46 8.54 27.33
CA VAL C 83 -10.81 7.14 27.56
C VAL C 83 -10.07 6.28 26.54
N PRO C 84 -9.62 5.09 26.96
CA PRO C 84 -9.00 4.17 26.02
C PRO C 84 -9.93 3.83 24.86
N ASP C 85 -9.41 3.80 23.64
CA ASP C 85 -10.23 3.44 22.48
C ASP C 85 -10.34 1.93 22.30
N LEU C 86 -10.86 1.24 23.31
CA LEU C 86 -11.02 -0.21 23.26
C LEU C 86 -12.13 -0.64 22.29
N ALA C 87 -11.91 -1.77 21.64
CA ALA C 87 -12.94 -2.34 20.79
C ALA C 87 -12.83 -3.86 20.82
N ALA C 88 -13.97 -4.51 20.70
CA ALA C 88 -13.97 -5.97 20.64
C ALA C 88 -13.84 -6.34 19.16
N TYR C 89 -12.74 -7.01 18.82
CA TYR C 89 -12.44 -7.36 17.43
C TYR C 89 -13.48 -8.27 16.77
N ASN C 90 -14.11 -9.14 17.53
CA ASN C 90 -15.09 -10.05 16.97
C ASN C 90 -16.56 -9.68 17.28
N ALA C 91 -16.76 -8.44 17.73
CA ALA C 91 -18.10 -7.92 17.93
C ALA C 91 -18.75 -7.71 16.56
N ILE C 92 -20.04 -8.05 16.45
CA ILE C 92 -20.74 -7.88 15.20
C ILE C 92 -21.87 -6.88 15.32
N SER C 93 -21.94 -6.21 16.46
CA SER C 93 -22.86 -5.11 16.66
C SER C 93 -22.14 -4.01 17.45
N LYS C 94 -22.62 -2.78 17.34
CA LYS C 94 -22.15 -1.67 18.16
C LYS C 94 -22.39 -2.02 19.63
N PRO C 95 -21.45 -1.62 20.50
CA PRO C 95 -21.69 -1.77 21.93
C PRO C 95 -22.95 -1.00 22.31
N GLU C 96 -23.93 -1.66 22.89
CA GLU C 96 -25.08 -0.96 23.46
C GLU C 96 -24.78 -0.68 24.94
N VAL C 97 -24.49 0.58 25.27
CA VAL C 97 -24.14 0.96 26.64
C VAL C 97 -25.41 1.17 27.47
N LEU C 98 -25.60 0.32 28.47
CA LEU C 98 -26.87 0.27 29.18
C LEU C 98 -26.93 1.27 30.33
N THR C 99 -25.78 1.74 30.77
CA THR C 99 -25.68 2.47 32.02
C THR C 99 -25.20 3.90 31.81
N PRO C 100 -25.40 4.77 32.82
CA PRO C 100 -24.94 6.16 32.73
C PRO C 100 -23.44 6.22 32.45
N GLN C 101 -23.05 7.05 31.50
CA GLN C 101 -21.66 7.08 31.05
C GLN C 101 -20.75 7.95 31.92
N LEU C 102 -20.59 7.54 33.16
CA LEU C 102 -19.73 8.23 34.12
C LEU C 102 -18.60 7.32 34.54
N ALA C 103 -17.41 7.90 34.73
CA ALA C 103 -16.29 7.18 35.30
C ALA C 103 -16.03 7.64 36.74
N ARG C 104 -15.44 6.78 37.55
CA ARG C 104 -15.06 7.16 38.89
C ARG C 104 -13.58 7.55 38.88
N VAL C 105 -13.29 8.75 39.38
CA VAL C 105 -11.95 9.27 39.39
C VAL C 105 -11.47 9.48 40.81
N VAL C 106 -10.36 8.84 41.16
CA VAL C 106 -9.75 8.99 42.48
C VAL C 106 -8.77 10.15 42.47
N SER C 107 -8.51 10.76 43.64
CA SER C 107 -7.71 11.98 43.69
C SER C 107 -6.28 11.83 43.17
N ASP C 108 -5.82 10.59 43.06
CA ASP C 108 -4.47 10.36 42.56
C ASP C 108 -4.44 10.14 41.04
N GLY C 109 -5.59 10.26 40.40
CA GLY C 109 -5.66 10.14 38.97
C GLY C 109 -6.10 8.78 38.45
N GLU C 110 -6.36 7.85 39.35
CA GLU C 110 -6.85 6.54 38.95
C GLU C 110 -8.30 6.64 38.50
N VAL C 111 -8.60 6.02 37.36
CA VAL C 111 -9.92 6.06 36.80
C VAL C 111 -10.51 4.65 36.71
N LEU C 112 -11.76 4.52 37.09
CA LEU C 112 -12.51 3.29 36.90
C LEU C 112 -13.74 3.57 36.06
N TYR C 113 -13.77 3.02 34.85
CA TYR C 113 -14.97 3.12 34.01
C TYR C 113 -15.49 1.71 33.82
N MET C 114 -16.74 1.48 34.20
CA MET C 114 -17.30 0.13 34.19
C MET C 114 -18.74 0.14 33.76
N PRO C 115 -18.99 0.38 32.48
CA PRO C 115 -20.36 0.37 31.94
C PRO C 115 -20.88 -1.05 31.79
N SER C 116 -22.19 -1.22 31.87
CA SER C 116 -22.80 -2.47 31.46
C SER C 116 -23.10 -2.39 29.97
N ILE C 117 -22.70 -3.42 29.24
CA ILE C 117 -22.78 -3.38 27.80
C ILE C 117 -23.47 -4.64 27.28
N ARG C 118 -24.41 -4.43 26.35
CA ARG C 118 -24.96 -5.53 25.57
C ARG C 118 -24.38 -5.51 24.15
N GLN C 119 -23.92 -6.66 23.68
CA GLN C 119 -23.23 -6.69 22.40
C GLN C 119 -23.26 -8.10 21.83
N ARG C 120 -23.26 -8.19 20.52
CA ARG C 120 -23.24 -9.49 19.86
C ARG C 120 -21.86 -9.80 19.30
N PHE C 121 -21.48 -11.06 19.35
CA PHE C 121 -20.16 -11.47 18.94
C PHE C 121 -20.23 -12.69 18.05
N SER C 122 -19.23 -12.78 17.19
CA SER C 122 -18.98 -13.96 16.40
C SER C 122 -17.91 -14.78 17.14
N CYS C 123 -18.27 -15.98 17.53
CA CYS C 123 -17.34 -16.86 18.22
C CYS C 123 -17.82 -18.31 18.18
N ASP C 124 -17.02 -19.20 18.74
CA ASP C 124 -17.30 -20.62 18.70
C ASP C 124 -18.39 -21.04 19.66
N VAL C 125 -19.55 -21.37 19.12
CA VAL C 125 -20.70 -21.75 19.94
C VAL C 125 -20.87 -23.27 20.01
N SER C 126 -20.13 -23.99 19.17
CA SER C 126 -20.20 -25.44 19.16
C SER C 126 -20.03 -26.02 20.55
N GLY C 127 -20.89 -26.98 20.90
CA GLY C 127 -20.77 -27.68 22.17
C GLY C 127 -21.54 -27.03 23.28
N VAL C 128 -22.21 -25.93 22.96
CA VAL C 128 -22.97 -25.19 23.96
C VAL C 128 -24.00 -26.05 24.69
N ASP C 129 -24.49 -27.09 24.03
CA ASP C 129 -25.54 -27.91 24.61
C ASP C 129 -24.99 -29.24 25.13
N THR C 130 -23.68 -29.27 25.37
CA THR C 130 -23.05 -30.43 25.98
C THR C 130 -22.60 -30.06 27.39
N GLU C 131 -22.11 -31.03 28.13
CA GLU C 131 -21.80 -30.80 29.53
C GLU C 131 -20.44 -30.11 29.63
N SER C 132 -19.63 -30.29 28.59
CA SER C 132 -18.34 -29.64 28.42
C SER C 132 -18.53 -28.15 28.08
N GLY C 133 -19.69 -27.85 27.51
CA GLY C 133 -20.03 -26.49 27.13
C GLY C 133 -19.28 -25.93 25.94
N ALA C 134 -19.62 -24.70 25.57
CA ALA C 134 -18.93 -24.02 24.49
C ALA C 134 -17.89 -23.05 25.10
N THR C 135 -16.89 -22.69 24.32
CA THR C 135 -15.96 -21.67 24.75
C THR C 135 -15.94 -20.54 23.73
N CYS C 136 -16.56 -19.43 24.12
CA CYS C 136 -16.62 -18.25 23.27
C CYS C 136 -15.50 -17.30 23.66
N ARG C 137 -14.61 -17.05 22.70
CA ARG C 137 -13.42 -16.22 22.91
C ARG C 137 -13.68 -14.79 22.44
N ILE C 138 -13.50 -13.82 23.35
CA ILE C 138 -13.72 -12.40 23.01
C ILE C 138 -12.42 -11.59 23.07
N LYS C 139 -12.11 -10.93 21.96
CA LYS C 139 -10.84 -10.23 21.83
C LYS C 139 -11.01 -8.71 21.90
N ILE C 140 -10.43 -8.09 22.93
CA ILE C 140 -10.54 -6.66 23.13
C ILE C 140 -9.17 -5.98 23.24
N GLY C 141 -9.02 -4.87 22.51
CA GLY C 141 -7.83 -4.04 22.62
C GLY C 141 -7.99 -2.65 22.03
N SER C 142 -6.98 -1.81 22.20
CA SER C 142 -6.99 -0.48 21.60
C SER C 142 -7.07 -0.60 20.08
N TRP C 143 -7.96 0.17 19.48
CA TRP C 143 -8.12 0.10 18.05
C TRP C 143 -6.96 0.78 17.33
N THR C 144 -6.46 1.88 17.89
CA THR C 144 -5.52 2.72 17.16
C THR C 144 -4.21 3.00 17.90
N HIS C 145 -4.10 2.55 19.14
CA HIS C 145 -2.88 2.79 19.90
C HIS C 145 -2.04 1.52 20.04
N HIS C 146 -0.81 1.53 19.53
CA HIS C 146 0.05 0.36 19.62
C HIS C 146 0.65 0.22 21.02
N SER C 147 1.51 -0.78 21.19
CA SER C 147 1.96 -1.19 22.52
C SER C 147 2.84 -0.19 23.25
N ARG C 148 3.42 0.77 22.52
CA ARG C 148 4.23 1.79 23.18
C ARG C 148 3.34 2.92 23.71
N GLU C 149 2.06 2.89 23.34
CA GLU C 149 1.09 3.91 23.75
C GLU C 149 0.04 3.35 24.71
N ILE C 150 -0.50 2.18 24.38
CA ILE C 150 -1.39 1.50 25.30
C ILE C 150 -0.96 0.05 25.48
N SER C 151 -0.82 -0.38 26.74
CA SER C 151 -0.72 -1.79 27.04
C SER C 151 -2.01 -2.22 27.71
N VAL C 152 -2.49 -3.42 27.38
CA VAL C 152 -3.71 -3.94 27.99
C VAL C 152 -3.36 -5.05 28.91
N ASP C 153 -3.71 -4.82 30.16
CA ASP C 153 -3.37 -5.67 31.29
C ASP C 153 -4.61 -6.47 31.66
N PRO C 154 -4.49 -7.79 31.56
CA PRO C 154 -5.63 -8.71 31.62
C PRO C 154 -5.88 -9.24 33.02
N THR C 155 -5.16 -8.73 34.01
CA THR C 155 -5.20 -9.34 35.32
C THR C 155 -6.39 -8.87 36.14
N THR C 156 -7.04 -9.83 36.77
CA THR C 156 -8.17 -9.57 37.63
C THR C 156 -7.82 -9.90 39.06
N GLU C 157 -8.27 -9.05 39.97
CA GLU C 157 -8.16 -9.34 41.39
C GLU C 157 -9.35 -10.18 41.83
N ASN C 158 -10.05 -9.70 42.85
CA ASN C 158 -10.97 -10.56 43.58
C ASN C 158 -12.35 -10.79 42.95
N SER C 159 -12.41 -11.51 41.83
CA SER C 159 -13.71 -11.77 41.18
C SER C 159 -14.01 -13.23 40.82
N ASP C 160 -15.09 -13.74 41.38
CA ASP C 160 -15.65 -15.03 40.97
C ASP C 160 -16.36 -14.89 39.61
N ASP C 161 -16.29 -15.94 38.79
CA ASP C 161 -16.86 -15.88 37.44
C ASP C 161 -18.33 -15.50 37.39
N SER C 162 -19.17 -16.25 38.09
CA SER C 162 -20.61 -16.04 38.05
C SER C 162 -21.09 -15.02 39.08
N GLU C 163 -20.16 -14.28 39.65
CA GLU C 163 -20.49 -13.47 40.82
C GLU C 163 -21.68 -12.55 40.56
N TYR C 164 -21.75 -12.01 39.36
CA TYR C 164 -22.83 -11.12 39.00
C TYR C 164 -23.71 -11.75 37.92
N PHE C 165 -23.39 -13.00 37.56
CA PHE C 165 -24.14 -13.67 36.51
C PHE C 165 -25.57 -14.02 36.95
N SER C 166 -26.53 -13.70 36.09
CA SER C 166 -27.94 -13.91 36.38
C SER C 166 -28.32 -15.38 36.56
N GLN C 167 -28.93 -15.69 37.70
CA GLN C 167 -29.45 -17.03 37.97
C GLN C 167 -30.65 -17.37 37.08
N TYR C 168 -31.12 -16.40 36.31
CA TYR C 168 -32.33 -16.60 35.50
C TYR C 168 -32.01 -16.81 34.02
N SER C 169 -30.73 -16.77 33.69
CA SER C 169 -30.31 -17.08 32.34
C SER C 169 -30.61 -18.55 32.03
N ARG C 170 -30.89 -18.82 30.75
CA ARG C 170 -30.93 -20.18 30.21
C ARG C 170 -29.54 -20.80 30.24
N PHE C 171 -28.52 -20.00 30.56
CA PHE C 171 -27.15 -20.47 30.47
C PHE C 171 -26.48 -20.33 31.82
N GLU C 172 -25.41 -21.08 32.02
CA GLU C 172 -24.58 -20.93 33.20
C GLU C 172 -23.11 -20.86 32.79
N ILE C 173 -22.32 -20.13 33.56
CA ILE C 173 -20.91 -20.00 33.27
C ILE C 173 -20.13 -21.10 33.97
N LEU C 174 -19.30 -21.80 33.23
CA LEU C 174 -18.45 -22.83 33.78
C LEU C 174 -17.11 -22.26 34.21
N ASP C 175 -16.59 -21.34 33.42
CA ASP C 175 -15.27 -20.77 33.67
C ASP C 175 -15.00 -19.55 32.79
N VAL C 176 -14.27 -18.59 33.34
CA VAL C 176 -13.82 -17.43 32.59
C VAL C 176 -12.33 -17.26 32.77
N THR C 177 -11.59 -17.22 31.68
CA THR C 177 -10.15 -17.01 31.74
C THR C 177 -9.76 -15.89 30.79
N GLN C 178 -8.63 -15.27 31.07
CA GLN C 178 -8.18 -14.14 30.29
C GLN C 178 -6.73 -14.33 29.87
N LYS C 179 -6.42 -13.90 28.65
CA LYS C 179 -5.08 -14.07 28.11
C LYS C 179 -4.70 -12.77 27.41
N LYS C 180 -3.45 -12.35 27.58
CA LYS C 180 -2.97 -11.16 26.92
C LYS C 180 -2.23 -11.53 25.64
N ASN C 181 -2.45 -10.78 24.57
CA ASN C 181 -1.71 -10.97 23.32
C ASN C 181 -1.13 -9.67 22.76
N SER C 182 -0.13 -9.83 21.91
CA SER C 182 0.49 -8.71 21.24
C SER C 182 0.55 -9.08 19.77
N VAL C 183 -0.15 -8.33 18.93
CA VAL C 183 -0.31 -8.75 17.55
C VAL C 183 0.14 -7.68 16.56
N THR C 184 0.83 -8.12 15.52
CA THR C 184 1.18 -7.24 14.41
C THR C 184 0.17 -7.39 13.27
N TYR C 185 -0.32 -6.27 12.76
CA TYR C 185 -1.28 -6.29 11.67
C TYR C 185 -0.62 -5.83 10.38
N SER C 186 -1.07 -6.37 9.25
CA SER C 186 -0.41 -6.08 7.97
C SER C 186 -0.41 -4.60 7.61
N CYS C 187 -1.34 -3.84 8.16
CA CYS C 187 -1.41 -2.41 7.87
C CYS C 187 -0.23 -1.61 8.44
N CYS C 188 0.39 -2.13 9.49
CA CYS C 188 1.22 -1.30 10.34
C CYS C 188 2.39 -2.08 10.91
N PRO C 189 3.51 -1.39 11.14
CA PRO C 189 4.74 -2.02 11.63
C PRO C 189 4.71 -2.34 13.12
N GLU C 190 3.80 -1.69 13.86
CA GLU C 190 3.79 -1.82 15.31
C GLU C 190 2.92 -2.97 15.81
N ALA C 191 3.22 -3.45 17.01
CA ALA C 191 2.38 -4.45 17.68
C ALA C 191 1.30 -3.78 18.49
N TYR C 192 0.09 -4.36 18.44
CA TYR C 192 -1.04 -3.87 19.22
C TYR C 192 -1.45 -4.95 20.20
N GLU C 193 -1.67 -4.57 21.45
CA GLU C 193 -2.01 -5.53 22.47
C GLU C 193 -3.51 -5.75 22.58
N ASP C 194 -3.89 -6.93 23.04
CA ASP C 194 -5.28 -7.25 23.28
C ASP C 194 -5.38 -8.21 24.45
N VAL C 195 -6.56 -8.26 25.04
CA VAL C 195 -6.89 -9.30 25.99
C VAL C 195 -7.93 -10.19 25.34
N GLU C 196 -7.72 -11.50 25.40
CA GLU C 196 -8.72 -12.46 24.96
C GLU C 196 -9.40 -13.06 26.18
N VAL C 197 -10.71 -12.86 26.25
CA VAL C 197 -11.49 -13.42 27.32
C VAL C 197 -12.22 -14.66 26.83
N SER C 198 -11.91 -15.80 27.44
CA SER C 198 -12.54 -17.06 27.07
C SER C 198 -13.68 -17.40 28.02
N LEU C 199 -14.89 -17.33 27.48
CA LEU C 199 -16.10 -17.60 28.23
C LEU C 199 -16.56 -19.03 27.98
N ASN C 200 -16.42 -19.87 28.98
CA ASN C 200 -16.83 -21.25 28.89
C ASN C 200 -18.20 -21.38 29.53
N PHE C 201 -19.22 -21.67 28.72
CA PHE C 201 -20.57 -21.68 29.22
C PHE C 201 -21.38 -22.78 28.55
N ARG C 202 -22.51 -23.14 29.15
CA ARG C 202 -23.38 -24.17 28.59
C ARG C 202 -24.83 -23.84 28.86
N LYS C 203 -25.72 -24.47 28.10
CA LYS C 203 -27.16 -24.37 28.37
C LYS C 203 -27.49 -25.16 29.64
N LYS C 204 -28.31 -24.59 30.53
CA LYS C 204 -28.73 -25.30 31.74
C LYS C 204 -29.52 -26.55 31.39
N LEU D 1 7.61 19.49 21.05
CA LEU D 1 6.17 19.31 21.09
C LEU D 1 5.80 18.01 21.78
N ASP D 2 4.74 18.03 22.57
CA ASP D 2 4.22 16.79 23.13
C ASP D 2 2.85 16.51 22.51
N ARG D 3 2.26 15.36 22.84
CA ARG D 3 0.96 14.99 22.27
C ARG D 3 -0.11 16.06 22.48
N ALA D 4 -0.18 16.61 23.68
CA ALA D 4 -1.16 17.65 23.99
C ALA D 4 -1.01 18.83 23.03
N ASP D 5 0.22 19.26 22.79
CA ASP D 5 0.44 20.37 21.86
C ASP D 5 -0.03 20.05 20.45
N ILE D 6 0.37 18.88 19.96
CA ILE D 6 0.05 18.45 18.61
C ILE D 6 -1.45 18.41 18.39
N LEU D 7 -2.14 17.79 19.33
CA LEU D 7 -3.58 17.62 19.25
C LEU D 7 -4.30 18.96 19.36
N TYR D 8 -3.78 19.81 20.22
CA TYR D 8 -4.30 21.17 20.33
C TYR D 8 -4.19 21.87 18.97
N ASN D 9 -2.99 21.83 18.39
CA ASN D 9 -2.74 22.52 17.15
C ASN D 9 -3.63 22.02 16.04
N ILE D 10 -3.84 20.71 16.01
CA ILE D 10 -4.68 20.09 15.01
C ILE D 10 -6.13 20.52 15.21
N ARG D 11 -6.60 20.44 16.45
CA ARG D 11 -7.99 20.78 16.73
C ARG D 11 -8.25 22.22 16.34
N GLN D 12 -7.29 23.09 16.65
CA GLN D 12 -7.45 24.52 16.39
C GLN D 12 -7.40 24.91 14.90
N THR D 13 -6.81 24.09 14.04
CA THR D 13 -6.58 24.54 12.68
C THR D 13 -6.83 23.52 11.56
N SER D 14 -7.37 22.35 11.91
CA SER D 14 -7.56 21.23 10.98
C SER D 14 -8.40 21.52 9.74
N ARG D 15 -9.55 22.14 9.95
CA ARG D 15 -10.47 22.49 8.88
C ARG D 15 -11.04 21.27 8.18
N PRO D 16 -11.91 20.54 8.90
CA PRO D 16 -12.53 19.26 8.56
C PRO D 16 -13.39 19.33 7.31
N ASP D 17 -13.85 20.54 6.96
CA ASP D 17 -14.71 20.71 5.80
C ASP D 17 -13.90 21.06 4.56
N VAL D 18 -12.59 21.17 4.72
CA VAL D 18 -11.75 21.63 3.61
C VAL D 18 -10.90 20.49 3.05
N ILE D 19 -11.20 20.09 1.82
CA ILE D 19 -10.42 19.05 1.16
C ILE D 19 -8.99 19.57 0.95
N PRO D 20 -7.99 18.79 1.39
CA PRO D 20 -6.59 19.21 1.37
C PRO D 20 -5.91 19.04 0.00
N THR D 21 -6.39 19.77 -1.00
CA THR D 21 -5.78 19.71 -2.31
C THR D 21 -4.50 20.55 -2.28
N GLN D 22 -3.44 20.00 -2.85
CA GLN D 22 -2.21 20.76 -3.07
C GLN D 22 -2.14 21.09 -4.56
N ARG D 23 -1.61 22.27 -4.89
CA ARG D 23 -1.56 22.74 -6.29
C ARG D 23 -2.64 22.17 -7.22
N ASP D 24 -2.25 21.80 -8.44
CA ASP D 24 -3.22 21.20 -9.34
C ASP D 24 -3.15 19.69 -9.21
N ARG D 25 -3.74 19.19 -8.12
CA ARG D 25 -3.69 17.77 -7.83
C ARG D 25 -4.93 17.33 -7.05
N PRO D 26 -5.47 16.16 -7.39
CA PRO D 26 -6.48 15.52 -6.57
C PRO D 26 -5.82 14.97 -5.31
N VAL D 27 -6.59 14.88 -4.23
CA VAL D 27 -6.14 14.12 -3.07
C VAL D 27 -6.18 12.63 -3.44
N ALA D 28 -5.03 11.98 -3.36
CA ALA D 28 -4.96 10.56 -3.63
C ALA D 28 -5.42 9.76 -2.41
N VAL D 29 -6.53 9.05 -2.56
CA VAL D 29 -7.08 8.23 -1.49
C VAL D 29 -6.91 6.75 -1.83
N SER D 30 -6.31 5.99 -0.93
CA SER D 30 -6.24 4.54 -1.09
C SER D 30 -7.30 3.91 -0.23
N VAL D 31 -8.03 2.95 -0.82
CA VAL D 31 -9.08 2.25 -0.12
C VAL D 31 -8.87 0.76 -0.26
N SER D 32 -9.18 0.03 0.81
CA SER D 32 -9.01 -1.40 0.82
C SER D 32 -9.94 -2.00 1.89
N LEU D 33 -10.68 -3.04 1.53
CA LEU D 33 -11.53 -3.73 2.50
C LEU D 33 -10.85 -4.98 3.02
N LYS D 34 -10.69 -5.07 4.33
CA LYS D 34 -10.24 -6.31 4.94
C LYS D 34 -11.47 -6.97 5.54
N PHE D 35 -11.92 -8.06 4.92
CA PHE D 35 -13.14 -8.74 5.39
C PHE D 35 -12.92 -9.51 6.68
N ILE D 36 -13.82 -9.28 7.63
CA ILE D 36 -13.75 -9.90 8.94
C ILE D 36 -14.79 -10.99 9.05
N ASN D 37 -15.97 -10.76 8.45
CA ASN D 37 -17.06 -11.73 8.55
C ASN D 37 -18.14 -11.54 7.49
N ILE D 38 -18.82 -12.64 7.19
CA ILE D 38 -20.00 -12.63 6.35
C ILE D 38 -21.14 -13.21 7.19
N LEU D 39 -22.07 -12.37 7.60
CA LEU D 39 -23.03 -12.75 8.65
C LEU D 39 -24.29 -13.35 8.08
N GLU D 40 -24.84 -12.73 7.06
CA GLU D 40 -26.05 -13.23 6.46
C GLU D 40 -26.00 -13.10 4.96
N VAL D 41 -26.57 -14.08 4.29
CA VAL D 41 -26.59 -14.11 2.84
C VAL D 41 -27.97 -14.55 2.43
N ASN D 42 -28.49 -13.93 1.38
CA ASN D 42 -29.81 -14.28 0.88
C ASN D 42 -29.75 -14.37 -0.62
N GLU D 43 -29.81 -15.61 -1.10
CA GLU D 43 -29.62 -15.91 -2.52
C GLU D 43 -30.86 -15.54 -3.32
N ILE D 44 -32.01 -15.49 -2.65
CA ILE D 44 -33.25 -15.06 -3.27
C ILE D 44 -33.25 -13.55 -3.52
N THR D 45 -32.94 -12.78 -2.46
CA THR D 45 -32.94 -11.33 -2.55
C THR D 45 -31.62 -10.73 -3.06
N ASN D 46 -30.58 -11.55 -3.16
CA ASN D 46 -29.26 -11.04 -3.51
C ASN D 46 -28.77 -9.96 -2.57
N GLU D 47 -28.81 -10.26 -1.27
CA GLU D 47 -28.35 -9.32 -0.27
C GLU D 47 -27.36 -10.03 0.62
N VAL D 48 -26.34 -9.30 1.07
CA VAL D 48 -25.36 -9.86 1.98
C VAL D 48 -25.11 -8.91 3.13
N ASP D 49 -24.87 -9.47 4.30
CA ASP D 49 -24.55 -8.68 5.49
C ASP D 49 -23.08 -8.96 5.84
N VAL D 50 -22.25 -7.93 5.80
CA VAL D 50 -20.80 -8.12 5.90
C VAL D 50 -20.11 -7.23 6.94
N VAL D 51 -19.08 -7.77 7.58
CA VAL D 51 -18.21 -6.97 8.43
C VAL D 51 -16.82 -6.87 7.81
N PHE D 52 -16.27 -5.67 7.73
CA PHE D 52 -14.96 -5.46 7.12
C PHE D 52 -14.30 -4.22 7.72
N TRP D 53 -12.97 -4.21 7.72
CA TRP D 53 -12.23 -2.99 8.01
C TRP D 53 -12.09 -2.20 6.72
N GLN D 54 -12.48 -0.94 6.76
CA GLN D 54 -12.37 -0.09 5.59
C GLN D 54 -11.09 0.74 5.67
N GLN D 55 -9.99 0.13 5.25
CA GLN D 55 -8.70 0.77 5.38
C GLN D 55 -8.63 1.93 4.39
N THR D 56 -8.52 3.14 4.94
CA THR D 56 -8.57 4.34 4.14
C THR D 56 -7.36 5.22 4.41
N THR D 57 -6.71 5.65 3.35
CA THR D 57 -5.41 6.31 3.43
C THR D 57 -5.31 7.54 2.54
N TRP D 58 -4.79 8.63 3.10
CA TRP D 58 -4.56 9.84 2.33
C TRP D 58 -3.64 10.79 3.09
N SER D 59 -3.17 11.80 2.38
CA SER D 59 -2.24 12.75 2.95
C SER D 59 -2.91 14.12 3.14
N ASP D 60 -2.71 14.72 4.31
CA ASP D 60 -3.18 16.08 4.59
C ASP D 60 -2.05 16.91 5.21
N ARG D 61 -1.35 17.67 4.38
CA ARG D 61 -0.18 18.40 4.82
C ARG D 61 -0.47 19.43 5.90
N THR D 62 -1.73 19.88 6.01
CA THR D 62 -2.08 20.88 7.00
C THR D 62 -1.99 20.31 8.41
N LEU D 63 -1.86 18.99 8.51
CA LEU D 63 -1.80 18.33 9.81
C LEU D 63 -0.36 18.16 10.28
N ALA D 64 0.58 18.32 9.34
CA ALA D 64 1.97 17.97 9.56
C ALA D 64 2.63 18.78 10.68
N TRP D 65 3.63 18.19 11.32
CA TRP D 65 4.39 18.90 12.33
C TRP D 65 5.86 18.46 12.33
N ASN D 66 6.70 19.29 12.93
CA ASN D 66 8.11 18.94 13.07
C ASN D 66 8.28 17.92 14.18
N SER D 67 8.67 16.69 13.84
CA SER D 67 8.72 15.61 14.84
C SER D 67 10.13 15.33 15.33
N SER D 68 10.99 16.33 15.19
CA SER D 68 12.38 16.24 15.58
C SER D 68 12.52 15.62 16.98
N HIS D 69 12.03 16.33 18.00
CA HIS D 69 12.08 15.78 19.35
C HIS D 69 10.69 15.51 19.88
N SER D 70 9.80 15.07 18.99
CA SER D 70 8.38 15.00 19.29
C SER D 70 7.82 13.64 18.87
N PRO D 71 6.61 13.32 19.35
CA PRO D 71 5.92 12.12 18.89
C PRO D 71 5.80 12.10 17.37
N ASP D 72 5.91 10.91 16.80
CA ASP D 72 5.85 10.70 15.36
C ASP D 72 4.40 10.54 14.85
N GLN D 73 3.50 10.16 15.75
CA GLN D 73 2.11 9.89 15.40
C GLN D 73 1.18 10.18 16.56
N VAL D 74 -0.07 10.48 16.24
CA VAL D 74 -1.12 10.65 17.22
C VAL D 74 -2.42 10.07 16.70
N SER D 75 -3.31 9.73 17.62
CA SER D 75 -4.66 9.35 17.24
C SER D 75 -5.56 10.57 17.35
N VAL D 76 -6.40 10.78 16.34
CA VAL D 76 -7.23 11.98 16.25
C VAL D 76 -8.69 11.63 15.97
N PRO D 77 -9.63 12.25 16.70
CA PRO D 77 -11.04 12.05 16.35
C PRO D 77 -11.29 12.55 14.92
N ILE D 78 -12.00 11.78 14.10
CA ILE D 78 -12.22 12.17 12.71
C ILE D 78 -13.08 13.44 12.66
N SER D 79 -13.75 13.75 13.76
CA SER D 79 -14.54 14.99 13.79
C SER D 79 -13.62 16.21 13.71
N SER D 80 -12.33 16.00 13.98
CA SER D 80 -11.34 17.07 13.90
C SER D 80 -10.54 17.06 12.61
N LEU D 81 -10.89 16.16 11.69
CA LEU D 81 -10.11 16.01 10.46
C LEU D 81 -10.99 16.02 9.25
N TRP D 82 -10.44 16.44 8.12
CA TRP D 82 -11.14 16.22 6.87
C TRP D 82 -11.03 14.75 6.53
N VAL D 83 -12.17 14.16 6.17
CA VAL D 83 -12.21 12.76 5.78
C VAL D 83 -12.84 12.66 4.40
N PRO D 84 -12.34 11.76 3.55
CA PRO D 84 -12.94 11.54 2.23
C PRO D 84 -14.41 11.14 2.36
N ASP D 85 -15.29 11.67 1.53
CA ASP D 85 -16.71 11.32 1.56
C ASP D 85 -16.98 10.04 0.76
N LEU D 86 -16.40 8.92 1.20
CA LEU D 86 -16.58 7.64 0.52
C LEU D 86 -17.94 7.03 0.83
N ALA D 87 -18.52 6.40 -0.18
CA ALA D 87 -19.74 5.65 0.03
C ALA D 87 -19.73 4.41 -0.83
N ALA D 88 -20.34 3.35 -0.34
CA ALA D 88 -20.54 2.15 -1.11
C ALA D 88 -21.82 2.31 -1.93
N TYR D 89 -21.68 2.32 -3.26
CA TYR D 89 -22.82 2.55 -4.16
C TYR D 89 -23.94 1.52 -4.02
N ASN D 90 -23.58 0.27 -3.75
CA ASN D 90 -24.59 -0.79 -3.67
C ASN D 90 -24.89 -1.22 -2.23
N ALA D 91 -24.53 -0.37 -1.27
CA ALA D 91 -24.94 -0.59 0.11
C ALA D 91 -26.43 -0.34 0.22
N ILE D 92 -27.12 -1.17 0.99
CA ILE D 92 -28.55 -0.98 1.20
C ILE D 92 -28.86 -0.68 2.68
N SER D 93 -27.81 -0.47 3.47
CA SER D 93 -28.00 0.00 4.84
C SER D 93 -26.93 1.03 5.15
N LYS D 94 -27.18 1.86 6.16
CA LYS D 94 -26.18 2.81 6.65
C LYS D 94 -24.99 2.03 7.16
N PRO D 95 -23.79 2.56 6.96
CA PRO D 95 -22.60 1.93 7.56
C PRO D 95 -22.75 1.92 9.08
N GLU D 96 -22.75 0.75 9.69
CA GLU D 96 -22.68 0.64 11.14
C GLU D 96 -21.21 0.59 11.55
N VAL D 97 -20.71 1.69 12.10
CA VAL D 97 -19.30 1.78 12.51
C VAL D 97 -19.14 1.14 13.89
N LEU D 98 -18.37 0.07 13.94
CA LEU D 98 -18.28 -0.75 15.13
C LEU D 98 -17.20 -0.28 16.10
N THR D 99 -16.26 0.52 15.58
CA THR D 99 -15.06 0.88 16.34
C THR D 99 -14.97 2.38 16.66
N PRO D 100 -14.12 2.73 17.64
CA PRO D 100 -13.92 4.16 17.98
C PRO D 100 -13.52 4.95 16.76
N GLN D 101 -14.11 6.12 16.56
CA GLN D 101 -13.89 6.87 15.33
C GLN D 101 -12.66 7.79 15.42
N LEU D 102 -11.49 7.14 15.44
CA LEU D 102 -10.21 7.84 15.51
C LEU D 102 -9.39 7.48 14.30
N ALA D 103 -8.63 8.44 13.78
CA ALA D 103 -7.69 8.18 12.70
C ALA D 103 -6.29 8.29 13.26
N ARG D 104 -5.35 7.62 12.61
CA ARG D 104 -3.95 7.73 12.97
C ARG D 104 -3.28 8.73 12.04
N VAL D 105 -2.65 9.74 12.63
CA VAL D 105 -2.00 10.78 11.85
C VAL D 105 -0.51 10.76 12.11
N VAL D 106 0.26 10.65 11.04
CA VAL D 106 1.73 10.70 11.11
C VAL D 106 2.18 12.16 10.95
N SER D 107 3.37 12.46 11.49
CA SER D 107 3.86 13.84 11.52
C SER D 107 4.06 14.48 10.15
N ASP D 108 4.13 13.68 9.09
CA ASP D 108 4.27 14.21 7.74
C ASP D 108 2.91 14.47 7.08
N GLY D 109 1.82 14.21 7.82
CA GLY D 109 0.49 14.48 7.30
C GLY D 109 -0.25 13.25 6.76
N GLU D 110 0.41 12.10 6.75
CA GLU D 110 -0.28 10.87 6.30
C GLU D 110 -1.33 10.46 7.32
N VAL D 111 -2.51 10.10 6.84
CA VAL D 111 -3.61 9.69 7.69
C VAL D 111 -4.01 8.26 7.37
N LEU D 112 -4.27 7.48 8.42
CA LEU D 112 -4.84 6.16 8.27
C LEU D 112 -6.11 6.09 9.11
N TYR D 113 -7.25 5.95 8.43
CA TYR D 113 -8.52 5.71 9.08
C TYR D 113 -9.02 4.32 8.68
N MET D 114 -9.22 3.46 9.67
CA MET D 114 -9.56 2.06 9.39
C MET D 114 -10.58 1.54 10.37
N PRO D 115 -11.83 2.00 10.24
CA PRO D 115 -12.90 1.52 11.13
C PRO D 115 -13.38 0.14 10.70
N SER D 116 -13.89 -0.62 11.66
CA SER D 116 -14.58 -1.85 11.31
C SER D 116 -16.04 -1.50 11.09
N ILE D 117 -16.57 -1.98 9.98
CA ILE D 117 -17.92 -1.61 9.57
C ILE D 117 -18.78 -2.84 9.28
N ARG D 118 -20.02 -2.82 9.76
CA ARG D 118 -21.01 -3.80 9.33
C ARG D 118 -22.00 -3.13 8.41
N GLN D 119 -22.24 -3.75 7.26
CA GLN D 119 -23.11 -3.11 6.28
C GLN D 119 -23.74 -4.14 5.35
N ARG D 120 -24.96 -3.86 4.89
CA ARG D 120 -25.67 -4.74 3.96
CA ARG D 120 -25.67 -4.74 3.96
C ARG D 120 -25.54 -4.25 2.52
N PHE D 121 -25.35 -5.18 1.60
CA PHE D 121 -25.16 -4.84 0.21
C PHE D 121 -26.08 -5.63 -0.71
N SER D 122 -26.41 -5.00 -1.82
CA SER D 122 -27.05 -5.68 -2.92
C SER D 122 -25.96 -6.10 -3.91
N CYS D 123 -25.85 -7.40 -4.15
CA CYS D 123 -24.85 -7.91 -5.08
C CYS D 123 -25.18 -9.33 -5.47
N ASP D 124 -24.37 -9.91 -6.36
CA ASP D 124 -24.65 -11.22 -6.92
C ASP D 124 -24.30 -12.34 -5.96
N VAL D 125 -25.34 -12.99 -5.42
CA VAL D 125 -25.13 -14.06 -4.45
C VAL D 125 -25.24 -15.44 -5.10
N SER D 126 -25.67 -15.48 -6.35
CA SER D 126 -25.80 -16.73 -7.08
C SER D 126 -24.51 -17.54 -7.04
N GLY D 127 -24.63 -18.85 -6.81
CA GLY D 127 -23.49 -19.73 -6.78
C GLY D 127 -22.79 -19.84 -5.43
N VAL D 128 -23.32 -19.14 -4.43
CA VAL D 128 -22.72 -19.13 -3.11
C VAL D 128 -22.58 -20.54 -2.51
N ASP D 129 -23.47 -21.43 -2.90
CA ASP D 129 -23.47 -22.78 -2.34
C ASP D 129 -22.83 -23.80 -3.29
N THR D 130 -22.01 -23.30 -4.21
CA THR D 130 -21.26 -24.17 -5.11
C THR D 130 -19.78 -24.07 -4.77
N GLU D 131 -18.96 -24.86 -5.46
CA GLU D 131 -17.52 -24.88 -5.18
C GLU D 131 -16.84 -23.66 -5.78
N SER D 132 -17.44 -23.15 -6.85
CA SER D 132 -16.97 -21.96 -7.55
C SER D 132 -17.28 -20.70 -6.73
N GLY D 133 -18.29 -20.78 -5.88
CA GLY D 133 -18.68 -19.68 -5.01
C GLY D 133 -19.37 -18.56 -5.73
N ALA D 134 -19.82 -17.58 -4.96
CA ALA D 134 -20.41 -16.36 -5.48
C ALA D 134 -19.36 -15.26 -5.54
N THR D 135 -19.61 -14.26 -6.37
CA THR D 135 -18.74 -13.09 -6.44
C THR D 135 -19.57 -11.83 -6.21
N CYS D 136 -19.45 -11.28 -5.01
CA CYS D 136 -20.12 -10.08 -4.63
C CYS D 136 -19.23 -8.85 -4.88
N ARG D 137 -19.70 -7.96 -5.75
CA ARG D 137 -18.93 -6.82 -6.18
C ARG D 137 -19.37 -5.59 -5.38
N ILE D 138 -18.43 -4.93 -4.71
CA ILE D 138 -18.74 -3.76 -3.90
C ILE D 138 -18.05 -2.53 -4.47
N LYS D 139 -18.85 -1.49 -4.72
CA LYS D 139 -18.36 -0.29 -5.38
C LYS D 139 -18.26 0.90 -4.44
N ILE D 140 -17.05 1.42 -4.25
CA ILE D 140 -16.81 2.51 -3.31
C ILE D 140 -16.08 3.69 -3.98
N GLY D 141 -16.57 4.89 -3.74
CA GLY D 141 -15.91 6.08 -4.23
C GLY D 141 -16.42 7.33 -3.56
N SER D 142 -15.78 8.46 -3.85
CA SER D 142 -16.24 9.76 -3.34
C SER D 142 -17.65 10.05 -3.86
N TRP D 143 -18.53 10.41 -2.96
CA TRP D 143 -19.90 10.73 -3.34
C TRP D 143 -20.00 12.05 -4.13
N THR D 144 -19.20 13.04 -3.75
CA THR D 144 -19.37 14.39 -4.31
C THR D 144 -18.13 14.99 -4.92
N HIS D 145 -16.98 14.31 -4.80
CA HIS D 145 -15.74 14.84 -5.37
C HIS D 145 -15.33 14.12 -6.64
N HIS D 146 -15.30 14.83 -7.77
CA HIS D 146 -14.88 14.21 -9.02
C HIS D 146 -13.36 13.97 -9.08
N SER D 147 -12.88 13.45 -10.21
CA SER D 147 -11.52 12.93 -10.32
C SER D 147 -10.41 13.99 -10.19
N ARG D 148 -10.73 15.26 -10.41
CA ARG D 148 -9.73 16.30 -10.28
C ARG D 148 -9.58 16.70 -8.82
N GLU D 149 -10.47 16.19 -7.98
CA GLU D 149 -10.48 16.51 -6.56
C GLU D 149 -10.13 15.32 -5.70
N ILE D 150 -10.70 14.17 -6.04
CA ILE D 150 -10.32 12.94 -5.36
C ILE D 150 -10.09 11.84 -6.38
N SER D 151 -8.93 11.19 -6.27
CA SER D 151 -8.70 9.94 -6.97
C SER D 151 -8.72 8.81 -5.94
N VAL D 152 -9.31 7.67 -6.30
CA VAL D 152 -9.30 6.51 -5.43
C VAL D 152 -8.54 5.37 -6.06
N ASP D 153 -7.82 4.63 -5.23
CA ASP D 153 -7.00 3.55 -5.74
C ASP D 153 -7.04 2.35 -4.82
N PRO D 154 -7.04 1.15 -5.39
CA PRO D 154 -6.92 -0.05 -4.58
C PRO D 154 -5.53 -0.07 -3.96
N THR D 155 -5.46 -0.26 -2.65
CA THR D 155 -4.19 -0.58 -2.05
C THR D 155 -4.25 -2.06 -1.71
N THR D 156 -3.17 -2.77 -2.00
CA THR D 156 -3.09 -4.19 -1.65
C THR D 156 -1.99 -4.40 -0.63
N GLU D 157 -2.29 -5.20 0.39
CA GLU D 157 -1.30 -5.55 1.39
C GLU D 157 -0.90 -6.99 1.20
N ASN D 158 -1.35 -7.55 0.07
CA ASN D 158 -1.21 -8.98 -0.26
C ASN D 158 -1.10 -9.86 0.96
N SER D 159 -1.76 -9.45 2.03
CA SER D 159 -1.90 -10.30 3.19
C SER D 159 -2.78 -11.44 2.74
N ASP D 160 -3.06 -12.37 3.65
CA ASP D 160 -4.05 -13.36 3.35
C ASP D 160 -5.40 -12.65 3.26
N ASP D 161 -6.17 -12.94 2.21
CA ASP D 161 -7.56 -12.51 2.16
C ASP D 161 -8.21 -12.90 3.48
N SER D 162 -8.02 -14.17 3.83
CA SER D 162 -8.53 -14.70 5.09
C SER D 162 -7.68 -14.31 6.30
N GLU D 163 -6.84 -13.30 6.17
CA GLU D 163 -5.96 -12.96 7.29
C GLU D 163 -6.75 -12.59 8.55
N TYR D 164 -7.75 -11.74 8.40
CA TYR D 164 -8.52 -11.32 9.56
C TYR D 164 -9.92 -11.92 9.54
N PHE D 165 -10.18 -12.76 8.55
CA PHE D 165 -11.51 -13.32 8.39
C PHE D 165 -11.81 -14.36 9.47
N SER D 166 -13.01 -14.26 10.05
CA SER D 166 -13.42 -15.14 11.14
C SER D 166 -13.55 -16.60 10.73
N GLN D 167 -12.84 -17.48 11.45
CA GLN D 167 -12.95 -18.92 11.25
C GLN D 167 -14.32 -19.44 11.68
N TYR D 168 -15.13 -18.59 12.27
CA TYR D 168 -16.43 -19.00 12.79
C TYR D 168 -17.61 -18.62 11.90
N SER D 169 -17.32 -17.92 10.82
CA SER D 169 -18.31 -17.62 9.78
C SER D 169 -18.80 -18.91 9.14
N ARG D 170 -20.00 -18.90 8.57
CA ARG D 170 -20.45 -20.08 7.83
C ARG D 170 -19.90 -20.03 6.42
N PHE D 171 -19.15 -18.99 6.13
CA PHE D 171 -18.64 -18.75 4.80
C PHE D 171 -17.11 -18.74 4.79
N GLU D 172 -16.54 -18.96 3.62
CA GLU D 172 -15.10 -18.83 3.46
C GLU D 172 -14.84 -17.98 2.23
N ILE D 173 -13.71 -17.27 2.26
CA ILE D 173 -13.34 -16.44 1.14
C ILE D 173 -12.47 -17.21 0.18
N LEU D 174 -12.84 -17.20 -1.09
CA LEU D 174 -12.06 -17.88 -2.13
C LEU D 174 -11.03 -16.93 -2.73
N ASP D 175 -11.42 -15.68 -2.86
CA ASP D 175 -10.57 -14.68 -3.51
C ASP D 175 -11.13 -13.28 -3.34
N VAL D 176 -10.24 -12.31 -3.24
CA VAL D 176 -10.62 -10.90 -3.27
C VAL D 176 -9.80 -10.16 -4.32
N THR D 177 -10.47 -9.48 -5.25
CA THR D 177 -9.77 -8.69 -6.24
C THR D 177 -10.36 -7.29 -6.30
N GLN D 178 -9.54 -6.34 -6.76
CA GLN D 178 -9.93 -4.94 -6.72
C GLN D 178 -9.70 -4.34 -8.09
N LYS D 179 -10.61 -3.46 -8.50
CA LYS D 179 -10.53 -2.84 -9.81
C LYS D 179 -10.88 -1.38 -9.66
N LYS D 180 -10.16 -0.52 -10.38
CA LYS D 180 -10.42 0.91 -10.32
C LYS D 180 -11.27 1.32 -11.52
N ASN D 181 -12.26 2.19 -11.30
CA ASN D 181 -13.05 2.72 -12.40
C ASN D 181 -13.17 4.24 -12.35
N SER D 182 -13.47 4.82 -13.50
CA SER D 182 -13.75 6.24 -13.59
C SER D 182 -15.07 6.36 -14.34
N VAL D 183 -16.08 6.93 -13.67
CA VAL D 183 -17.43 6.93 -14.23
C VAL D 183 -18.02 8.32 -14.33
N THR D 184 -18.71 8.57 -15.43
CA THR D 184 -19.46 9.81 -15.60
C THR D 184 -20.94 9.55 -15.28
N TYR D 185 -21.53 10.45 -14.51
CA TYR D 185 -22.93 10.33 -14.11
C TYR D 185 -23.75 11.42 -14.79
N SER D 186 -25.00 11.11 -15.12
CA SER D 186 -25.81 12.03 -15.93
C SER D 186 -26.01 13.40 -15.28
N CYS D 187 -25.87 13.45 -13.96
CA CYS D 187 -26.06 14.70 -13.21
C CYS D 187 -24.97 15.71 -13.49
N CYS D 188 -23.80 15.23 -13.90
CA CYS D 188 -22.61 16.08 -13.81
C CYS D 188 -21.66 15.78 -14.95
N PRO D 189 -20.87 16.78 -15.35
CA PRO D 189 -19.93 16.67 -16.49
C PRO D 189 -18.61 15.97 -16.17
N GLU D 190 -18.18 15.97 -14.91
CA GLU D 190 -16.91 15.33 -14.56
C GLU D 190 -17.04 13.84 -14.25
N ALA D 191 -15.92 13.13 -14.41
CA ALA D 191 -15.81 11.71 -14.05
C ALA D 191 -15.50 11.54 -12.56
N TYR D 192 -16.09 10.52 -11.95
CA TYR D 192 -15.87 10.23 -10.53
C TYR D 192 -15.28 8.83 -10.43
N GLU D 193 -14.24 8.71 -9.63
CA GLU D 193 -13.53 7.45 -9.53
C GLU D 193 -14.14 6.57 -8.47
N ASP D 194 -13.96 5.26 -8.64
CA ASP D 194 -14.38 4.30 -7.63
C ASP D 194 -13.47 3.10 -7.66
N VAL D 195 -13.46 2.38 -6.55
CA VAL D 195 -12.83 1.07 -6.52
C VAL D 195 -13.95 0.03 -6.43
N GLU D 196 -13.88 -0.98 -7.28
CA GLU D 196 -14.77 -2.14 -7.15
C GLU D 196 -14.05 -3.31 -6.51
N VAL D 197 -14.52 -3.72 -5.35
CA VAL D 197 -13.94 -4.86 -4.66
C VAL D 197 -14.79 -6.10 -4.89
N SER D 198 -14.20 -7.11 -5.52
CA SER D 198 -14.91 -8.34 -5.83
C SER D 198 -14.60 -9.41 -4.81
N LEU D 199 -15.61 -9.74 -4.01
CA LEU D 199 -15.51 -10.72 -2.96
C LEU D 199 -16.02 -12.08 -3.45
N ASN D 200 -15.10 -13.00 -3.68
CA ASN D 200 -15.47 -14.36 -4.11
C ASN D 200 -15.51 -15.28 -2.88
N PHE D 201 -16.71 -15.73 -2.53
CA PHE D 201 -16.86 -16.50 -1.32
C PHE D 201 -17.86 -17.63 -1.52
N ARG D 202 -17.84 -18.61 -0.63
CA ARG D 202 -18.83 -19.67 -0.67
C ARG D 202 -19.23 -20.10 0.73
N LYS D 203 -20.35 -20.82 0.82
CA LYS D 203 -20.76 -21.43 2.08
C LYS D 203 -19.86 -22.62 2.37
N LYS D 204 -19.45 -22.77 3.63
CA LYS D 204 -18.58 -23.90 4.00
C LYS D 204 -19.28 -25.25 3.85
N LEU E 1 -9.34 33.53 -4.42
CA LEU E 1 -9.94 32.67 -3.39
C LEU E 1 -9.59 31.22 -3.62
N ASP E 2 -9.32 30.50 -2.54
CA ASP E 2 -9.15 29.05 -2.63
C ASP E 2 -10.29 28.35 -1.90
N ARG E 3 -10.32 27.03 -1.95
CA ARG E 3 -11.40 26.30 -1.31
C ARG E 3 -11.58 26.65 0.17
N ALA E 4 -10.48 26.73 0.90
CA ALA E 4 -10.53 27.05 2.32
C ALA E 4 -11.24 28.38 2.57
N ASP E 5 -10.88 29.40 1.80
CA ASP E 5 -11.56 30.69 1.90
C ASP E 5 -13.08 30.61 1.65
N ILE E 6 -13.46 29.96 0.55
CA ILE E 6 -14.85 29.83 0.15
C ILE E 6 -15.67 29.13 1.22
N LEU E 7 -15.16 28.01 1.71
CA LEU E 7 -15.85 27.24 2.74
C LEU E 7 -15.93 27.99 4.06
N TYR E 8 -14.88 28.73 4.37
CA TYR E 8 -14.89 29.59 5.53
C TYR E 8 -16.01 30.61 5.40
N ASN E 9 -16.07 31.28 4.25
CA ASN E 9 -17.04 32.34 4.04
C ASN E 9 -18.46 31.82 4.14
N ILE E 10 -18.67 30.64 3.58
CA ILE E 10 -19.98 30.01 3.58
C ILE E 10 -20.36 29.61 4.99
N ARG E 11 -19.47 28.94 5.69
CA ARG E 11 -19.73 28.56 7.07
C ARG E 11 -20.07 29.79 7.94
N GLN E 12 -19.33 30.87 7.74
CA GLN E 12 -19.50 32.07 8.58
C GLN E 12 -20.76 32.85 8.24
N THR E 13 -21.24 32.75 7.01
CA THR E 13 -22.38 33.54 6.58
C THR E 13 -23.50 32.62 6.12
N SER E 14 -23.46 31.40 6.65
CA SER E 14 -24.47 30.39 6.39
C SER E 14 -25.67 30.66 7.28
N ARG E 15 -26.81 30.91 6.64
CA ARG E 15 -28.06 31.06 7.35
C ARG E 15 -28.91 29.85 6.98
N PRO E 16 -28.59 28.69 7.56
CA PRO E 16 -29.25 27.42 7.23
C PRO E 16 -30.74 27.46 7.52
N ASP E 17 -31.15 28.38 8.38
CA ASP E 17 -32.57 28.49 8.76
C ASP E 17 -33.30 29.52 7.93
N VAL E 18 -32.58 30.15 7.01
CA VAL E 18 -33.17 31.19 6.19
C VAL E 18 -33.39 30.76 4.75
N ILE E 19 -34.65 30.59 4.37
CA ILE E 19 -35.00 30.30 2.98
C ILE E 19 -34.54 31.43 2.02
N PRO E 20 -33.79 31.07 0.98
CA PRO E 20 -33.14 32.06 0.11
C PRO E 20 -34.07 32.62 -0.94
N THR E 21 -35.11 33.28 -0.46
CA THR E 21 -36.12 33.91 -1.29
C THR E 21 -35.54 35.19 -1.91
N GLN E 22 -35.84 35.39 -3.19
CA GLN E 22 -35.41 36.58 -3.92
C GLN E 22 -36.59 37.24 -4.62
N ARG E 23 -36.92 38.46 -4.20
CA ARG E 23 -37.94 39.27 -4.85
C ARG E 23 -39.37 38.74 -4.66
N ASP E 24 -39.63 38.14 -3.50
CA ASP E 24 -40.96 37.62 -3.18
C ASP E 24 -41.34 36.43 -4.07
N ARG E 25 -40.38 35.97 -4.88
CA ARG E 25 -40.56 34.76 -5.68
C ARG E 25 -40.20 33.50 -4.89
N PRO E 26 -40.89 32.40 -5.19
CA PRO E 26 -40.56 31.15 -4.50
C PRO E 26 -39.21 30.63 -4.94
N VAL E 27 -38.54 29.91 -4.04
CA VAL E 27 -37.35 29.18 -4.41
C VAL E 27 -37.80 28.00 -5.26
N ALA E 28 -37.28 27.92 -6.48
CA ALA E 28 -37.60 26.82 -7.37
C ALA E 28 -36.75 25.61 -7.02
N VAL E 29 -37.39 24.56 -6.54
CA VAL E 29 -36.71 23.32 -6.21
C VAL E 29 -37.06 22.22 -7.20
N SER E 30 -36.04 21.62 -7.82
CA SER E 30 -36.25 20.46 -8.67
C SER E 30 -35.95 19.21 -7.89
N VAL E 31 -36.84 18.23 -7.98
CA VAL E 31 -36.68 16.97 -7.29
C VAL E 31 -36.85 15.83 -8.28
N SER E 32 -36.05 14.79 -8.09
CA SER E 32 -36.08 13.64 -8.98
C SER E 32 -35.52 12.46 -8.23
N LEU E 33 -36.19 11.31 -8.32
CA LEU E 33 -35.73 10.10 -7.68
C LEU E 33 -35.08 9.17 -8.70
N LYS E 34 -33.83 8.80 -8.44
CA LYS E 34 -33.17 7.78 -9.24
C LYS E 34 -33.15 6.49 -8.44
N PHE E 35 -33.96 5.53 -8.85
CA PHE E 35 -34.10 4.31 -8.09
C PHE E 35 -32.90 3.39 -8.24
N ILE E 36 -32.41 2.91 -7.11
CA ILE E 36 -31.24 2.07 -7.08
C ILE E 36 -31.64 0.64 -6.77
N ASN E 37 -32.60 0.49 -5.88
CA ASN E 37 -33.05 -0.85 -5.50
C ASN E 37 -34.45 -0.90 -4.89
N ILE E 38 -35.09 -2.05 -5.01
CA ILE E 38 -36.36 -2.33 -4.35
C ILE E 38 -36.12 -3.57 -3.51
N LEU E 39 -36.08 -3.38 -2.19
CA LEU E 39 -35.52 -4.39 -1.30
C LEU E 39 -36.57 -5.34 -0.80
N GLU E 40 -37.68 -4.79 -0.35
CA GLU E 40 -38.77 -5.63 0.16
C GLU E 40 -40.09 -5.08 -0.29
N VAL E 41 -41.01 -5.99 -0.59
CA VAL E 41 -42.33 -5.63 -1.02
C VAL E 41 -43.31 -6.50 -0.26
N ASN E 42 -44.41 -5.90 0.18
CA ASN E 42 -45.45 -6.67 0.86
C ASN E 42 -46.81 -6.32 0.25
N GLU E 43 -47.38 -7.26 -0.51
CA GLU E 43 -48.61 -6.99 -1.26
C GLU E 43 -49.83 -7.03 -0.35
N ILE E 44 -49.71 -7.75 0.75
CA ILE E 44 -50.77 -7.79 1.73
C ILE E 44 -50.90 -6.45 2.41
N THR E 45 -49.77 -5.95 2.92
CA THR E 45 -49.75 -4.70 3.67
C THR E 45 -49.61 -3.46 2.79
N ASN E 46 -49.32 -3.65 1.51
CA ASN E 46 -49.06 -2.51 0.60
C ASN E 46 -47.91 -1.63 1.08
N GLU E 47 -46.79 -2.25 1.36
CA GLU E 47 -45.63 -1.51 1.83
C GLU E 47 -44.43 -1.92 0.99
N VAL E 48 -43.58 -0.95 0.68
CA VAL E 48 -42.37 -1.23 -0.09
C VAL E 48 -41.16 -0.60 0.59
N ASP E 49 -40.04 -1.30 0.53
CA ASP E 49 -38.77 -0.81 1.05
C ASP E 49 -37.87 -0.48 -0.15
N VAL E 50 -37.48 0.77 -0.28
CA VAL E 50 -36.81 1.24 -1.48
C VAL E 50 -35.53 2.02 -1.21
N VAL E 51 -34.57 1.89 -2.13
CA VAL E 51 -33.36 2.72 -2.11
C VAL E 51 -33.35 3.59 -3.36
N PHE E 52 -33.14 4.90 -3.15
CA PHE E 52 -33.10 5.83 -4.27
C PHE E 52 -32.19 7.00 -3.96
N TRP E 53 -31.67 7.63 -5.01
CA TRP E 53 -30.99 8.92 -4.85
C TRP E 53 -32.02 10.03 -4.96
N GLN E 54 -32.07 10.89 -3.96
CA GLN E 54 -33.02 11.99 -3.99
C GLN E 54 -32.36 13.25 -4.54
N GLN E 55 -32.32 13.33 -5.86
CA GLN E 55 -31.64 14.42 -6.53
C GLN E 55 -32.39 15.73 -6.33
N THR E 56 -31.80 16.63 -5.57
CA THR E 56 -32.45 17.84 -5.16
C THR E 56 -31.66 19.07 -5.57
N THR E 57 -32.34 20.02 -6.17
CA THR E 57 -31.68 21.15 -6.81
C THR E 57 -32.36 22.49 -6.52
N TRP E 58 -31.57 23.49 -6.17
CA TRP E 58 -32.09 24.84 -5.98
C TRP E 58 -30.95 25.85 -5.98
N SER E 59 -31.32 27.12 -6.03
CA SER E 59 -30.35 28.20 -6.06
C SER E 59 -30.38 28.99 -4.76
N ASP E 60 -29.20 29.28 -4.21
CA ASP E 60 -29.06 30.15 -3.04
C ASP E 60 -27.95 31.18 -3.30
N ARG E 61 -28.36 32.39 -3.69
CA ARG E 61 -27.43 33.43 -4.09
C ARG E 61 -26.52 33.86 -2.96
N THR E 62 -26.93 33.65 -1.71
CA THR E 62 -26.09 34.05 -0.58
C THR E 62 -24.81 33.22 -0.50
N LEU E 63 -24.76 32.11 -1.24
CA LEU E 63 -23.58 31.25 -1.25
C LEU E 63 -22.60 31.63 -2.35
N ALA E 64 -23.04 32.47 -3.29
CA ALA E 64 -22.26 32.76 -4.49
C ALA E 64 -20.92 33.41 -4.17
N TRP E 65 -19.95 33.22 -5.06
CA TRP E 65 -18.67 33.90 -4.96
C TRP E 65 -18.11 34.20 -6.34
N ASN E 66 -17.15 35.11 -6.40
CA ASN E 66 -16.45 35.42 -7.64
C ASN E 66 -15.45 34.29 -7.95
N SER E 67 -15.69 33.53 -9.01
CA SER E 67 -14.85 32.37 -9.31
C SER E 67 -13.87 32.68 -10.43
N SER E 68 -13.67 33.97 -10.67
CA SER E 68 -12.54 34.42 -11.47
C SER E 68 -11.26 33.90 -10.81
N HIS E 69 -10.54 33.03 -11.51
CA HIS E 69 -9.33 32.40 -10.97
C HIS E 69 -9.53 31.87 -9.53
N SER E 70 -10.71 31.30 -9.32
CA SER E 70 -11.05 30.54 -8.12
C SER E 70 -11.79 29.26 -8.51
N PRO E 71 -11.85 28.29 -7.58
CA PRO E 71 -12.64 27.09 -7.80
C PRO E 71 -14.06 27.42 -8.20
N ASP E 72 -14.62 26.59 -9.09
CA ASP E 72 -15.94 26.79 -9.62
C ASP E 72 -16.97 26.15 -8.72
N GLN E 73 -16.54 25.17 -7.92
CA GLN E 73 -17.47 24.40 -7.10
C GLN E 73 -16.80 23.92 -5.82
N VAL E 74 -17.60 23.69 -4.79
CA VAL E 74 -17.12 23.07 -3.56
C VAL E 74 -18.17 22.12 -3.01
N SER E 75 -17.73 21.19 -2.17
CA SER E 75 -18.67 20.35 -1.43
C SER E 75 -18.82 20.94 -0.03
N VAL E 76 -20.05 20.97 0.46
CA VAL E 76 -20.36 21.68 1.68
C VAL E 76 -21.29 20.81 2.54
N PRO E 77 -20.96 20.66 3.82
CA PRO E 77 -21.89 20.00 4.74
C PRO E 77 -23.28 20.69 4.71
N ILE E 78 -24.35 19.92 4.58
CA ILE E 78 -25.68 20.52 4.53
C ILE E 78 -26.02 21.20 5.86
N SER E 79 -25.27 20.90 6.91
CA SER E 79 -25.48 21.58 8.18
C SER E 79 -25.11 23.06 8.05
N SER E 80 -24.30 23.40 7.04
CA SER E 80 -23.91 24.79 6.80
C SER E 80 -24.75 25.47 5.74
N LEU E 81 -25.79 24.81 5.26
CA LEU E 81 -26.60 25.35 4.18
C LEU E 81 -28.06 25.30 4.52
N TRP E 82 -28.85 26.19 3.93
CA TRP E 82 -30.30 26.02 3.97
C TRP E 82 -30.66 24.93 2.99
N VAL E 83 -31.49 24.00 3.46
CA VAL E 83 -31.96 22.91 2.63
C VAL E 83 -33.49 22.93 2.64
N PRO E 84 -34.11 22.63 1.49
CA PRO E 84 -35.56 22.50 1.42
C PRO E 84 -36.08 21.44 2.38
N ASP E 85 -37.18 21.72 3.09
CA ASP E 85 -37.74 20.78 4.06
C ASP E 85 -38.66 19.76 3.39
N LEU E 86 -38.11 19.02 2.42
CA LEU E 86 -38.87 18.00 1.73
C LEU E 86 -39.18 16.78 2.60
N ALA E 87 -40.37 16.25 2.42
CA ALA E 87 -40.76 15.01 3.06
C ALA E 87 -41.60 14.17 2.10
N ALA E 88 -41.47 12.86 2.20
CA ALA E 88 -42.34 11.95 1.50
C ALA E 88 -43.60 11.74 2.33
N TYR E 89 -44.74 12.16 1.79
CA TYR E 89 -46.02 12.09 2.51
C TYR E 89 -46.43 10.68 2.90
N ASN E 90 -46.11 9.70 2.05
CA ASN E 90 -46.52 8.33 2.32
C ASN E 90 -45.39 7.44 2.82
N ALA E 91 -44.31 8.07 3.27
CA ALA E 91 -43.24 7.33 3.91
C ALA E 91 -43.71 6.85 5.29
N ILE E 92 -43.35 5.62 5.66
CA ILE E 92 -43.75 5.07 6.94
C ILE E 92 -42.53 4.77 7.82
N SER E 93 -41.38 5.24 7.38
CA SER E 93 -40.16 5.18 8.19
C SER E 93 -39.39 6.46 7.94
N LYS E 94 -38.52 6.81 8.89
CA LYS E 94 -37.59 7.92 8.73
C LYS E 94 -36.72 7.65 7.52
N PRO E 95 -36.37 8.68 6.78
CA PRO E 95 -35.35 8.52 5.73
C PRO E 95 -34.03 8.04 6.33
N GLU E 96 -33.54 6.88 5.89
CA GLU E 96 -32.22 6.44 6.26
C GLU E 96 -31.23 6.94 5.20
N VAL E 97 -30.46 7.96 5.56
CA VAL E 97 -29.49 8.57 4.64
C VAL E 97 -28.20 7.75 4.61
N LEU E 98 -27.90 7.17 3.45
CA LEU E 98 -26.83 6.18 3.35
C LEU E 98 -25.47 6.80 3.05
N THR E 99 -25.49 8.05 2.61
CA THR E 99 -24.31 8.68 2.06
C THR E 99 -23.90 9.92 2.85
N PRO E 100 -22.65 10.36 2.67
CA PRO E 100 -22.14 11.53 3.38
C PRO E 100 -23.03 12.74 3.08
N GLN E 101 -23.37 13.50 4.11
CA GLN E 101 -24.35 14.57 3.94
C GLN E 101 -23.72 15.89 3.49
N LEU E 102 -23.26 15.88 2.24
CA LEU E 102 -22.62 17.03 1.61
C LEU E 102 -23.39 17.41 0.37
N ALA E 103 -23.51 18.71 0.13
CA ALA E 103 -24.08 19.19 -1.11
C ALA E 103 -22.99 19.79 -1.98
N ARG E 104 -23.24 19.81 -3.28
CA ARG E 104 -22.31 20.43 -4.20
C ARG E 104 -22.81 21.82 -4.54
N VAL E 105 -21.94 22.82 -4.35
CA VAL E 105 -22.31 24.21 -4.54
C VAL E 105 -21.47 24.83 -5.65
N VAL E 106 -22.15 25.37 -6.67
CA VAL E 106 -21.47 26.04 -7.76
C VAL E 106 -21.31 27.52 -7.40
N SER E 107 -20.32 28.17 -7.99
CA SER E 107 -19.99 29.57 -7.64
C SER E 107 -21.12 30.57 -7.91
N ASP E 108 -22.12 30.19 -8.69
CA ASP E 108 -23.26 31.06 -8.96
C ASP E 108 -24.39 30.86 -7.93
N GLY E 109 -24.17 29.96 -7.00
CA GLY E 109 -25.17 29.70 -5.98
C GLY E 109 -26.06 28.50 -6.22
N GLU E 110 -25.88 27.80 -7.34
CA GLU E 110 -26.63 26.60 -7.62
C GLU E 110 -26.18 25.50 -6.67
N VAL E 111 -27.15 24.76 -6.13
CA VAL E 111 -26.86 23.69 -5.19
C VAL E 111 -27.40 22.39 -5.72
N LEU E 112 -26.61 21.33 -5.56
CA LEU E 112 -27.05 19.98 -5.84
C LEU E 112 -26.86 19.10 -4.61
N TYR E 113 -27.97 18.66 -4.02
CA TYR E 113 -27.90 17.70 -2.92
C TYR E 113 -28.53 16.41 -3.40
N MET E 114 -27.79 15.32 -3.38
CA MET E 114 -28.26 14.05 -3.91
C MET E 114 -27.85 12.86 -3.06
N PRO E 115 -28.44 12.72 -1.87
CA PRO E 115 -28.12 11.60 -1.00
C PRO E 115 -28.78 10.33 -1.50
N SER E 116 -28.17 9.18 -1.20
CA SER E 116 -28.85 7.92 -1.38
C SER E 116 -29.66 7.61 -0.12
N ILE E 117 -30.93 7.28 -0.30
CA ILE E 117 -31.83 7.10 0.82
C ILE E 117 -32.56 5.75 0.78
N ARG E 118 -32.62 5.08 1.92
CA ARG E 118 -33.47 3.90 2.06
C ARG E 118 -34.66 4.27 2.91
N GLN E 119 -35.84 3.96 2.41
CA GLN E 119 -37.04 4.35 3.11
C GLN E 119 -38.19 3.42 2.77
N ARG E 120 -39.09 3.23 3.72
CA ARG E 120 -40.28 2.40 3.48
CA ARG E 120 -40.29 2.40 3.53
C ARG E 120 -41.52 3.28 3.20
N PHE E 121 -42.35 2.82 2.28
CA PHE E 121 -43.52 3.59 1.87
C PHE E 121 -44.79 2.77 1.91
N SER E 122 -45.89 3.46 2.09
CA SER E 122 -47.21 2.87 1.94
C SER E 122 -47.71 3.24 0.54
N CYS E 123 -47.94 2.24 -0.29
CA CYS E 123 -48.43 2.52 -1.63
C CYS E 123 -49.01 1.27 -2.24
N ASP E 124 -49.54 1.40 -3.45
CA ASP E 124 -50.23 0.31 -4.11
C ASP E 124 -49.27 -0.74 -4.66
N VAL E 125 -49.26 -1.90 -4.03
CA VAL E 125 -48.37 -2.97 -4.43
C VAL E 125 -49.08 -4.03 -5.26
N SER E 126 -50.42 -3.91 -5.35
CA SER E 126 -51.22 -4.85 -6.12
C SER E 126 -50.70 -4.98 -7.56
N GLY E 127 -50.62 -6.20 -8.06
CA GLY E 127 -50.20 -6.45 -9.43
C GLY E 127 -48.69 -6.62 -9.58
N VAL E 128 -47.98 -6.57 -8.47
CA VAL E 128 -46.53 -6.58 -8.53
C VAL E 128 -46.03 -7.85 -9.20
N ASP E 129 -46.78 -8.94 -9.04
CA ASP E 129 -46.38 -10.22 -9.61
C ASP E 129 -47.04 -10.55 -10.96
N THR E 130 -47.52 -9.53 -11.63
CA THR E 130 -48.09 -9.69 -12.96
C THR E 130 -47.17 -9.03 -13.96
N GLU E 131 -47.46 -9.20 -15.23
CA GLU E 131 -46.61 -8.62 -16.26
C GLU E 131 -46.93 -7.13 -16.39
N SER E 132 -48.08 -6.76 -15.87
CA SER E 132 -48.46 -5.36 -15.87
C SER E 132 -47.78 -4.64 -14.70
N GLY E 133 -47.40 -5.41 -13.69
CA GLY E 133 -46.68 -4.88 -12.54
C GLY E 133 -47.54 -4.01 -11.63
N ALA E 134 -46.94 -3.56 -10.53
CA ALA E 134 -47.59 -2.65 -9.61
C ALA E 134 -47.13 -1.22 -9.91
N THR E 135 -47.94 -0.24 -9.48
CA THR E 135 -47.55 1.15 -9.58
C THR E 135 -47.58 1.80 -8.20
N CYS E 136 -46.40 2.00 -7.64
CA CYS E 136 -46.26 2.63 -6.34
C CYS E 136 -46.02 4.12 -6.49
N ARG E 137 -46.95 4.90 -5.95
CA ARG E 137 -46.93 6.35 -6.09
C ARG E 137 -46.30 7.00 -4.85
N ILE E 138 -45.24 7.77 -5.06
CA ILE E 138 -44.56 8.43 -3.95
C ILE E 138 -44.68 9.95 -4.03
N LYS E 139 -45.17 10.56 -2.95
CA LYS E 139 -45.52 11.98 -2.93
C LYS E 139 -44.54 12.76 -2.07
N ILE E 140 -43.82 13.67 -2.71
CA ILE E 140 -42.80 14.48 -2.03
C ILE E 140 -43.02 15.99 -2.22
N GLY E 141 -42.89 16.74 -1.13
CA GLY E 141 -43.03 18.18 -1.19
C GLY E 141 -42.56 18.86 0.08
N SER E 142 -42.47 20.19 0.06
CA SER E 142 -42.13 20.95 1.25
C SER E 142 -43.16 20.74 2.35
N TRP E 143 -42.69 20.44 3.56
CA TRP E 143 -43.60 20.16 4.65
C TRP E 143 -44.27 21.42 5.15
N THR E 144 -43.52 22.53 5.18
CA THR E 144 -44.02 23.74 5.80
C THR E 144 -44.04 24.98 4.92
N HIS E 145 -43.48 24.89 3.72
CA HIS E 145 -43.43 26.07 2.82
C HIS E 145 -44.45 25.96 1.68
N HIS E 146 -45.41 26.88 1.64
CA HIS E 146 -46.42 26.88 0.59
C HIS E 146 -45.86 27.38 -0.73
N SER E 147 -46.73 27.44 -1.74
CA SER E 147 -46.30 27.63 -3.13
C SER E 147 -45.69 29.00 -3.44
N ARG E 148 -45.90 29.99 -2.58
CA ARG E 148 -45.28 31.29 -2.81
C ARG E 148 -43.87 31.30 -2.25
N GLU E 149 -43.52 30.23 -1.54
CA GLU E 149 -42.21 30.14 -0.89
C GLU E 149 -41.36 29.06 -1.53
N ILE E 150 -41.96 27.90 -1.75
CA ILE E 150 -41.28 26.83 -2.47
C ILE E 150 -42.18 26.26 -3.56
N SER E 151 -41.65 26.22 -4.78
CA SER E 151 -42.29 25.43 -5.82
C SER E 151 -41.44 24.18 -6.05
N VAL E 152 -42.08 23.05 -6.30
CA VAL E 152 -41.35 21.83 -6.61
C VAL E 152 -41.66 21.40 -8.03
N ASP E 153 -40.63 20.96 -8.72
CA ASP E 153 -40.75 20.56 -10.09
C ASP E 153 -39.91 19.31 -10.34
N PRO E 154 -40.40 18.42 -11.22
CA PRO E 154 -39.59 17.28 -11.63
C PRO E 154 -38.43 17.76 -12.49
N THR E 155 -37.32 17.02 -12.50
CA THR E 155 -36.14 17.43 -13.26
C THR E 155 -36.37 17.39 -14.77
N SER E 162 -33.93 2.60 -15.03
CA SER E 162 -33.06 1.50 -14.62
C SER E 162 -31.60 1.86 -14.80
N GLU E 163 -31.34 3.17 -14.91
CA GLU E 163 -30.01 3.68 -15.21
C GLU E 163 -29.05 3.20 -14.13
N TYR E 164 -29.42 3.53 -12.90
CA TYR E 164 -28.64 3.17 -11.76
C TYR E 164 -29.28 2.02 -11.00
N PHE E 165 -30.35 1.45 -11.56
CA PHE E 165 -31.07 0.39 -10.87
C PHE E 165 -30.29 -0.93 -10.84
N SER E 166 -30.24 -1.55 -9.67
CA SER E 166 -29.49 -2.79 -9.49
C SER E 166 -30.02 -3.98 -10.32
N GLN E 167 -29.13 -4.56 -11.11
CA GLN E 167 -29.44 -5.76 -11.88
C GLN E 167 -29.65 -6.96 -10.94
N TYR E 168 -29.40 -6.79 -9.66
CA TYR E 168 -29.46 -7.90 -8.72
C TYR E 168 -30.70 -7.89 -7.87
N SER E 169 -31.54 -6.89 -8.08
CA SER E 169 -32.85 -6.83 -7.44
C SER E 169 -33.75 -7.97 -7.94
N ARG E 170 -34.70 -8.34 -7.09
CA ARG E 170 -35.71 -9.32 -7.47
C ARG E 170 -36.77 -8.66 -8.33
N PHE E 171 -36.66 -7.35 -8.46
CA PHE E 171 -37.67 -6.60 -9.16
C PHE E 171 -37.04 -5.88 -10.34
N GLU E 172 -37.86 -5.50 -11.30
CA GLU E 172 -37.40 -4.69 -12.43
C GLU E 172 -38.34 -3.52 -12.59
N ILE E 173 -37.81 -2.40 -13.09
CA ILE E 173 -38.61 -1.22 -13.29
C ILE E 173 -39.15 -1.23 -14.71
N LEU E 174 -40.46 -1.02 -14.82
CA LEU E 174 -41.09 -0.97 -16.14
C LEU E 174 -41.14 0.46 -16.64
N ASP E 175 -41.36 1.40 -15.72
CA ASP E 175 -41.52 2.79 -16.08
C ASP E 175 -41.53 3.67 -14.83
N VAL E 176 -40.98 4.87 -14.98
CA VAL E 176 -41.07 5.90 -13.96
C VAL E 176 -41.61 7.17 -14.59
N THR E 177 -42.68 7.70 -14.02
CA THR E 177 -43.20 8.98 -14.46
C THR E 177 -43.39 9.92 -13.27
N GLN E 178 -43.35 11.22 -13.55
CA GLN E 178 -43.46 12.22 -12.50
C GLN E 178 -44.59 13.20 -12.82
N LYS E 179 -45.27 13.65 -11.79
CA LYS E 179 -46.38 14.57 -11.96
C LYS E 179 -46.27 15.65 -10.87
N LYS E 180 -46.54 16.89 -11.24
CA LYS E 180 -46.52 17.96 -10.25
C LYS E 180 -47.93 18.25 -9.77
N ASN E 181 -48.10 18.46 -8.48
CA ASN E 181 -49.41 18.86 -7.93
C ASN E 181 -49.31 20.07 -7.01
N SER E 182 -50.44 20.71 -6.82
CA SER E 182 -50.58 21.85 -5.93
C SER E 182 -51.82 21.57 -5.07
N VAL E 183 -51.63 21.40 -3.78
CA VAL E 183 -52.72 20.94 -2.92
C VAL E 183 -52.95 21.89 -1.77
N THR E 184 -54.22 22.10 -1.44
CA THR E 184 -54.59 22.86 -0.26
C THR E 184 -54.94 21.88 0.85
N TYR E 185 -54.47 22.16 2.05
CA TYR E 185 -54.72 21.31 3.20
C TYR E 185 -55.62 22.05 4.21
N SER E 186 -56.44 21.30 4.93
CA SER E 186 -57.46 21.91 5.76
C SER E 186 -56.87 22.81 6.86
N CYS E 187 -55.61 22.57 7.22
CA CYS E 187 -54.95 23.34 8.26
C CYS E 187 -54.71 24.80 7.83
N CYS E 188 -54.61 25.03 6.53
CA CYS E 188 -53.96 26.24 6.05
C CYS E 188 -54.58 26.72 4.76
N PRO E 189 -54.58 28.04 4.54
CA PRO E 189 -55.22 28.67 3.38
C PRO E 189 -54.40 28.58 2.10
N GLU E 190 -53.09 28.46 2.18
CA GLU E 190 -52.25 28.40 0.98
C GLU E 190 -52.11 26.98 0.45
N ALA E 191 -51.77 26.90 -0.83
CA ALA E 191 -51.48 25.65 -1.52
C ALA E 191 -50.00 25.23 -1.35
N TYR E 192 -49.77 23.93 -1.17
CA TYR E 192 -48.43 23.39 -1.09
C TYR E 192 -48.19 22.47 -2.26
N GLU E 193 -47.04 22.63 -2.90
CA GLU E 193 -46.73 21.84 -4.10
C GLU E 193 -46.05 20.53 -3.76
N ASP E 194 -46.24 19.54 -4.61
CA ASP E 194 -45.54 18.26 -4.45
C ASP E 194 -45.27 17.68 -5.81
N VAL E 195 -44.32 16.76 -5.85
CA VAL E 195 -44.13 15.91 -7.02
C VAL E 195 -44.59 14.51 -6.64
N GLU E 196 -45.36 13.88 -7.52
CA GLU E 196 -45.74 12.48 -7.33
C GLU E 196 -44.97 11.64 -8.31
N VAL E 197 -44.14 10.76 -7.79
CA VAL E 197 -43.37 9.85 -8.62
C VAL E 197 -44.04 8.48 -8.67
N SER E 198 -44.43 8.07 -9.86
CA SER E 198 -45.10 6.78 -10.04
C SER E 198 -44.11 5.74 -10.50
N LEU E 199 -43.84 4.78 -9.62
CA LEU E 199 -42.90 3.71 -9.89
C LEU E 199 -43.63 2.46 -10.33
N ASN E 200 -43.56 2.15 -11.62
CA ASN E 200 -44.18 0.95 -12.17
C ASN E 200 -43.14 -0.17 -12.20
N PHE E 201 -43.36 -1.20 -11.39
CA PHE E 201 -42.38 -2.28 -11.30
C PHE E 201 -43.06 -3.61 -11.14
N ARG E 202 -42.33 -4.69 -11.41
CA ARG E 202 -42.84 -6.04 -11.19
C ARG E 202 -41.75 -6.97 -10.66
N LYS E 203 -42.17 -8.11 -10.13
CA LYS E 203 -41.25 -9.16 -9.72
C LYS E 203 -40.71 -9.82 -10.99
N LYS E 204 -39.39 -10.06 -11.04
CA LYS E 204 -38.78 -10.75 -12.16
C LYS E 204 -39.32 -12.19 -12.34
N LEU F 1 6.01 -34.56 -3.18
CA LEU F 1 7.12 -33.82 -3.79
C LEU F 1 7.80 -32.94 -2.76
N ASP F 2 9.12 -32.82 -2.85
CA ASP F 2 9.86 -31.86 -2.05
C ASP F 2 10.45 -30.79 -2.96
N ARG F 3 11.08 -29.78 -2.37
CA ARG F 3 11.67 -28.70 -3.14
C ARG F 3 12.61 -29.19 -4.24
N ALA F 4 13.47 -30.13 -3.90
CA ALA F 4 14.44 -30.64 -4.86
C ALA F 4 13.73 -31.22 -6.10
N ASP F 5 12.66 -31.98 -5.90
CA ASP F 5 11.91 -32.56 -6.99
C ASP F 5 11.28 -31.48 -7.88
N ILE F 6 10.60 -30.52 -7.24
CA ILE F 6 9.94 -29.42 -7.93
C ILE F 6 10.91 -28.65 -8.83
N LEU F 7 12.04 -28.26 -8.24
CA LEU F 7 13.04 -27.49 -8.95
C LEU F 7 13.68 -28.30 -10.06
N TYR F 8 13.87 -29.60 -9.82
CA TYR F 8 14.37 -30.50 -10.84
C TYR F 8 13.40 -30.52 -12.01
N ASN F 9 12.13 -30.77 -11.72
CA ASN F 9 11.11 -30.81 -12.76
C ASN F 9 11.04 -29.53 -13.58
N ILE F 10 11.16 -28.40 -12.91
CA ILE F 10 11.10 -27.11 -13.57
C ILE F 10 12.31 -26.89 -14.45
N ARG F 11 13.49 -27.11 -13.89
CA ARG F 11 14.71 -27.00 -14.67
C ARG F 11 14.66 -27.89 -15.91
N GLN F 12 14.17 -29.13 -15.76
CA GLN F 12 14.15 -30.09 -16.86
C GLN F 12 13.12 -29.78 -17.92
N THR F 13 12.02 -29.14 -17.54
CA THR F 13 10.93 -28.91 -18.48
C THR F 13 10.74 -27.43 -18.76
N SER F 14 11.75 -26.65 -18.42
CA SER F 14 11.71 -25.22 -18.68
C SER F 14 11.91 -24.95 -20.16
N ARG F 15 10.96 -24.24 -20.75
CA ARG F 15 11.09 -23.71 -22.10
C ARG F 15 11.08 -22.20 -21.90
N PRO F 16 12.23 -21.65 -21.53
CA PRO F 16 12.40 -20.24 -21.18
C PRO F 16 12.15 -19.35 -22.38
N ASP F 17 12.23 -19.92 -23.57
CA ASP F 17 12.04 -19.17 -24.82
C ASP F 17 10.60 -19.28 -25.31
N VAL F 18 9.77 -20.00 -24.59
CA VAL F 18 8.40 -20.21 -25.04
C VAL F 18 7.38 -19.47 -24.17
N ILE F 19 6.72 -18.49 -24.77
CA ILE F 19 5.68 -17.73 -24.08
C ILE F 19 4.50 -18.64 -23.74
N PRO F 20 4.10 -18.66 -22.47
CA PRO F 20 3.09 -19.62 -22.02
C PRO F 20 1.68 -19.16 -22.33
N THR F 21 1.35 -18.93 -23.60
CA THR F 21 -0.04 -18.57 -23.95
C THR F 21 -0.97 -19.77 -23.75
N GLN F 22 -2.18 -19.50 -23.28
CA GLN F 22 -3.21 -20.53 -23.14
C GLN F 22 -4.39 -20.25 -24.09
N ARG F 23 -4.65 -21.20 -24.99
CA ARG F 23 -5.77 -21.08 -25.93
C ARG F 23 -5.85 -19.71 -26.62
N ASP F 24 -4.77 -19.33 -27.28
CA ASP F 24 -4.63 -18.01 -27.91
C ASP F 24 -5.24 -16.83 -27.16
N ARG F 25 -5.12 -16.86 -25.84
CA ARG F 25 -5.27 -15.66 -25.03
C ARG F 25 -3.87 -15.11 -24.78
N PRO F 26 -3.75 -13.78 -24.56
CA PRO F 26 -2.44 -13.22 -24.21
C PRO F 26 -2.05 -13.62 -22.81
N VAL F 27 -0.75 -13.66 -22.53
CA VAL F 27 -0.27 -13.78 -21.17
C VAL F 27 -0.51 -12.44 -20.50
N ALA F 28 -1.25 -12.46 -19.40
CA ALA F 28 -1.54 -11.24 -18.66
C ALA F 28 -0.37 -10.94 -17.73
N VAL F 29 0.30 -9.83 -17.99
CA VAL F 29 1.42 -9.41 -17.17
C VAL F 29 1.07 -8.15 -16.35
N SER F 30 1.24 -8.22 -15.04
CA SER F 30 1.06 -7.06 -14.19
C SER F 30 2.41 -6.48 -13.89
N VAL F 31 2.50 -5.15 -14.00
CA VAL F 31 3.75 -4.44 -13.76
C VAL F 31 3.49 -3.30 -12.80
N SER F 32 4.44 -3.05 -11.92
CA SER F 32 4.31 -1.99 -10.94
C SER F 32 5.71 -1.59 -10.46
N LEU F 33 5.96 -0.29 -10.39
CA LEU F 33 7.23 0.19 -9.90
C LEU F 33 7.11 0.69 -8.47
N LYS F 34 7.90 0.10 -7.57
CA LYS F 34 8.01 0.61 -6.22
C LYS F 34 9.31 1.40 -6.13
N PHE F 35 9.20 2.71 -6.03
CA PHE F 35 10.37 3.57 -6.02
C PHE F 35 11.10 3.52 -4.68
N ILE F 36 12.41 3.34 -4.77
CA ILE F 36 13.26 3.20 -3.61
C ILE F 36 14.10 4.46 -3.42
N ASN F 37 14.52 5.05 -4.53
CA ASN F 37 15.34 6.24 -4.47
C ASN F 37 15.39 7.01 -5.78
N ILE F 38 15.64 8.31 -5.67
CA ILE F 38 15.91 9.17 -6.81
C ILE F 38 17.29 9.74 -6.56
N LEU F 39 18.26 9.34 -7.37
CA LEU F 39 19.66 9.60 -7.05
C LEU F 39 20.19 10.89 -7.66
N GLU F 40 19.87 11.10 -8.93
CA GLU F 40 20.34 12.28 -9.62
C GLU F 40 19.27 12.80 -10.54
N VAL F 41 19.19 14.11 -10.63
CA VAL F 41 18.21 14.75 -11.46
C VAL F 41 18.91 15.87 -12.21
N ASN F 42 18.58 16.05 -13.47
CA ASN F 42 19.16 17.13 -14.25
C ASN F 42 18.05 17.83 -15.02
N GLU F 43 17.72 19.04 -14.61
CA GLU F 43 16.60 19.78 -15.18
C GLU F 43 16.97 20.39 -16.53
N ILE F 44 18.27 20.54 -16.74
CA ILE F 44 18.79 20.99 -18.03
C ILE F 44 18.61 19.91 -19.07
N THR F 45 19.12 18.71 -18.78
CA THR F 45 19.12 17.60 -19.75
C THR F 45 17.83 16.78 -19.68
N ASN F 46 17.01 17.02 -18.67
CA ASN F 46 15.81 16.22 -18.46
C ASN F 46 16.12 14.73 -18.30
N GLU F 47 17.03 14.41 -17.40
CA GLU F 47 17.41 13.04 -17.15
C GLU F 47 17.31 12.78 -15.67
N VAL F 48 16.88 11.58 -15.30
CA VAL F 48 16.81 11.18 -13.91
C VAL F 48 17.43 9.81 -13.71
N ASP F 49 18.09 9.64 -12.57
CA ASP F 49 18.66 8.37 -12.19
C ASP F 49 17.85 7.81 -11.02
N VAL F 50 17.21 6.67 -11.23
CA VAL F 50 16.24 6.16 -10.27
C VAL F 50 16.49 4.71 -9.84
N VAL F 51 16.14 4.40 -8.59
CA VAL F 51 16.09 3.00 -8.13
C VAL F 51 14.65 2.61 -7.80
N PHE F 52 14.23 1.46 -8.29
CA PHE F 52 12.87 0.98 -8.04
C PHE F 52 12.83 -0.53 -8.10
N TRP F 53 11.86 -1.13 -7.42
CA TRP F 53 11.54 -2.54 -7.60
C TRP F 53 10.55 -2.64 -8.73
N GLN F 54 10.87 -3.46 -9.73
CA GLN F 54 9.96 -3.68 -10.84
C GLN F 54 9.10 -4.91 -10.59
N GLN F 55 8.03 -4.73 -9.84
CA GLN F 55 7.17 -5.85 -9.48
C GLN F 55 6.45 -6.34 -10.72
N THR F 56 6.77 -7.57 -11.12
CA THR F 56 6.25 -8.14 -12.34
C THR F 56 5.57 -9.47 -12.06
N THR F 57 4.38 -9.64 -12.62
CA THR F 57 3.51 -10.75 -12.26
C THR F 57 2.83 -11.36 -13.47
N TRP F 58 2.83 -12.69 -13.52
CA TRP F 58 2.16 -13.41 -14.60
C TRP F 58 2.00 -14.88 -14.24
N SER F 59 1.18 -15.56 -15.02
CA SER F 59 0.90 -16.97 -14.79
C SER F 59 1.53 -17.82 -15.88
N ASP F 60 2.21 -18.91 -15.47
CA ASP F 60 2.75 -19.90 -16.40
C ASP F 60 2.34 -21.30 -15.93
N ARG F 61 1.28 -21.83 -16.52
CA ARG F 61 0.74 -23.13 -16.09
C ARG F 61 1.70 -24.31 -16.27
N THR F 62 2.65 -24.19 -17.18
CA THR F 62 3.62 -25.27 -17.37
C THR F 62 4.52 -25.46 -16.14
N LEU F 63 4.54 -24.48 -15.25
CA LEU F 63 5.35 -24.59 -14.03
C LEU F 63 4.59 -25.23 -12.88
N ALA F 64 3.28 -25.37 -13.02
CA ALA F 64 2.41 -25.80 -11.92
C ALA F 64 2.72 -27.21 -11.45
N TRP F 65 2.43 -27.47 -10.17
CA TRP F 65 2.61 -28.81 -9.62
C TRP F 65 1.56 -29.08 -8.54
N ASN F 66 1.34 -30.36 -8.24
CA ASN F 66 0.42 -30.75 -7.20
C ASN F 66 1.06 -30.51 -5.83
N SER F 67 0.53 -29.56 -5.06
CA SER F 67 1.16 -29.19 -3.79
C SER F 67 0.47 -29.73 -2.55
N SER F 68 -0.39 -30.74 -2.69
CA SER F 68 -1.21 -31.18 -1.55
C SER F 68 -0.38 -31.41 -0.28
N HIS F 69 0.69 -32.18 -0.40
CA HIS F 69 1.65 -32.33 0.71
C HIS F 69 3.07 -32.09 0.22
N SER F 70 3.24 -30.93 -0.41
CA SER F 70 4.51 -30.47 -0.97
C SER F 70 4.62 -28.98 -0.69
N PRO F 71 5.82 -28.42 -0.84
CA PRO F 71 5.99 -26.97 -0.74
C PRO F 71 5.04 -26.25 -1.67
N ASP F 72 4.57 -25.09 -1.24
CA ASP F 72 3.62 -24.26 -1.97
C ASP F 72 4.32 -23.31 -2.96
N GLN F 73 5.58 -23.00 -2.67
CA GLN F 73 6.35 -22.05 -3.46
C GLN F 73 7.84 -22.37 -3.48
N VAL F 74 8.50 -21.95 -4.55
CA VAL F 74 9.94 -22.07 -4.64
C VAL F 74 10.52 -20.83 -5.30
N SER F 75 11.80 -20.59 -5.08
CA SER F 75 12.52 -19.53 -5.77
C SER F 75 13.27 -20.15 -6.91
N VAL F 76 13.18 -19.53 -8.09
CA VAL F 76 13.72 -20.11 -9.31
C VAL F 76 14.57 -19.07 -10.07
N PRO F 77 15.75 -19.48 -10.54
CA PRO F 77 16.52 -18.56 -11.38
C PRO F 77 15.71 -18.21 -12.62
N ILE F 78 15.63 -16.93 -12.98
CA ILE F 78 14.89 -16.54 -14.17
C ILE F 78 15.46 -17.15 -15.44
N SER F 79 16.71 -17.59 -15.40
CA SER F 79 17.30 -18.24 -16.56
C SER F 79 16.58 -19.56 -16.87
N SER F 80 15.84 -20.08 -15.89
CA SER F 80 15.08 -21.33 -16.05
C SER F 80 13.60 -21.08 -16.33
N LEU F 81 13.21 -19.82 -16.49
CA LEU F 81 11.80 -19.49 -16.68
C LEU F 81 11.63 -18.60 -17.89
N TRP F 82 10.47 -18.69 -18.52
CA TRP F 82 10.11 -17.65 -19.47
C TRP F 82 9.79 -16.37 -18.72
N VAL F 83 10.36 -15.27 -19.16
CA VAL F 83 10.07 -13.97 -18.55
C VAL F 83 9.57 -13.01 -19.62
N PRO F 84 8.65 -12.11 -19.25
CA PRO F 84 8.17 -11.11 -20.21
C PRO F 84 9.31 -10.21 -20.66
N ASP F 85 9.35 -9.87 -21.95
CA ASP F 85 10.40 -9.01 -22.49
C ASP F 85 10.08 -7.53 -22.31
N LEU F 86 9.94 -7.12 -21.05
CA LEU F 86 9.60 -5.74 -20.76
C LEU F 86 10.79 -4.80 -20.95
N ALA F 87 10.50 -3.60 -21.43
CA ALA F 87 11.53 -2.58 -21.54
C ALA F 87 10.91 -1.22 -21.28
N ALA F 88 11.69 -0.35 -20.64
CA ALA F 88 11.28 1.04 -20.49
C ALA F 88 11.66 1.78 -21.78
N TYR F 89 10.66 2.31 -22.48
CA TYR F 89 10.86 3.00 -23.75
C TYR F 89 11.73 4.24 -23.63
N ASN F 90 11.67 4.92 -22.50
CA ASN F 90 12.44 6.15 -22.33
C ASN F 90 13.67 6.00 -21.44
N ALA F 91 14.05 4.76 -21.19
CA ALA F 91 15.30 4.48 -20.50
C ALA F 91 16.47 4.90 -21.43
N ILE F 92 17.49 5.51 -20.85
CA ILE F 92 18.67 5.88 -21.60
C ILE F 92 19.92 5.15 -21.11
N SER F 93 19.72 4.17 -20.23
CA SER F 93 20.79 3.27 -19.82
C SER F 93 20.22 1.86 -19.70
N LYS F 94 21.09 0.87 -19.78
CA LYS F 94 20.72 -0.52 -19.50
C LYS F 94 20.20 -0.64 -18.07
N PRO F 95 19.20 -1.50 -17.86
CA PRO F 95 18.76 -1.76 -16.49
C PRO F 95 19.90 -2.34 -15.67
N GLU F 96 20.28 -1.69 -14.57
CA GLU F 96 21.28 -2.28 -13.67
C GLU F 96 20.53 -3.06 -12.59
N VAL F 97 20.53 -4.38 -12.71
CA VAL F 97 19.79 -5.24 -11.76
C VAL F 97 20.60 -5.41 -10.49
N LEU F 98 20.09 -4.90 -9.39
CA LEU F 98 20.86 -4.82 -8.16
C LEU F 98 20.72 -6.08 -7.31
N THR F 99 19.70 -6.89 -7.60
CA THR F 99 19.35 -8.01 -6.74
C THR F 99 19.50 -9.39 -7.41
N PRO F 100 19.59 -10.46 -6.59
CA PRO F 100 19.68 -11.82 -7.14
C PRO F 100 18.54 -12.07 -8.10
N GLN F 101 18.87 -12.65 -9.26
CA GLN F 101 17.88 -12.81 -10.32
C GLN F 101 17.05 -14.10 -10.18
N LEU F 102 16.27 -14.15 -9.11
CA LEU F 102 15.35 -15.25 -8.84
C LEU F 102 13.93 -14.76 -8.86
N ALA F 103 13.01 -15.60 -9.33
CA ALA F 103 11.58 -15.31 -9.26
C ALA F 103 10.94 -16.25 -8.25
N ARG F 104 9.82 -15.84 -7.70
CA ARG F 104 9.08 -16.70 -6.80
C ARG F 104 7.94 -17.35 -7.57
N VAL F 105 7.88 -18.68 -7.51
CA VAL F 105 6.88 -19.42 -8.26
C VAL F 105 5.97 -20.17 -7.30
N VAL F 106 4.67 -19.94 -7.45
CA VAL F 106 3.66 -20.63 -6.65
C VAL F 106 3.21 -21.92 -7.36
N SER F 107 2.75 -22.89 -6.60
CA SER F 107 2.42 -24.21 -7.15
C SER F 107 1.33 -24.18 -8.23
N ASP F 108 0.58 -23.09 -8.32
CA ASP F 108 -0.44 -22.97 -9.34
C ASP F 108 0.11 -22.31 -10.61
N GLY F 109 1.37 -21.94 -10.61
CA GLY F 109 1.99 -21.39 -11.80
C GLY F 109 2.12 -19.88 -11.79
N GLU F 110 1.67 -19.25 -10.73
CA GLU F 110 1.83 -17.79 -10.58
C GLU F 110 3.27 -17.46 -10.30
N VAL F 111 3.78 -16.47 -11.03
CA VAL F 111 5.15 -16.04 -10.88
C VAL F 111 5.22 -14.60 -10.39
N LEU F 112 6.12 -14.34 -9.45
CA LEU F 112 6.43 -13.00 -9.03
C LEU F 112 7.92 -12.76 -9.18
N TYR F 113 8.28 -11.88 -10.11
CA TYR F 113 9.68 -11.45 -10.26
C TYR F 113 9.75 -9.95 -9.91
N MET F 114 10.59 -9.61 -8.94
CA MET F 114 10.61 -8.25 -8.44
C MET F 114 12.03 -7.81 -8.11
N PRO F 115 12.82 -7.59 -9.16
CA PRO F 115 14.20 -7.14 -8.96
C PRO F 115 14.25 -5.67 -8.59
N SER F 116 15.27 -5.28 -7.82
CA SER F 116 15.54 -3.86 -7.64
C SER F 116 16.44 -3.38 -8.78
N ILE F 117 16.04 -2.29 -9.42
CA ILE F 117 16.74 -1.83 -10.60
C ILE F 117 17.14 -0.38 -10.46
N ARG F 118 18.37 -0.07 -10.87
CA ARG F 118 18.80 1.31 -11.08
C ARG F 118 18.89 1.61 -12.57
N GLN F 119 18.28 2.69 -12.98
CA GLN F 119 18.25 3.00 -14.40
C GLN F 119 18.06 4.51 -14.62
N ARG F 120 18.61 5.02 -15.71
CA ARG F 120 18.42 6.42 -16.06
C ARG F 120 17.36 6.59 -17.16
N PHE F 121 16.59 7.65 -17.05
CA PHE F 121 15.51 7.90 -17.97
C PHE F 121 15.54 9.32 -18.50
N SER F 122 14.99 9.49 -19.70
CA SER F 122 14.72 10.78 -20.26
C SER F 122 13.25 11.10 -20.01
N CYS F 123 12.99 12.16 -19.25
CA CYS F 123 11.62 12.54 -18.95
C CYS F 123 11.57 13.98 -18.45
N ASP F 124 10.36 14.47 -18.23
CA ASP F 124 10.16 15.87 -17.89
C ASP F 124 10.58 16.19 -16.46
N VAL F 125 11.68 16.91 -16.31
CA VAL F 125 12.20 17.24 -14.98
C VAL F 125 11.82 18.68 -14.58
N SER F 126 11.31 19.44 -15.53
CA SER F 126 10.87 20.81 -15.23
C SER F 126 9.96 20.87 -14.00
N GLY F 127 10.22 21.85 -13.14
CA GLY F 127 9.40 22.08 -11.95
C GLY F 127 9.83 21.27 -10.74
N VAL F 128 10.91 20.52 -10.89
CA VAL F 128 11.36 19.64 -9.82
C VAL F 128 11.63 20.41 -8.52
N ASP F 129 12.03 21.68 -8.66
CA ASP F 129 12.39 22.49 -7.50
C ASP F 129 11.27 23.44 -7.08
N THR F 130 10.05 23.12 -7.51
CA THR F 130 8.86 23.86 -7.08
C THR F 130 7.99 23.00 -6.17
N GLU F 131 6.92 23.60 -5.63
CA GLU F 131 6.03 22.93 -4.69
C GLU F 131 5.13 21.96 -5.46
N SER F 132 4.94 22.27 -6.73
CA SER F 132 4.13 21.45 -7.60
C SER F 132 4.93 20.22 -8.08
N GLY F 133 6.25 20.35 -8.03
CA GLY F 133 7.16 19.28 -8.43
C GLY F 133 7.16 18.96 -9.92
N ALA F 134 8.02 18.03 -10.30
CA ALA F 134 8.07 17.56 -11.68
C ALA F 134 7.29 16.25 -11.82
N THR F 135 6.87 15.94 -13.04
CA THR F 135 6.20 14.67 -13.31
C THR F 135 6.96 13.92 -14.40
N CYS F 136 7.69 12.90 -13.97
CA CYS F 136 8.47 12.08 -14.86
C CYS F 136 7.67 10.84 -15.26
N ARG F 137 7.38 10.73 -16.55
CA ARG F 137 6.55 9.67 -17.07
C ARG F 137 7.44 8.53 -17.61
N ILE F 138 7.24 7.33 -17.11
CA ILE F 138 8.03 6.16 -17.52
C ILE F 138 7.17 5.11 -18.21
N LYS F 139 7.53 4.76 -19.44
CA LYS F 139 6.72 3.89 -20.27
C LYS F 139 7.34 2.50 -20.41
N ILE F 140 6.61 1.49 -19.91
CA ILE F 140 7.11 0.12 -19.95
C ILE F 140 6.13 -0.83 -20.62
N GLY F 141 6.65 -1.70 -21.48
CA GLY F 141 5.83 -2.69 -22.17
C GLY F 141 6.66 -3.75 -22.85
N SER F 142 6.00 -4.80 -23.35
CA SER F 142 6.69 -5.84 -24.11
C SER F 142 7.33 -5.24 -25.35
N TRP F 143 8.61 -5.55 -25.56
CA TRP F 143 9.30 -5.01 -26.72
C TRP F 143 8.83 -5.66 -28.01
N THR F 144 8.52 -6.95 -27.97
CA THR F 144 8.28 -7.70 -29.20
C THR F 144 6.95 -8.46 -29.23
N HIS F 145 6.23 -8.45 -28.13
CA HIS F 145 4.96 -9.18 -28.11
C HIS F 145 3.77 -8.21 -28.15
N HIS F 146 2.95 -8.34 -29.18
CA HIS F 146 1.76 -7.50 -29.30
C HIS F 146 0.63 -7.96 -28.38
N SER F 147 -0.47 -7.22 -28.42
CA SER F 147 -1.53 -7.34 -27.43
C SER F 147 -2.24 -8.71 -27.41
N ARG F 148 -2.15 -9.48 -28.49
CA ARG F 148 -2.76 -10.79 -28.49
C ARG F 148 -1.84 -11.82 -27.83
N GLU F 149 -0.61 -11.40 -27.54
CA GLU F 149 0.36 -12.28 -26.89
C GLU F 149 0.66 -11.85 -25.47
N ILE F 150 0.86 -10.55 -25.27
CA ILE F 150 1.05 -10.03 -23.92
C ILE F 150 0.17 -8.84 -23.71
N SER F 151 -0.58 -8.86 -22.63
CA SER F 151 -1.24 -7.66 -22.16
C SER F 151 -0.52 -7.19 -20.90
N VAL F 152 -0.39 -5.87 -20.72
CA VAL F 152 0.23 -5.35 -19.51
C VAL F 152 -0.78 -4.54 -18.73
N ASP F 153 -0.77 -4.70 -17.40
CA ASP F 153 -1.78 -4.04 -16.58
C ASP F 153 -1.19 -3.55 -15.28
N PRO F 154 -1.60 -2.35 -14.86
CA PRO F 154 -1.22 -1.89 -13.53
C PRO F 154 -1.91 -2.76 -12.49
N THR F 155 -1.22 -3.08 -11.41
CA THR F 155 -1.87 -3.78 -10.31
C THR F 155 -2.03 -2.85 -9.10
N SER F 162 5.15 5.93 -2.25
CA SER F 162 5.56 4.56 -1.98
C SER F 162 6.21 4.44 -0.60
N GLU F 163 5.98 3.30 0.06
CA GLU F 163 6.40 3.08 1.45
C GLU F 163 7.80 2.49 1.56
N TYR F 164 8.41 2.25 0.42
CA TYR F 164 9.76 1.74 0.40
C TYR F 164 10.74 2.85 -0.02
N PHE F 165 10.22 4.06 -0.19
CA PHE F 165 11.06 5.17 -0.62
C PHE F 165 12.00 5.64 0.49
N SER F 166 13.28 5.79 0.14
CA SER F 166 14.32 6.20 1.09
C SER F 166 14.09 7.59 1.69
N GLN F 167 14.04 7.65 3.00
CA GLN F 167 13.95 8.93 3.73
C GLN F 167 15.22 9.76 3.57
N TYR F 168 16.25 9.19 2.97
CA TYR F 168 17.55 9.86 2.85
C TYR F 168 17.80 10.46 1.48
N SER F 169 16.81 10.34 0.60
CA SER F 169 16.88 10.95 -0.71
C SER F 169 16.77 12.47 -0.57
N ARG F 170 17.30 13.20 -1.54
CA ARG F 170 17.17 14.64 -1.62
C ARG F 170 15.81 15.00 -2.20
N PHE F 171 15.08 13.98 -2.63
CA PHE F 171 13.78 14.21 -3.26
C PHE F 171 12.71 13.50 -2.45
N GLU F 172 11.46 13.93 -2.65
CA GLU F 172 10.31 13.28 -2.06
C GLU F 172 9.26 13.01 -3.13
N ILE F 173 8.49 11.96 -2.93
CA ILE F 173 7.46 11.60 -3.89
C ILE F 173 6.16 12.22 -3.47
N LEU F 174 5.53 12.93 -4.39
CA LEU F 174 4.23 13.56 -4.12
C LEU F 174 3.12 12.61 -4.46
N ASP F 175 3.30 11.89 -5.57
CA ASP F 175 2.27 11.00 -6.09
C ASP F 175 2.79 10.09 -7.19
N VAL F 176 2.23 8.88 -7.24
CA VAL F 176 2.52 7.94 -8.31
C VAL F 176 1.21 7.46 -8.87
N THR F 177 1.06 7.62 -10.18
CA THR F 177 -0.13 7.09 -10.84
C THR F 177 0.28 6.26 -12.04
N GLN F 178 -0.59 5.34 -12.46
CA GLN F 178 -0.27 4.41 -13.54
C GLN F 178 -1.40 4.41 -14.56
N LYS F 179 -1.02 4.35 -15.83
CA LYS F 179 -2.00 4.38 -16.90
C LYS F 179 -1.64 3.30 -17.91
N LYS F 180 -2.64 2.58 -18.41
CA LYS F 180 -2.42 1.57 -19.43
C LYS F 180 -2.67 2.13 -20.82
N ASN F 181 -1.80 1.80 -21.78
CA ASN F 181 -2.00 2.22 -23.16
C ASN F 181 -1.86 1.07 -24.15
N SER F 182 -2.46 1.26 -25.31
CA SER F 182 -2.32 0.31 -26.40
C SER F 182 -1.91 1.09 -27.65
N VAL F 183 -0.71 0.83 -28.16
CA VAL F 183 -0.15 1.67 -29.21
C VAL F 183 0.22 0.88 -30.46
N THR F 184 -0.06 1.47 -31.61
CA THR F 184 0.38 0.93 -32.88
C THR F 184 1.68 1.64 -33.28
N TYR F 185 2.66 0.88 -33.75
CA TYR F 185 3.92 1.44 -34.25
C TYR F 185 4.03 1.25 -35.76
N SER F 186 4.70 2.19 -36.43
CA SER F 186 4.68 2.19 -37.89
C SER F 186 5.32 0.93 -38.50
N CYS F 187 6.15 0.25 -37.73
CA CYS F 187 6.80 -0.96 -38.19
C CYS F 187 5.83 -2.12 -38.41
N CYS F 188 4.70 -2.09 -37.71
CA CYS F 188 3.91 -3.31 -37.52
C CYS F 188 2.43 -2.99 -37.44
N PRO F 189 1.59 -3.94 -37.90
CA PRO F 189 0.14 -3.75 -37.93
C PRO F 189 -0.53 -3.89 -36.54
N GLU F 190 0.15 -4.54 -35.59
CA GLU F 190 -0.53 -4.89 -34.34
C GLU F 190 -0.30 -3.87 -33.24
N ALA F 191 -1.18 -3.87 -32.27
CA ALA F 191 -1.05 -2.97 -31.14
C ALA F 191 -0.21 -3.62 -30.05
N TYR F 192 0.65 -2.83 -29.42
CA TYR F 192 1.45 -3.26 -28.29
C TYR F 192 1.07 -2.47 -27.05
N GLU F 193 0.88 -3.18 -25.95
CA GLU F 193 0.42 -2.54 -24.73
C GLU F 193 1.59 -2.05 -23.89
N ASP F 194 1.32 -1.02 -23.09
CA ASP F 194 2.32 -0.51 -22.16
C ASP F 194 1.63 0.04 -20.93
N VAL F 195 2.40 0.15 -19.86
CA VAL F 195 1.98 0.90 -18.69
C VAL F 195 2.82 2.18 -18.60
N GLU F 196 2.17 3.31 -18.42
CA GLU F 196 2.89 4.56 -18.16
C GLU F 196 2.79 4.89 -16.68
N VAL F 197 3.95 4.94 -16.03
CA VAL F 197 3.99 5.29 -14.63
C VAL F 197 4.41 6.75 -14.50
N SER F 198 3.55 7.56 -13.89
CA SER F 198 3.83 8.97 -13.70
C SER F 198 4.30 9.23 -12.28
N LEU F 199 5.56 9.61 -12.18
CA LEU F 199 6.21 9.87 -10.91
C LEU F 199 6.22 11.37 -10.65
N ASN F 200 5.41 11.80 -9.69
CA ASN F 200 5.33 13.20 -9.34
C ASN F 200 6.20 13.44 -8.11
N PHE F 201 7.29 14.17 -8.29
CA PHE F 201 8.26 14.32 -7.23
C PHE F 201 8.85 15.75 -7.22
N ARG F 202 9.41 16.13 -6.08
CA ARG F 202 10.09 17.42 -5.98
C ARG F 202 11.34 17.32 -5.12
N LYS F 203 12.20 18.32 -5.22
CA LYS F 203 13.36 18.46 -4.36
C LYS F 203 12.89 18.89 -2.98
N LYS F 204 13.45 18.26 -1.94
CA LYS F 204 13.10 18.62 -0.56
C LYS F 204 13.48 20.07 -0.25
N LEU G 1 38.85 -40.88 0.78
CA LEU G 1 38.54 -39.82 -0.19
C LEU G 1 39.67 -38.80 -0.23
N ASP G 2 39.95 -38.30 -1.42
CA ASP G 2 40.86 -37.19 -1.55
C ASP G 2 40.12 -35.97 -2.05
N ARG G 3 40.81 -34.84 -2.15
CA ARG G 3 40.17 -33.60 -2.59
C ARG G 3 39.47 -33.75 -3.93
N ALA G 4 40.13 -34.42 -4.88
CA ALA G 4 39.54 -34.60 -6.20
C ALA G 4 38.19 -35.30 -6.13
N ASP G 5 38.12 -36.38 -5.33
CA ASP G 5 36.87 -37.10 -5.13
C ASP G 5 35.76 -36.21 -4.55
N ILE G 6 36.08 -35.53 -3.45
CA ILE G 6 35.14 -34.67 -2.75
C ILE G 6 34.55 -33.59 -3.66
N LEU G 7 35.43 -32.92 -4.39
CA LEU G 7 34.99 -31.86 -5.31
C LEU G 7 34.19 -32.40 -6.46
N TYR G 8 34.59 -33.56 -6.96
CA TYR G 8 33.80 -34.29 -7.96
C TYR G 8 32.39 -34.56 -7.43
N ASN G 9 32.31 -35.13 -6.24
CA ASN G 9 31.02 -35.51 -5.68
C ASN G 9 30.11 -34.31 -5.49
N ILE G 10 30.71 -33.20 -5.06
CA ILE G 10 29.97 -31.98 -4.83
C ILE G 10 29.48 -31.39 -6.15
N ARG G 11 30.38 -31.30 -7.12
CA ARG G 11 30.03 -30.77 -8.41
C ARG G 11 28.88 -31.58 -9.01
N GLN G 12 28.97 -32.90 -8.89
CA GLN G 12 27.97 -33.78 -9.48
C GLN G 12 26.60 -33.78 -8.77
N THR G 13 26.54 -33.45 -7.48
CA THR G 13 25.28 -33.59 -6.72
C THR G 13 24.84 -32.44 -5.82
N SER G 14 25.55 -31.31 -5.86
CA SER G 14 25.31 -30.19 -4.96
C SER G 14 23.87 -29.66 -4.93
N ARG G 15 23.25 -29.51 -6.11
CA ARG G 15 21.91 -28.91 -6.20
C ARG G 15 21.90 -27.44 -5.81
N PRO G 16 22.58 -26.59 -6.59
CA PRO G 16 22.80 -25.16 -6.27
C PRO G 16 21.51 -24.34 -6.26
N ASP G 17 20.46 -24.84 -6.90
CA ASP G 17 19.21 -24.12 -7.00
C ASP G 17 18.24 -24.57 -5.92
N VAL G 18 18.65 -25.54 -5.11
CA VAL G 18 17.78 -26.07 -4.09
C VAL G 18 18.18 -25.64 -2.69
N ILE G 19 17.33 -24.83 -2.06
CA ILE G 19 17.56 -24.44 -0.67
C ILE G 19 17.52 -25.67 0.26
N PRO G 20 18.54 -25.83 1.10
CA PRO G 20 18.69 -27.03 1.92
C PRO G 20 17.88 -26.99 3.21
N THR G 21 16.58 -26.83 3.06
CA THR G 21 15.67 -27.02 4.17
C THR G 21 15.83 -28.44 4.69
N GLN G 22 16.00 -28.58 6.00
CA GLN G 22 16.13 -29.89 6.65
C GLN G 22 14.78 -30.36 7.21
N ARG G 25 11.35 -26.30 8.17
CA ARG G 25 12.30 -25.56 9.01
C ARG G 25 13.31 -24.72 8.19
N PRO G 26 13.56 -23.48 8.62
CA PRO G 26 14.38 -22.56 7.83
C PRO G 26 15.88 -22.85 7.90
N VAL G 27 16.58 -22.55 6.82
CA VAL G 27 18.03 -22.55 6.83
C VAL G 27 18.48 -21.35 7.66
N ALA G 28 19.22 -21.62 8.72
CA ALA G 28 19.76 -20.57 9.55
C ALA G 28 21.00 -19.98 8.88
N VAL G 29 20.91 -18.72 8.51
CA VAL G 29 22.04 -18.01 7.91
C VAL G 29 22.57 -16.92 8.82
N SER G 30 23.86 -16.97 9.13
CA SER G 30 24.50 -15.92 9.92
C SER G 30 25.17 -14.96 8.98
N VAL G 31 24.98 -13.67 9.22
CA VAL G 31 25.58 -12.64 8.41
C VAL G 31 26.28 -11.66 9.31
N SER G 32 27.42 -11.17 8.83
CA SER G 32 28.24 -10.25 9.60
C SER G 32 29.14 -9.47 8.65
N LEU G 33 29.17 -8.15 8.80
CA LEU G 33 30.00 -7.31 7.96
C LEU G 33 31.27 -6.92 8.70
N LYS G 34 32.42 -7.22 8.11
CA LYS G 34 33.69 -6.74 8.66
C LYS G 34 34.16 -5.60 7.77
N PHE G 35 34.10 -4.38 8.28
CA PHE G 35 34.41 -3.23 7.46
C PHE G 35 35.91 -3.07 7.24
N ILE G 36 36.29 -2.85 5.98
CA ILE G 36 37.68 -2.76 5.60
C ILE G 36 38.04 -1.31 5.28
N ASN G 37 37.10 -0.60 4.67
CA ASN G 37 37.34 0.76 4.26
C ASN G 37 36.05 1.54 3.98
N ILE G 38 36.15 2.85 4.13
CA ILE G 38 35.11 3.77 3.73
C ILE G 38 35.75 4.73 2.73
N LEU G 39 35.36 4.62 1.47
CA LEU G 39 36.11 5.26 0.39
C LEU G 39 35.61 6.64 0.05
N GLU G 40 34.30 6.77 -0.04
CA GLU G 40 33.71 8.05 -0.38
C GLU G 40 32.43 8.27 0.40
N VAL G 41 32.23 9.50 0.82
CA VAL G 41 31.07 9.85 1.59
C VAL G 41 30.54 11.15 1.02
N ASN G 42 29.22 11.27 0.92
CA ASN G 42 28.60 12.48 0.44
C ASN G 42 27.45 12.85 1.37
N GLU G 43 27.64 13.87 2.21
CA GLU G 43 26.62 14.24 3.19
C GLU G 43 25.44 14.90 2.49
N ILE G 44 25.70 15.56 1.38
CA ILE G 44 24.62 16.18 0.63
C ILE G 44 23.64 15.13 0.12
N THR G 45 24.17 14.13 -0.57
CA THR G 45 23.37 13.08 -1.18
C THR G 45 23.05 11.92 -0.26
N ASN G 46 23.68 11.88 0.90
CA ASN G 46 23.54 10.74 1.81
C ASN G 46 23.91 9.42 1.15
N GLU G 47 25.08 9.39 0.53
CA GLU G 47 25.56 8.17 -0.10
C GLU G 47 26.96 7.85 0.39
N VAL G 48 27.23 6.57 0.61
CA VAL G 48 28.55 6.14 1.06
C VAL G 48 29.06 5.00 0.18
N ASP G 49 30.38 4.97 -0.02
CA ASP G 49 31.02 3.93 -0.81
C ASP G 49 31.90 3.14 0.15
N VAL G 50 31.59 1.85 0.31
CA VAL G 50 32.19 1.04 1.36
C VAL G 50 32.78 -0.29 0.88
N VAL G 51 33.86 -0.72 1.53
CA VAL G 51 34.42 -2.05 1.32
C VAL G 51 34.27 -2.86 2.60
N PHE G 52 33.74 -4.07 2.47
CA PHE G 52 33.55 -4.92 3.64
C PHE G 52 33.57 -6.40 3.25
N TRP G 53 33.96 -7.25 4.20
CA TRP G 53 33.83 -8.69 4.03
C TRP G 53 32.42 -9.07 4.46
N GLN G 54 31.70 -9.78 3.60
CA GLN G 54 30.36 -10.19 3.94
C GLN G 54 30.39 -11.63 4.43
N GLN G 55 30.75 -11.78 5.70
CA GLN G 55 30.90 -13.10 6.29
C GLN G 55 29.55 -13.80 6.38
N THR G 56 29.39 -14.86 5.60
CA THR G 56 28.10 -15.53 5.46
C THR G 56 28.22 -17.02 5.79
N THR G 57 27.31 -17.50 6.62
CA THR G 57 27.43 -18.83 7.19
C THR G 57 26.11 -19.61 7.21
N TRP G 58 26.16 -20.86 6.78
CA TRP G 58 24.99 -21.72 6.84
C TRP G 58 25.40 -23.16 6.69
N SER G 59 24.45 -24.05 6.89
CA SER G 59 24.69 -25.49 6.82
C SER G 59 23.93 -26.10 5.63
N ASP G 60 24.62 -26.93 4.85
CA ASP G 60 24.00 -27.69 3.77
C ASP G 60 24.44 -29.15 3.85
N ARG G 61 23.58 -29.99 4.44
CA ARG G 61 23.94 -31.38 4.71
C ARG G 61 24.19 -32.18 3.44
N THR G 62 23.63 -31.75 2.32
CA THR G 62 23.85 -32.50 1.07
C THR G 62 25.29 -32.41 0.62
N LEU G 63 26.06 -31.51 1.21
CA LEU G 63 27.49 -31.40 0.88
C LEU G 63 28.38 -32.31 1.76
N ALA G 64 27.82 -32.83 2.84
CA ALA G 64 28.60 -33.52 3.86
C ALA G 64 29.28 -34.78 3.32
N TRP G 65 30.44 -35.13 3.90
CA TRP G 65 31.10 -36.39 3.56
C TRP G 65 31.76 -36.99 4.79
N ASN G 66 32.11 -38.27 4.71
CA ASN G 66 32.80 -38.95 5.80
C ASN G 66 34.27 -38.54 5.76
N SER G 67 34.73 -37.80 6.77
CA SER G 67 36.11 -37.29 6.74
C SER G 67 37.08 -38.14 7.56
N SER G 68 36.74 -39.40 7.71
CA SER G 68 37.65 -40.38 8.27
C SER G 68 38.67 -40.68 7.17
N HIS G 69 39.96 -40.53 7.48
CA HIS G 69 41.02 -40.66 6.49
C HIS G 69 40.94 -39.61 5.38
N SER G 70 40.16 -38.55 5.58
CA SER G 70 39.96 -37.60 4.49
C SER G 70 40.15 -36.15 4.94
N PRO G 71 40.35 -35.25 3.96
CA PRO G 71 40.37 -33.80 4.23
C PRO G 71 39.11 -33.36 4.96
N ASP G 72 39.27 -32.41 5.88
CA ASP G 72 38.19 -31.94 6.74
C ASP G 72 37.44 -30.81 6.04
N GLN G 73 38.11 -30.16 5.09
CA GLN G 73 37.56 -28.98 4.42
C GLN G 73 38.06 -28.86 2.99
N VAL G 74 37.26 -28.23 2.16
CA VAL G 74 37.67 -27.88 0.81
C VAL G 74 37.15 -26.48 0.41
N SER G 75 37.81 -25.88 -0.57
CA SER G 75 37.31 -24.66 -1.14
C SER G 75 36.52 -25.02 -2.40
N VAL G 76 35.35 -24.42 -2.57
CA VAL G 76 34.44 -24.76 -3.65
C VAL G 76 33.93 -23.50 -4.35
N PRO G 77 33.94 -23.51 -5.69
CA PRO G 77 33.33 -22.40 -6.43
C PRO G 77 31.84 -22.27 -6.04
N ILE G 78 31.38 -21.07 -5.72
CA ILE G 78 29.97 -20.90 -5.35
C ILE G 78 29.01 -21.27 -6.47
N SER G 79 29.52 -21.35 -7.69
CA SER G 79 28.70 -21.76 -8.80
C SER G 79 28.29 -23.22 -8.64
N SER G 80 29.02 -23.95 -7.81
CA SER G 80 28.71 -25.35 -7.55
C SER G 80 27.94 -25.56 -6.26
N LEU G 81 27.51 -24.48 -5.62
CA LEU G 81 26.83 -24.57 -4.33
C LEU G 81 25.59 -23.73 -4.33
N TRP G 82 24.61 -24.13 -3.51
CA TRP G 82 23.50 -23.23 -3.24
C TRP G 82 23.99 -22.15 -2.32
N VAL G 83 23.66 -20.91 -2.65
CA VAL G 83 24.05 -19.78 -1.82
C VAL G 83 22.79 -18.99 -1.50
N PRO G 84 22.74 -18.40 -0.29
CA PRO G 84 21.60 -17.57 0.10
C PRO G 84 21.49 -16.37 -0.82
N ASP G 85 20.27 -16.02 -1.25
CA ASP G 85 20.06 -14.88 -2.13
C ASP G 85 20.00 -13.55 -1.36
N LEU G 86 21.08 -13.23 -0.65
CA LEU G 86 21.13 -12.02 0.16
C LEU G 86 21.26 -10.76 -0.71
N ALA G 87 20.59 -9.69 -0.27
CA ALA G 87 20.75 -8.40 -0.92
C ALA G 87 20.68 -7.29 0.10
N ALA G 88 21.47 -6.25 -0.13
CA ALA G 88 21.36 -5.03 0.68
C ALA G 88 20.25 -4.19 0.12
N TYR G 89 19.22 -3.98 0.93
CA TYR G 89 18.05 -3.21 0.52
C TYR G 89 18.35 -1.77 0.10
N ASN G 90 19.32 -1.14 0.76
CA ASN G 90 19.61 0.26 0.49
C ASN G 90 20.90 0.44 -0.33
N ALA G 91 21.37 -0.64 -0.94
CA ALA G 91 22.47 -0.54 -1.89
C ALA G 91 22.00 0.20 -3.13
N ILE G 92 22.84 1.07 -3.66
CA ILE G 92 22.50 1.81 -4.86
C ILE G 92 23.42 1.48 -6.04
N SER G 93 24.22 0.45 -5.87
CA SER G 93 25.07 -0.08 -6.93
C SER G 93 25.13 -1.61 -6.76
N LYS G 94 25.43 -2.30 -7.85
CA LYS G 94 25.66 -3.75 -7.81
C LYS G 94 26.81 -4.03 -6.86
N PRO G 95 26.74 -5.13 -6.11
CA PRO G 95 27.90 -5.56 -5.31
C PRO G 95 29.08 -5.78 -6.23
N GLU G 96 30.20 -5.09 -6.00
CA GLU G 96 31.42 -5.39 -6.73
C GLU G 96 32.21 -6.38 -5.90
N VAL G 97 32.25 -7.64 -6.33
CA VAL G 97 32.98 -8.68 -5.61
C VAL G 97 34.46 -8.65 -5.94
N LEU G 98 35.26 -8.34 -4.93
CA LEU G 98 36.69 -8.08 -5.14
C LEU G 98 37.55 -9.33 -5.09
N THR G 99 37.00 -10.41 -4.54
CA THR G 99 37.78 -11.61 -4.23
C THR G 99 37.30 -12.83 -4.99
N PRO G 100 38.16 -13.86 -5.11
CA PRO G 100 37.79 -15.11 -5.78
C PRO G 100 36.50 -15.66 -5.19
N GLN G 101 35.59 -16.11 -6.03
CA GLN G 101 34.28 -16.54 -5.57
C GLN G 101 34.23 -18.00 -5.13
N LEU G 102 34.92 -18.31 -4.05
CA LEU G 102 34.99 -19.64 -3.51
C LEU G 102 34.42 -19.60 -2.10
N ALA G 103 33.77 -20.68 -1.68
CA ALA G 103 33.34 -20.84 -0.30
C ALA G 103 34.13 -21.95 0.34
N ARG G 104 34.25 -21.91 1.65
CA ARG G 104 34.92 -22.95 2.39
C ARG G 104 33.86 -23.89 2.95
N VAL G 105 33.96 -25.16 2.60
CA VAL G 105 32.99 -26.16 3.02
C VAL G 105 33.65 -27.17 3.95
N VAL G 106 33.06 -27.35 5.14
CA VAL G 106 33.56 -28.33 6.11
C VAL G 106 32.84 -29.67 5.86
N SER G 107 33.46 -30.77 6.30
CA SER G 107 32.95 -32.11 6.00
C SER G 107 31.56 -32.39 6.59
N ASP G 108 31.11 -31.57 7.54
CA ASP G 108 29.79 -31.75 8.14
C ASP G 108 28.72 -30.94 7.40
N GLY G 109 29.13 -30.22 6.36
CA GLY G 109 28.21 -29.44 5.55
C GLY G 109 28.14 -27.96 5.90
N GLU G 110 28.91 -27.53 6.90
CA GLU G 110 29.01 -26.10 7.22
C GLU G 110 29.73 -25.34 6.10
N VAL G 111 29.16 -24.21 5.70
CA VAL G 111 29.73 -23.41 4.63
C VAL G 111 30.11 -22.04 5.16
N LEU G 112 31.27 -21.55 4.76
CA LEU G 112 31.65 -20.18 5.02
C LEU G 112 31.96 -19.49 3.69
N TYR G 113 31.17 -18.49 3.34
CA TYR G 113 31.44 -17.66 2.16
C TYR G 113 31.69 -16.25 2.68
N MET G 114 32.83 -15.67 2.35
CA MET G 114 33.21 -14.38 2.90
C MET G 114 33.96 -13.55 1.85
N PRO G 115 33.23 -13.07 0.84
CA PRO G 115 33.87 -12.25 -0.19
C PRO G 115 34.11 -10.84 0.33
N SER G 116 35.12 -10.17 -0.20
CA SER G 116 35.25 -8.75 0.02
C SER G 116 34.44 -8.01 -1.04
N ILE G 117 33.63 -7.06 -0.59
CA ILE G 117 32.71 -6.37 -1.48
C ILE G 117 32.84 -4.86 -1.36
N ARG G 118 32.88 -4.20 -2.51
CA ARG G 118 32.75 -2.76 -2.58
C ARG G 118 31.36 -2.41 -3.12
N GLN G 119 30.64 -1.58 -2.39
CA GLN G 119 29.28 -1.26 -2.78
C GLN G 119 28.86 0.12 -2.26
N ARG G 120 28.00 0.80 -3.00
CA ARG G 120 27.50 2.10 -2.55
C ARG G 120 26.11 1.97 -1.95
N PHE G 121 25.86 2.74 -0.90
CA PHE G 121 24.60 2.69 -0.17
C PHE G 121 24.00 4.05 0.02
N SER G 122 22.68 4.06 0.15
CA SER G 122 21.95 5.26 0.52
C SER G 122 21.66 5.14 2.01
N CYS G 123 22.16 6.08 2.80
CA CYS G 123 21.96 6.02 4.25
C CYS G 123 22.28 7.36 4.88
N ASP G 124 22.10 7.45 6.19
CA ASP G 124 22.23 8.72 6.89
C ASP G 124 23.69 9.10 7.10
N VAL G 125 24.13 10.11 6.39
CA VAL G 125 25.51 10.55 6.48
C VAL G 125 25.65 11.80 7.36
N SER G 126 24.53 12.39 7.74
CA SER G 126 24.54 13.57 8.60
C SER G 126 25.37 13.34 9.87
N GLY G 127 26.15 14.34 10.25
CA GLY G 127 26.96 14.25 11.45
C GLY G 127 28.32 13.61 11.24
N VAL G 128 28.62 13.21 10.01
CA VAL G 128 29.86 12.49 9.73
C VAL G 128 31.11 13.28 10.14
N ASP G 129 31.01 14.61 10.09
CA ASP G 129 32.14 15.45 10.42
C ASP G 129 32.08 16.01 11.84
N THR G 130 31.32 15.34 12.70
CA THR G 130 31.24 15.73 14.10
C THR G 130 31.90 14.67 14.94
N GLU G 131 32.08 14.98 16.23
CA GLU G 131 32.66 14.03 17.16
C GLU G 131 31.68 12.87 17.38
N SER G 132 30.40 13.16 17.19
CA SER G 132 29.37 12.15 17.36
C SER G 132 29.31 11.21 16.13
N GLY G 133 29.78 11.72 15.00
CA GLY G 133 29.82 10.95 13.78
C GLY G 133 28.46 10.70 13.16
N ALA G 134 28.46 10.07 12.00
CA ALA G 134 27.23 9.67 11.34
C ALA G 134 26.93 8.20 11.63
N THR G 135 25.67 7.81 11.49
CA THR G 135 25.30 6.41 11.62
C THR G 135 24.61 5.91 10.36
N CYS G 136 25.36 5.15 9.56
CA CYS G 136 24.85 4.61 8.31
C CYS G 136 24.32 3.19 8.53
N ARG G 137 23.01 3.04 8.34
CA ARG G 137 22.31 1.80 8.57
C ARG G 137 22.19 0.98 7.28
N ILE G 138 22.72 -0.25 7.30
CA ILE G 138 22.70 -1.12 6.13
C ILE G 138 21.85 -2.36 6.35
N LYS G 139 20.86 -2.56 5.48
CA LYS G 139 19.84 -3.60 5.66
C LYS G 139 20.04 -4.75 4.67
N ILE G 140 20.33 -5.93 5.20
CA ILE G 140 20.60 -7.10 4.37
C ILE G 140 19.71 -8.27 4.76
N GLY G 141 19.13 -8.92 3.75
CA GLY G 141 18.30 -10.10 3.97
C GLY G 141 18.04 -10.86 2.68
N SER G 142 17.40 -12.02 2.81
CA SER G 142 17.05 -12.82 1.64
C SER G 142 16.06 -12.07 0.77
N TRP G 143 16.32 -12.02 -0.53
CA TRP G 143 15.47 -11.28 -1.41
C TRP G 143 14.14 -11.98 -1.64
N THR G 144 14.18 -13.31 -1.71
CA THR G 144 12.99 -14.07 -2.12
C THR G 144 12.54 -15.16 -1.14
N HIS G 145 13.34 -15.42 -0.10
CA HIS G 145 12.99 -16.48 0.85
C HIS G 145 12.48 -15.89 2.16
N HIS G 146 11.22 -16.19 2.48
CA HIS G 146 10.63 -15.70 3.73
C HIS G 146 11.15 -16.45 4.95
N SER G 147 10.63 -16.10 6.12
CA SER G 147 11.20 -16.55 7.38
C SER G 147 11.10 -18.05 7.66
N ARG G 148 10.17 -18.74 7.00
CA ARG G 148 10.08 -20.19 7.17
C ARG G 148 11.11 -20.94 6.31
N GLU G 149 11.80 -20.19 5.46
CA GLU G 149 12.79 -20.76 4.54
C GLU G 149 14.20 -20.27 4.85
N ILE G 150 14.32 -18.97 5.11
CA ILE G 150 15.60 -18.43 5.57
C ILE G 150 15.41 -17.55 6.79
N SER G 151 16.16 -17.83 7.84
CA SER G 151 16.27 -16.88 8.93
C SER G 151 17.68 -16.27 8.89
N VAL G 152 17.79 -14.98 9.16
CA VAL G 152 19.10 -14.34 9.18
C VAL G 152 19.42 -13.98 10.60
N ASP G 153 20.56 -14.45 11.07
CA ASP G 153 20.97 -14.03 12.40
C ASP G 153 22.26 -13.24 12.38
N PRO G 154 22.27 -12.12 13.11
CA PRO G 154 23.52 -11.38 13.26
C PRO G 154 24.46 -12.20 14.13
N THR G 155 25.75 -12.13 13.87
CA THR G 155 26.71 -12.55 14.87
C THR G 155 27.79 -11.50 14.88
N THR G 156 28.34 -11.25 16.05
CA THR G 156 29.47 -10.36 16.14
C THR G 156 30.60 -11.10 16.83
N GLU G 157 31.83 -10.75 16.50
CA GLU G 157 32.97 -11.21 17.27
C GLU G 157 33.07 -10.35 18.53
N ASN G 158 33.74 -10.88 19.54
CA ASN G 158 33.93 -10.14 20.78
C ASN G 158 34.99 -9.05 20.58
N SER G 159 35.91 -9.33 19.67
CA SER G 159 36.95 -8.39 19.26
C SER G 159 36.44 -7.08 18.65
N ASP G 160 37.36 -6.22 18.25
CA ASP G 160 37.05 -4.85 17.84
C ASP G 160 36.40 -4.74 16.46
N ASP G 161 35.49 -3.77 16.36
CA ASP G 161 34.89 -3.38 15.09
C ASP G 161 35.84 -2.43 14.36
N SER G 162 37.00 -2.94 13.94
CA SER G 162 38.00 -2.08 13.31
C SER G 162 39.30 -2.85 13.11
N GLU G 163 39.31 -4.07 13.62
CA GLU G 163 40.47 -4.96 13.48
C GLU G 163 41.00 -4.98 12.03
N TYR G 164 40.10 -5.12 11.07
CA TYR G 164 40.50 -5.19 9.67
C TYR G 164 40.32 -3.87 8.95
N PHE G 165 39.92 -2.85 9.68
CA PHE G 165 39.71 -1.55 9.05
C PHE G 165 41.01 -0.85 8.70
N SER G 166 41.08 -0.33 7.49
CA SER G 166 42.29 0.31 6.98
C SER G 166 42.67 1.57 7.76
N GLN G 167 43.90 1.60 8.24
CA GLN G 167 44.45 2.78 8.91
C GLN G 167 44.64 3.93 7.92
N TYR G 168 44.47 3.66 6.63
CA TYR G 168 44.72 4.67 5.61
C TYR G 168 43.46 5.36 5.06
N SER G 169 42.31 4.95 5.58
CA SER G 169 41.04 5.62 5.29
C SER G 169 41.03 7.04 5.87
N ARG G 170 40.21 7.91 5.30
CA ARG G 170 39.99 9.26 5.84
C ARG G 170 38.96 9.24 6.95
N PHE G 171 38.37 8.08 7.20
CA PHE G 171 37.34 7.94 8.22
C PHE G 171 37.75 6.92 9.28
N GLU G 172 37.12 7.00 10.44
CA GLU G 172 37.32 6.00 11.49
C GLU G 172 35.99 5.48 11.96
N ILE G 173 35.99 4.23 12.43
CA ILE G 173 34.77 3.62 12.91
C ILE G 173 34.65 3.81 14.41
N LEU G 174 33.52 4.35 14.84
CA LEU G 174 33.28 4.58 16.26
C LEU G 174 32.62 3.36 16.88
N ASP G 175 31.71 2.75 16.12
CA ASP G 175 30.96 1.62 16.62
C ASP G 175 30.20 0.91 15.51
N VAL G 176 30.08 -0.41 15.64
CA VAL G 176 29.24 -1.19 14.74
C VAL G 176 28.27 -2.03 15.56
N THR G 177 26.97 -1.89 15.31
CA THR G 177 25.99 -2.72 15.96
C THR G 177 25.07 -3.36 14.93
N GLN G 178 24.46 -4.47 15.32
CA GLN G 178 23.64 -5.24 14.40
C GLN G 178 22.29 -5.53 15.05
N LYS G 179 21.25 -5.49 14.25
CA LYS G 179 19.90 -5.72 14.75
C LYS G 179 19.20 -6.64 13.77
N LYS G 180 18.40 -7.57 14.28
CA LYS G 180 17.62 -8.45 13.43
C LYS G 180 16.18 -7.93 13.30
N ASN G 181 15.62 -8.00 12.09
CA ASN G 181 14.23 -7.63 11.89
C ASN G 181 13.46 -8.67 11.08
N SER G 182 12.16 -8.65 11.25
CA SER G 182 11.27 -9.49 10.48
C SER G 182 10.19 -8.58 9.88
N VAL G 183 10.14 -8.46 8.56
CA VAL G 183 9.28 -7.49 7.93
C VAL G 183 8.31 -8.11 6.93
N THR G 184 7.08 -7.63 6.94
CA THR G 184 6.09 -8.00 5.94
C THR G 184 6.05 -6.95 4.84
N TYR G 185 6.03 -7.38 3.58
CA TYR G 185 6.00 -6.46 2.46
C TYR G 185 4.65 -6.57 1.76
N SER G 186 4.19 -5.47 1.16
CA SER G 186 2.82 -5.44 0.66
C SER G 186 2.58 -6.45 -0.46
N CYS G 187 3.67 -6.91 -1.09
CA CYS G 187 3.56 -7.86 -2.20
C CYS G 187 3.14 -9.24 -1.71
N CYS G 188 3.39 -9.54 -0.45
CA CYS G 188 3.39 -10.93 -0.04
C CYS G 188 2.93 -11.07 1.37
N PRO G 189 2.30 -12.21 1.69
CA PRO G 189 1.72 -12.45 3.02
C PRO G 189 2.76 -12.79 4.08
N GLU G 190 3.95 -13.17 3.66
CA GLU G 190 4.93 -13.68 4.59
C GLU G 190 5.91 -12.62 5.13
N ALA G 191 6.51 -12.93 6.27
CA ALA G 191 7.55 -12.10 6.83
C ALA G 191 8.92 -12.52 6.30
N TYR G 192 9.75 -11.53 5.97
CA TYR G 192 11.10 -11.77 5.51
C TYR G 192 12.05 -11.16 6.53
N GLU G 193 13.07 -11.91 6.91
CA GLU G 193 14.03 -11.44 7.90
C GLU G 193 15.17 -10.63 7.28
N ASP G 194 15.74 -9.76 8.08
CA ASP G 194 16.91 -9.01 7.66
C ASP G 194 17.78 -8.73 8.87
N VAL G 195 19.04 -8.42 8.59
CA VAL G 195 19.93 -7.87 9.60
C VAL G 195 20.21 -6.43 9.21
N GLU G 196 20.08 -5.52 10.18
CA GLU G 196 20.48 -4.13 9.99
C GLU G 196 21.81 -3.89 10.69
N VAL G 197 22.80 -3.51 9.91
CA VAL G 197 24.10 -3.21 10.46
C VAL G 197 24.27 -1.71 10.55
N SER G 198 24.41 -1.21 11.77
CA SER G 198 24.57 0.23 11.99
C SER G 198 26.05 0.59 12.12
N LEU G 199 26.55 1.28 11.10
CA LEU G 199 27.94 1.72 11.05
C LEU G 199 28.07 3.15 11.57
N ASN G 200 28.66 3.31 12.76
CA ASN G 200 28.88 4.63 13.33
C ASN G 200 30.31 5.07 13.05
N PHE G 201 30.46 6.08 12.21
CA PHE G 201 31.78 6.50 11.77
C PHE G 201 31.86 8.01 11.65
N ARG G 202 33.09 8.54 11.66
CA ARG G 202 33.29 9.96 11.46
C ARG G 202 34.55 10.21 10.62
N LYS G 203 34.66 11.42 10.09
CA LYS G 203 35.86 11.87 9.41
C LYS G 203 36.97 12.07 10.45
N LYS G 204 38.18 11.62 10.14
CA LYS G 204 39.31 11.83 11.03
C LYS G 204 39.65 13.32 11.18
N GLY G 205 40.14 13.71 12.37
CA GLY G 205 40.55 15.08 12.63
C GLY G 205 41.69 15.53 11.74
N LEU H 1 0.82 -26.81 -35.73
CA LEU H 1 1.97 -26.37 -34.94
C LEU H 1 1.57 -25.30 -33.94
N ASP H 2 2.12 -25.37 -32.73
CA ASP H 2 1.92 -24.28 -31.78
C ASP H 2 3.25 -23.56 -31.56
N ARG H 3 3.23 -22.48 -30.80
CA ARG H 3 4.44 -21.70 -30.54
C ARG H 3 5.60 -22.54 -30.03
N ALA H 4 5.34 -23.42 -29.07
CA ALA H 4 6.38 -24.29 -28.53
C ALA H 4 7.06 -25.11 -29.64
N ASP H 5 6.26 -25.69 -30.53
CA ASP H 5 6.82 -26.48 -31.64
C ASP H 5 7.70 -25.63 -32.54
N ILE H 6 7.19 -24.48 -32.95
CA ILE H 6 7.92 -23.58 -33.83
C ILE H 6 9.26 -23.17 -33.24
N LEU H 7 9.23 -22.75 -31.97
CA LEU H 7 10.42 -22.30 -31.29
C LEU H 7 11.42 -23.44 -31.09
N TYR H 8 10.89 -24.61 -30.79
CA TYR H 8 11.71 -25.82 -30.71
C TYR H 8 12.41 -26.07 -32.04
N ASN H 9 11.64 -26.07 -33.12
CA ASN H 9 12.21 -26.34 -34.44
C ASN H 9 13.28 -25.34 -34.82
N ILE H 10 13.05 -24.08 -34.47
CA ILE H 10 13.99 -23.02 -34.79
C ILE H 10 15.26 -23.20 -33.99
N ARG H 11 15.10 -23.38 -32.67
CA ARG H 11 16.26 -23.59 -31.81
C ARG H 11 17.10 -24.78 -32.28
N GLN H 12 16.43 -25.86 -32.68
CA GLN H 12 17.13 -27.06 -33.08
C GLN H 12 17.83 -26.96 -34.46
N THR H 13 17.38 -26.08 -35.36
CA THR H 13 17.94 -26.08 -36.72
C THR H 13 18.41 -24.76 -37.33
N SER H 14 18.46 -23.69 -36.55
CA SER H 14 18.62 -22.35 -37.13
C SER H 14 19.97 -22.03 -37.81
N ARG H 15 21.04 -22.64 -37.34
CA ARG H 15 22.40 -22.32 -37.80
C ARG H 15 22.71 -20.82 -37.80
N PRO H 16 22.89 -20.25 -36.59
CA PRO H 16 23.12 -18.83 -36.31
C PRO H 16 24.40 -18.31 -36.96
N ASP H 17 25.29 -19.21 -37.32
CA ASP H 17 26.58 -18.81 -37.87
C ASP H 17 26.53 -18.84 -39.39
N VAL H 18 25.38 -19.23 -39.94
CA VAL H 18 25.29 -19.43 -41.37
C VAL H 18 24.42 -18.36 -42.03
N ILE H 19 25.05 -17.52 -42.85
CA ILE H 19 24.31 -16.50 -43.57
C ILE H 19 23.36 -17.15 -44.56
N PRO H 20 22.08 -16.76 -44.51
CA PRO H 20 21.04 -17.44 -45.32
C PRO H 20 21.03 -16.92 -46.75
N THR H 21 22.16 -17.07 -47.42
CA THR H 21 22.28 -16.77 -48.84
C THR H 21 21.51 -17.79 -49.67
N GLN H 22 20.81 -17.31 -50.70
CA GLN H 22 20.10 -18.21 -51.60
C GLN H 22 20.58 -18.03 -53.04
N ARG H 23 21.00 -19.13 -53.66
CA ARG H 23 21.37 -19.12 -55.09
C ARG H 23 22.33 -17.99 -55.45
N ASP H 24 23.43 -17.86 -54.70
CA ASP H 24 24.42 -16.81 -54.97
C ASP H 24 24.01 -15.40 -54.54
N ARG H 25 22.70 -15.16 -54.47
CA ARG H 25 22.20 -13.83 -54.12
C ARG H 25 22.67 -13.37 -52.75
N PRO H 26 23.01 -12.09 -52.67
CA PRO H 26 23.28 -11.54 -51.33
C PRO H 26 22.00 -11.55 -50.51
N VAL H 27 22.14 -11.70 -49.21
CA VAL H 27 21.02 -11.46 -48.31
C VAL H 27 20.74 -9.97 -48.33
N ALA H 28 19.52 -9.60 -48.70
CA ALA H 28 19.12 -8.21 -48.69
C ALA H 28 18.76 -7.79 -47.28
N VAL H 29 19.53 -6.85 -46.73
CA VAL H 29 19.26 -6.31 -45.40
C VAL H 29 18.81 -4.85 -45.45
N SER H 30 17.64 -4.57 -44.89
CA SER H 30 17.20 -3.19 -44.75
C SER H 30 17.55 -2.67 -43.37
N VAL H 31 18.10 -1.47 -43.33
CA VAL H 31 18.48 -0.85 -42.08
C VAL H 31 17.88 0.54 -42.02
N SER H 32 17.45 0.94 -40.84
CA SER H 32 16.84 2.25 -40.64
C SER H 32 16.96 2.63 -39.17
N LEU H 33 17.38 3.85 -38.90
CA LEU H 33 17.50 4.33 -37.52
C LEU H 33 16.32 5.22 -37.18
N LYS H 34 15.62 4.88 -36.11
CA LYS H 34 14.57 5.72 -35.58
C LYS H 34 15.11 6.36 -34.34
N PHE H 35 15.44 7.65 -34.43
CA PHE H 35 16.06 8.35 -33.32
C PHE H 35 15.10 8.62 -32.18
N ILE H 36 15.53 8.26 -30.98
CA ILE H 36 14.71 8.44 -29.79
C ILE H 36 15.19 9.62 -28.96
N ASN H 37 16.50 9.80 -28.91
CA ASN H 37 17.06 10.88 -28.10
C ASN H 37 18.49 11.22 -28.50
N ILE H 38 18.86 12.46 -28.25
CA ILE H 38 20.23 12.92 -28.37
C ILE H 38 20.61 13.43 -26.99
N LEU H 39 21.53 12.72 -26.32
CA LEU H 39 21.74 12.92 -24.89
C LEU H 39 22.85 13.90 -24.60
N GLU H 40 23.94 13.78 -25.34
CA GLU H 40 25.07 14.66 -25.12
C GLU H 40 25.71 14.99 -26.44
N VAL H 41 26.18 16.22 -26.53
CA VAL H 41 26.82 16.70 -27.73
C VAL H 41 28.03 17.48 -27.30
N ASN H 42 29.13 17.31 -28.02
CA ASN H 42 30.36 18.05 -27.73
C ASN H 42 30.94 18.64 -29.00
N GLU H 43 30.91 19.97 -29.08
CA GLU H 43 31.26 20.71 -30.29
C GLU H 43 32.76 20.74 -30.52
N ILE H 44 33.46 20.63 -29.41
CA ILE H 44 34.91 20.66 -29.43
C ILE H 44 35.45 19.36 -29.95
N THR H 45 35.00 18.26 -29.34
CA THR H 45 35.50 16.94 -29.71
C THR H 45 34.79 16.32 -30.91
N ASN H 46 33.65 16.90 -31.32
CA ASN H 46 32.85 16.32 -32.38
C ASN H 46 32.37 14.91 -32.03
N GLU H 47 31.77 14.77 -30.87
CA GLU H 47 31.24 13.50 -30.44
C GLU H 47 29.78 13.69 -30.02
N VAL H 48 28.95 12.71 -30.34
CA VAL H 48 27.56 12.74 -29.92
C VAL H 48 27.15 11.43 -29.27
N ASP H 49 26.31 11.53 -28.26
CA ASP H 49 25.76 10.37 -27.55
C ASP H 49 24.29 10.25 -27.94
N VAL H 50 23.94 9.14 -28.59
CA VAL H 50 22.61 9.01 -29.17
C VAL H 50 21.86 7.73 -28.80
N VAL H 51 20.54 7.83 -28.68
CA VAL H 51 19.70 6.65 -28.53
C VAL H 51 18.81 6.52 -29.76
N PHE H 52 18.77 5.32 -30.34
CA PHE H 52 17.98 5.06 -31.53
C PHE H 52 17.54 3.59 -31.60
N TRP H 53 16.42 3.34 -32.25
CA TRP H 53 16.04 1.97 -32.60
C TRP H 53 16.71 1.61 -33.92
N GLN H 54 17.44 0.50 -33.93
CA GLN H 54 18.11 0.07 -35.15
C GLN H 54 17.25 -0.95 -35.86
N GLN H 55 16.28 -0.45 -36.63
CA GLN H 55 15.34 -1.32 -37.30
C GLN H 55 16.07 -2.08 -38.41
N THR H 56 16.13 -3.40 -38.24
CA THR H 56 16.89 -4.27 -39.11
C THR H 56 16.03 -5.41 -39.67
N THR H 57 16.10 -5.60 -40.98
CA THR H 57 15.13 -6.45 -41.66
C THR H 57 15.80 -7.31 -42.73
N TRP H 58 15.46 -8.59 -42.72
CA TRP H 58 15.99 -9.53 -43.72
C TRP H 58 15.17 -10.80 -43.75
N SER H 59 15.46 -11.64 -44.74
CA SER H 59 14.69 -12.87 -44.90
C SER H 59 15.61 -14.08 -44.67
N ASP H 60 15.13 -15.05 -43.90
CA ASP H 60 15.82 -16.31 -43.67
C ASP H 60 14.84 -17.46 -43.87
N ARG H 61 14.85 -18.04 -45.07
CA ARG H 61 13.91 -19.10 -45.43
C ARG H 61 14.04 -20.35 -44.56
N THR H 62 15.21 -20.60 -43.97
CA THR H 62 15.36 -21.79 -43.13
C THR H 62 14.52 -21.68 -41.87
N LEU H 63 13.97 -20.51 -41.60
CA LEU H 63 13.15 -20.31 -40.40
C LEU H 63 11.68 -20.55 -40.68
N ALA H 64 11.32 -20.55 -41.96
CA ALA H 64 9.93 -20.61 -42.40
C ALA H 64 9.18 -21.84 -41.90
N TRP H 65 7.87 -21.69 -41.70
CA TRP H 65 7.02 -22.83 -41.38
C TRP H 65 5.65 -22.66 -42.02
N ASN H 66 4.92 -23.78 -42.14
CA ASN H 66 3.54 -23.78 -42.63
C ASN H 66 2.60 -23.22 -41.56
N SER H 67 2.04 -22.04 -41.80
CA SER H 67 1.22 -21.38 -40.78
C SER H 67 -0.29 -21.53 -40.99
N SER H 68 -0.69 -22.59 -41.67
CA SER H 68 -2.11 -22.83 -42.02
C SER H 68 -3.05 -22.72 -40.81
N HIS H 69 -2.77 -23.47 -39.76
CA HIS H 69 -3.57 -23.36 -38.54
C HIS H 69 -2.65 -23.08 -37.35
N SER H 70 -1.55 -22.39 -37.64
CA SER H 70 -0.50 -22.14 -36.66
C SER H 70 -0.26 -20.64 -36.47
N PRO H 71 0.46 -20.29 -35.40
CA PRO H 71 0.86 -18.89 -35.22
C PRO H 71 1.59 -18.36 -36.44
N ASP H 72 1.39 -17.08 -36.73
CA ASP H 72 1.96 -16.41 -37.90
C ASP H 72 3.35 -15.83 -37.59
N GLN H 73 3.60 -15.59 -36.30
CA GLN H 73 4.85 -14.99 -35.86
C GLN H 73 5.27 -15.48 -34.48
N VAL H 74 6.56 -15.39 -34.21
CA VAL H 74 7.08 -15.67 -32.89
C VAL H 74 8.22 -14.73 -32.58
N SER H 75 8.50 -14.57 -31.30
CA SER H 75 9.67 -13.81 -30.88
C SER H 75 10.78 -14.79 -30.56
N VAL H 76 11.97 -14.53 -31.07
CA VAL H 76 13.10 -15.45 -30.95
C VAL H 76 14.37 -14.77 -30.42
N PRO H 77 15.01 -15.36 -29.40
CA PRO H 77 16.32 -14.82 -29.01
C PRO H 77 17.28 -14.77 -30.22
N ILE H 78 17.96 -13.65 -30.42
CA ILE H 78 18.88 -13.55 -31.55
C ILE H 78 20.04 -14.52 -31.43
N SER H 79 20.26 -15.05 -30.23
CA SER H 79 21.28 -16.06 -30.07
C SER H 79 20.91 -17.34 -30.84
N SER H 80 19.63 -17.48 -31.18
CA SER H 80 19.17 -18.64 -31.94
C SER H 80 18.99 -18.36 -33.43
N LEU H 81 19.40 -17.19 -33.88
CA LEU H 81 19.23 -16.80 -35.27
C LEU H 81 20.51 -16.26 -35.85
N TRP H 82 20.65 -16.37 -37.17
CA TRP H 82 21.71 -15.64 -37.85
C TRP H 82 21.29 -14.18 -37.89
N VAL H 83 22.21 -13.31 -37.55
CA VAL H 83 21.94 -11.87 -37.60
C VAL H 83 23.04 -11.22 -38.43
N PRO H 84 22.69 -10.17 -39.16
CA PRO H 84 23.69 -9.44 -39.95
C PRO H 84 24.75 -8.83 -39.03
N ASP H 85 26.01 -8.89 -39.43
CA ASP H 85 27.11 -8.30 -38.64
C ASP H 85 27.28 -6.82 -38.92
N LEU H 86 26.22 -6.05 -38.65
CA LEU H 86 26.25 -4.62 -38.89
C LEU H 86 27.09 -3.88 -37.83
N ALA H 87 27.81 -2.86 -38.28
CA ALA H 87 28.53 -2.00 -37.35
C ALA H 87 28.49 -0.57 -37.86
N ALA H 88 28.46 0.37 -36.91
CA ALA H 88 28.61 1.77 -37.24
C ALA H 88 30.10 2.09 -37.35
N TYR H 89 30.54 2.50 -38.54
CA TYR H 89 31.94 2.80 -38.78
C TYR H 89 32.52 3.94 -37.93
N ASN H 90 31.68 4.92 -37.60
CA ASN H 90 32.16 6.07 -36.84
C ASN H 90 31.69 6.05 -35.37
N ALA H 91 31.20 4.90 -34.93
CA ALA H 91 30.93 4.70 -33.50
C ALA H 91 32.26 4.69 -32.71
N ILE H 92 32.26 5.36 -31.57
CA ILE H 92 33.46 5.41 -30.72
C ILE H 92 33.18 4.73 -29.36
N SER H 93 32.05 4.06 -29.26
CA SER H 93 31.75 3.23 -28.11
C SER H 93 31.03 1.97 -28.58
N LYS H 94 31.08 0.93 -27.77
CA LYS H 94 30.32 -0.29 -28.03
C LYS H 94 28.85 0.06 -28.04
N PRO H 95 28.07 -0.59 -28.92
CA PRO H 95 26.61 -0.42 -28.84
C PRO H 95 26.11 -0.87 -27.47
N GLU H 96 25.43 0.01 -26.76
CA GLU H 96 24.79 -0.37 -25.51
C GLU H 96 23.36 -0.73 -25.88
N VAL H 97 23.06 -2.02 -25.91
CA VAL H 97 21.71 -2.51 -26.24
C VAL H 97 20.79 -2.39 -25.02
N LEU H 98 19.76 -1.56 -25.14
CA LEU H 98 18.91 -1.20 -24.01
C LEU H 98 17.74 -2.16 -23.83
N THR H 99 17.42 -2.91 -24.88
CA THR H 99 16.18 -3.70 -24.88
C THR H 99 16.46 -5.19 -24.96
N PRO H 100 15.43 -6.01 -24.62
CA PRO H 100 15.55 -7.48 -24.71
C PRO H 100 15.97 -7.89 -26.11
N GLN H 101 16.93 -8.80 -26.21
CA GLN H 101 17.52 -9.14 -27.48
C GLN H 101 16.74 -10.26 -28.19
N LEU H 102 15.52 -9.92 -28.60
CA LEU H 102 14.63 -10.81 -29.32
C LEU H 102 14.32 -10.22 -30.68
N ALA H 103 14.22 -11.08 -31.70
CA ALA H 103 13.77 -10.65 -33.02
C ALA H 103 12.38 -11.21 -33.26
N ARG H 104 11.62 -10.55 -34.12
CA ARG H 104 10.32 -11.06 -34.51
C ARG H 104 10.45 -11.77 -35.82
N VAL H 105 10.01 -13.04 -35.86
CA VAL H 105 10.12 -13.87 -37.04
C VAL H 105 8.75 -14.22 -37.53
N VAL H 106 8.49 -13.93 -38.81
CA VAL H 106 7.24 -14.29 -39.48
C VAL H 106 7.34 -15.66 -40.14
N SER H 107 6.20 -16.33 -40.30
CA SER H 107 6.21 -17.71 -40.78
C SER H 107 6.82 -17.91 -42.18
N ASP H 108 6.95 -16.83 -42.95
CA ASP H 108 7.59 -16.90 -44.25
C ASP H 108 9.11 -16.67 -44.19
N GLY H 109 9.63 -16.43 -42.99
CA GLY H 109 11.06 -16.30 -42.80
C GLY H 109 11.55 -14.87 -42.70
N GLU H 110 10.63 -13.92 -42.75
CA GLU H 110 11.01 -12.53 -42.59
C GLU H 110 11.35 -12.27 -41.14
N VAL H 111 12.42 -11.52 -40.91
CA VAL H 111 12.88 -11.22 -39.57
C VAL H 111 12.89 -9.73 -39.33
N LEU H 112 12.44 -9.32 -38.15
CA LEU H 112 12.56 -7.94 -37.74
C LEU H 112 13.27 -7.89 -36.39
N TYR H 113 14.47 -7.31 -36.41
CA TYR H 113 15.21 -7.06 -35.19
C TYR H 113 15.34 -5.57 -35.02
N MET H 114 14.83 -5.04 -33.91
CA MET H 114 14.78 -3.59 -33.71
C MET H 114 15.07 -3.22 -32.26
N PRO H 115 16.35 -3.35 -31.87
CA PRO H 115 16.76 -3.01 -30.50
C PRO H 115 16.90 -1.50 -30.36
N SER H 116 16.69 -1.00 -29.15
CA SER H 116 17.01 0.38 -28.84
C SER H 116 18.46 0.40 -28.40
N ILE H 117 19.25 1.28 -29.00
CA ILE H 117 20.66 1.34 -28.75
C ILE H 117 21.12 2.74 -28.36
N ARG H 118 21.99 2.79 -27.34
CA ARG H 118 22.71 4.00 -27.01
C ARG H 118 24.17 3.86 -27.41
N GLN H 119 24.68 4.85 -28.12
CA GLN H 119 26.02 4.75 -28.67
C GLN H 119 26.59 6.15 -28.94
N ARG H 120 27.90 6.28 -28.81
CA ARG H 120 28.56 7.54 -29.10
C ARG H 120 29.26 7.50 -30.46
N PHE H 121 29.22 8.62 -31.15
CA PHE H 121 29.75 8.67 -32.50
C PHE H 121 30.66 9.87 -32.67
N SER H 122 31.58 9.72 -33.61
CA SER H 122 32.41 10.82 -34.07
C SER H 122 31.79 11.35 -35.34
N CYS H 123 31.41 12.62 -35.35
CA CYS H 123 30.78 13.20 -36.53
C CYS H 123 30.76 14.72 -36.42
N ASP H 124 30.26 15.37 -37.45
CA ASP H 124 30.29 16.82 -37.54
C ASP H 124 29.21 17.46 -36.69
N VAL H 125 29.64 18.10 -35.61
CA VAL H 125 28.71 18.73 -34.68
C VAL H 125 28.66 20.25 -34.90
N SER H 126 29.52 20.76 -35.76
CA SER H 126 29.55 22.19 -36.06
C SER H 126 28.18 22.68 -36.50
N GLY H 127 27.79 23.84 -35.99
CA GLY H 127 26.51 24.45 -36.35
C GLY H 127 25.33 23.98 -35.52
N VAL H 128 25.59 23.12 -34.54
CA VAL H 128 24.52 22.56 -33.72
C VAL H 128 23.67 23.64 -33.04
N ASP H 129 24.30 24.77 -32.71
CA ASP H 129 23.62 25.82 -31.98
C ASP H 129 23.14 26.95 -32.89
N THR H 130 23.04 26.65 -34.18
CA THR H 130 22.49 27.59 -35.14
C THR H 130 21.13 27.12 -35.67
N GLU H 131 20.52 27.88 -36.56
CA GLU H 131 19.20 27.53 -37.09
C GLU H 131 19.32 26.43 -38.11
N SER H 132 20.42 26.48 -38.83
CA SER H 132 20.70 25.51 -39.86
C SER H 132 21.02 24.14 -39.24
N GLY H 133 21.45 24.15 -37.99
CA GLY H 133 21.76 22.92 -37.27
C GLY H 133 23.02 22.22 -37.71
N ALA H 134 23.35 21.13 -37.03
CA ALA H 134 24.46 20.28 -37.42
C ALA H 134 23.97 19.08 -38.21
N THR H 135 24.85 18.50 -39.02
CA THR H 135 24.51 17.27 -39.71
C THR H 135 25.52 16.17 -39.35
N CYS H 136 25.07 15.25 -38.50
CA CYS H 136 25.88 14.13 -38.07
C CYS H 136 25.60 12.91 -38.94
N ARG H 137 26.64 12.47 -39.64
CA ARG H 137 26.56 11.38 -40.59
C ARG H 137 26.96 10.07 -39.92
N ILE H 138 26.06 9.09 -39.93
CA ILE H 138 26.35 7.79 -39.33
C ILE H 138 26.41 6.67 -40.37
N LYS H 139 27.54 5.96 -40.40
CA LYS H 139 27.77 4.97 -41.43
C LYS H 139 27.68 3.54 -40.88
N ILE H 140 26.73 2.75 -41.42
CA ILE H 140 26.47 1.40 -40.94
C ILE H 140 26.49 0.38 -42.08
N GLY H 141 27.20 -0.71 -41.90
CA GLY H 141 27.22 -1.78 -42.88
C GLY H 141 27.78 -3.06 -42.29
N SER H 142 27.74 -4.14 -43.06
CA SER H 142 28.31 -5.42 -42.65
C SER H 142 29.81 -5.28 -42.44
N TRP H 143 30.31 -5.75 -41.30
CA TRP H 143 31.74 -5.66 -41.04
C TRP H 143 32.59 -6.61 -41.90
N THR H 144 32.09 -7.81 -42.14
CA THR H 144 32.88 -8.86 -42.82
C THR H 144 32.23 -9.46 -44.07
N HIS H 145 31.00 -9.08 -44.39
CA HIS H 145 30.35 -9.60 -45.58
C HIS H 145 30.29 -8.59 -46.73
N HIS H 146 30.96 -8.92 -47.85
CA HIS H 146 30.93 -8.03 -49.00
C HIS H 146 29.61 -8.09 -49.72
N SER H 147 29.51 -7.31 -50.80
CA SER H 147 28.24 -7.04 -51.48
C SER H 147 27.60 -8.26 -52.16
N ARG H 148 28.37 -9.31 -52.42
CA ARG H 148 27.76 -10.52 -53.00
C ARG H 148 27.15 -11.39 -51.90
N GLU H 149 27.37 -10.99 -50.64
CA GLU H 149 26.89 -11.77 -49.50
C GLU H 149 25.84 -10.99 -48.72
N ILE H 150 26.11 -9.72 -48.48
CA ILE H 150 25.11 -8.85 -47.87
C ILE H 150 25.00 -7.56 -48.64
N SER H 151 23.79 -7.22 -49.04
CA SER H 151 23.51 -5.87 -49.50
C SER H 151 22.73 -5.14 -48.41
N VAL H 152 22.97 -3.85 -48.25
CA VAL H 152 22.27 -3.08 -47.24
C VAL H 152 21.52 -1.98 -47.93
N ASP H 153 20.30 -1.74 -47.45
CA ASP H 153 19.46 -0.78 -48.13
C ASP H 153 18.59 0.00 -47.16
N PRO H 154 18.41 1.30 -47.44
CA PRO H 154 17.44 2.08 -46.67
C PRO H 154 16.01 1.64 -47.04
N THR H 155 15.09 1.64 -46.08
CA THR H 155 13.68 1.49 -46.42
C THR H 155 12.98 2.85 -46.39
N ASP H 161 13.82 7.81 -39.33
CA ASP H 161 12.59 8.46 -38.90
C ASP H 161 12.77 9.24 -37.59
N SER H 162 11.68 9.87 -37.13
CA SER H 162 11.75 10.96 -36.16
C SER H 162 10.47 11.09 -35.32
N GLU H 163 9.57 10.12 -35.47
CA GLU H 163 8.25 10.11 -34.84
C GLU H 163 8.30 9.72 -33.36
N TYR H 164 9.34 8.98 -33.00
CA TYR H 164 9.52 8.44 -31.66
C TYR H 164 10.52 9.28 -30.87
N PHE H 165 10.91 10.42 -31.43
CA PHE H 165 11.90 11.26 -30.80
C PHE H 165 11.34 11.95 -29.54
N SER H 166 12.12 11.91 -28.48
CA SER H 166 11.73 12.46 -27.18
C SER H 166 11.53 13.97 -27.22
N GLN H 167 10.34 14.41 -26.79
CA GLN H 167 10.04 15.83 -26.63
C GLN H 167 10.84 16.46 -25.50
N TYR H 168 11.57 15.64 -24.75
CA TYR H 168 12.29 16.12 -23.57
C TYR H 168 13.79 16.28 -23.80
N SER H 169 14.23 15.95 -25.01
CA SER H 169 15.60 16.21 -25.42
C SER H 169 15.85 17.72 -25.49
N ARG H 170 17.09 18.13 -25.30
CA ARG H 170 17.49 19.51 -25.49
C ARG H 170 17.64 19.82 -26.98
N PHE H 171 17.51 18.79 -27.80
CA PHE H 171 17.74 18.93 -29.23
C PHE H 171 16.46 18.60 -29.99
N GLU H 172 16.40 19.05 -31.23
CA GLU H 172 15.31 18.70 -32.13
C GLU H 172 15.87 18.22 -33.45
N ILE H 173 15.14 17.34 -34.11
CA ILE H 173 15.56 16.85 -35.41
C ILE H 173 14.95 17.71 -36.51
N LEU H 174 15.81 18.20 -37.41
CA LEU H 174 15.37 18.97 -38.55
C LEU H 174 15.09 18.06 -39.73
N ASP H 175 15.90 17.03 -39.89
CA ASP H 175 15.76 16.17 -41.05
C ASP H 175 16.62 14.94 -40.91
N VAL H 176 16.13 13.82 -41.45
CA VAL H 176 16.91 12.60 -41.53
C VAL H 176 16.90 12.06 -42.96
N THR H 177 18.08 11.86 -43.54
CA THR H 177 18.15 11.32 -44.88
C THR H 177 19.13 10.15 -44.90
N GLN H 178 18.94 9.24 -45.84
CA GLN H 178 19.73 8.02 -45.89
C GLN H 178 20.32 7.86 -47.28
N LYS H 179 21.55 7.36 -47.34
CA LYS H 179 22.24 7.19 -48.61
C LYS H 179 22.94 5.84 -48.62
N LYS H 180 22.89 5.14 -49.74
CA LYS H 180 23.56 3.85 -49.84
C LYS H 180 24.90 4.00 -50.51
N ASN H 181 25.92 3.34 -49.98
CA ASN H 181 27.23 3.36 -50.62
C ASN H 181 27.82 1.97 -50.77
N SER H 182 28.76 1.87 -51.70
CA SER H 182 29.50 0.64 -51.94
C SER H 182 30.98 1.02 -51.94
N VAL H 183 31.74 0.49 -51.00
CA VAL H 183 33.11 0.94 -50.80
C VAL H 183 34.11 -0.20 -50.87
N THR H 184 35.24 0.04 -51.53
CA THR H 184 36.35 -0.89 -51.53
C THR H 184 37.37 -0.47 -50.47
N TYR H 185 37.85 -1.42 -49.69
CA TYR H 185 38.84 -1.13 -48.65
C TYR H 185 40.18 -1.73 -49.04
N SER H 186 41.26 -1.10 -48.62
CA SER H 186 42.59 -1.51 -49.08
C SER H 186 42.92 -2.95 -48.68
N CYS H 187 42.30 -3.45 -47.62
CA CYS H 187 42.54 -4.80 -47.14
C CYS H 187 42.07 -5.88 -48.12
N CYS H 188 41.10 -5.54 -48.97
CA CYS H 188 40.33 -6.59 -49.64
C CYS H 188 39.91 -6.13 -51.03
N PRO H 189 39.79 -7.08 -51.96
CA PRO H 189 39.45 -6.79 -53.36
C PRO H 189 37.98 -6.46 -53.54
N GLU H 190 37.21 -6.68 -52.47
CA GLU H 190 35.77 -6.74 -52.54
C GLU H 190 35.09 -5.41 -52.17
N ALA H 191 33.93 -5.10 -52.74
CA ALA H 191 33.19 -3.93 -52.28
C ALA H 191 32.24 -4.28 -51.13
N TYR H 192 32.18 -3.42 -50.13
CA TYR H 192 31.29 -3.62 -49.00
C TYR H 192 30.28 -2.48 -48.94
N GLU H 193 29.02 -2.82 -48.73
CA GLU H 193 27.99 -1.82 -48.79
C GLU H 193 27.75 -1.21 -47.40
N ASP H 194 27.26 0.02 -47.41
CA ASP H 194 26.85 0.66 -46.17
C ASP H 194 25.67 1.58 -46.43
N VAL H 195 24.97 1.91 -45.35
CA VAL H 195 24.01 2.99 -45.38
C VAL H 195 24.57 4.13 -44.54
N GLU H 196 24.56 5.34 -45.08
CA GLU H 196 24.93 6.54 -44.34
C GLU H 196 23.68 7.32 -43.97
N VAL H 197 23.47 7.46 -42.67
CA VAL H 197 22.30 8.15 -42.16
C VAL H 197 22.73 9.54 -41.71
N SER H 198 22.18 10.56 -42.37
CA SER H 198 22.48 11.93 -42.05
C SER H 198 21.44 12.52 -41.12
N LEU H 199 21.85 12.74 -39.87
CA LEU H 199 20.97 13.32 -38.86
C LEU H 199 21.18 14.82 -38.76
N ASN H 200 20.20 15.58 -39.24
CA ASN H 200 20.26 17.04 -39.17
C ASN H 200 19.49 17.52 -37.92
N PHE H 201 20.20 18.10 -36.97
CA PHE H 201 19.58 18.44 -35.70
C PHE H 201 20.17 19.73 -35.14
N ARG H 202 19.44 20.37 -34.25
CA ARG H 202 19.95 21.56 -33.60
C ARG H 202 19.52 21.62 -32.14
N LYS H 203 20.18 22.47 -31.37
CA LYS H 203 19.81 22.70 -29.99
C LYS H 203 18.50 23.51 -29.99
N LYS H 204 17.57 23.17 -29.11
CA LYS H 204 16.34 23.94 -28.99
C LYS H 204 16.60 25.37 -28.52
N LEU I 1 30.53 -28.53 -51.33
CA LEU I 1 30.28 -27.95 -50.03
C LEU I 1 29.59 -26.60 -50.14
N ASP I 2 28.68 -26.32 -49.22
CA ASP I 2 28.10 -24.99 -49.14
C ASP I 2 28.50 -24.36 -47.81
N ARG I 3 28.15 -23.09 -47.61
CA ARG I 3 28.56 -22.39 -46.39
C ARG I 3 28.17 -23.15 -45.13
N ALA I 4 26.96 -23.68 -45.08
CA ALA I 4 26.51 -24.40 -43.90
C ALA I 4 27.48 -25.55 -43.56
N ASP I 5 27.83 -26.33 -44.57
CA ASP I 5 28.74 -27.43 -44.37
C ASP I 5 30.09 -26.96 -43.82
N ILE I 6 30.68 -25.97 -44.49
CA ILE I 6 31.98 -25.44 -44.09
C ILE I 6 32.00 -25.00 -42.63
N LEU I 7 31.02 -24.18 -42.26
CA LEU I 7 30.90 -23.65 -40.91
C LEU I 7 30.63 -24.76 -39.90
N TYR I 8 29.81 -25.74 -40.28
CA TYR I 8 29.62 -26.90 -39.44
C TYR I 8 30.96 -27.58 -39.19
N ASN I 9 31.69 -27.87 -40.26
CA ASN I 9 32.96 -28.57 -40.15
C ASN I 9 33.95 -27.84 -39.25
N ILE I 10 33.98 -26.52 -39.41
CA ILE I 10 34.88 -25.68 -38.64
C ILE I 10 34.50 -25.68 -37.16
N ARG I 11 33.22 -25.44 -36.89
CA ARG I 11 32.72 -25.47 -35.52
C ARG I 11 33.05 -26.82 -34.86
N GLN I 12 32.84 -27.91 -35.59
CA GLN I 12 33.01 -29.25 -35.03
C GLN I 12 34.46 -29.66 -34.82
N THR I 13 35.34 -29.22 -35.71
CA THR I 13 36.75 -29.53 -35.54
C THR I 13 37.41 -28.31 -34.93
N SER I 14 36.59 -27.45 -34.35
CA SER I 14 37.08 -26.25 -33.69
C SER I 14 38.03 -26.65 -32.57
N ARG I 15 39.25 -26.12 -32.65
CA ARG I 15 40.35 -26.31 -31.70
C ARG I 15 41.06 -24.98 -31.45
N PRO I 16 40.34 -24.05 -30.81
CA PRO I 16 40.69 -22.64 -30.52
C PRO I 16 41.88 -22.49 -29.59
N ASP I 17 42.22 -23.56 -28.87
CA ASP I 17 43.30 -23.50 -27.89
C ASP I 17 44.59 -24.00 -28.50
N VAL I 18 44.53 -24.44 -29.74
CA VAL I 18 45.69 -25.11 -30.37
C VAL I 18 46.30 -24.24 -31.45
N ILE I 19 47.53 -23.79 -31.20
CA ILE I 19 48.21 -22.94 -32.16
C ILE I 19 48.52 -23.76 -33.41
N PRO I 20 48.15 -23.23 -34.58
CA PRO I 20 48.25 -24.01 -35.84
C PRO I 20 49.66 -23.99 -36.42
N THR I 21 50.62 -24.47 -35.64
CA THR I 21 52.02 -24.51 -36.06
C THR I 21 52.23 -25.56 -37.15
N GLN I 22 52.95 -25.17 -38.20
CA GLN I 22 53.22 -26.03 -39.34
C GLN I 22 54.69 -26.43 -39.45
N ARG I 23 54.98 -27.72 -39.30
CA ARG I 23 56.34 -28.23 -39.41
C ARG I 23 57.22 -27.65 -38.30
N ASP I 24 56.61 -27.44 -37.14
CA ASP I 24 57.32 -26.97 -35.95
C ASP I 24 57.97 -25.59 -36.11
N ARG I 25 57.57 -24.85 -37.14
CA ARG I 25 58.00 -23.45 -37.29
C ARG I 25 56.94 -22.51 -36.70
N PRO I 26 57.27 -21.21 -36.57
CA PRO I 26 56.31 -20.32 -35.90
C PRO I 26 55.15 -19.95 -36.80
N VAL I 27 53.99 -19.72 -36.20
CA VAL I 27 52.89 -19.13 -36.96
C VAL I 27 53.24 -17.68 -37.26
N ALA I 28 53.29 -17.33 -38.55
CA ALA I 28 53.59 -15.97 -38.95
C ALA I 28 52.33 -15.09 -38.85
N VAL I 29 52.36 -14.14 -37.93
CA VAL I 29 51.24 -13.23 -37.72
C VAL I 29 51.62 -11.84 -38.19
N SER I 30 50.82 -11.29 -39.10
CA SER I 30 50.99 -9.89 -39.49
C SER I 30 50.01 -9.04 -38.71
N VAL I 31 50.50 -7.91 -38.21
CA VAL I 31 49.69 -6.98 -37.43
C VAL I 31 49.87 -5.57 -37.99
N SER I 32 48.77 -4.82 -37.99
CA SER I 32 48.78 -3.47 -38.52
C SER I 32 47.61 -2.70 -37.93
N LEU I 33 47.89 -1.49 -37.46
CA LEU I 33 46.85 -0.64 -36.89
C LEU I 33 46.41 0.42 -37.89
N LYS I 34 45.12 0.42 -38.22
CA LYS I 34 44.55 1.50 -39.02
C LYS I 34 43.81 2.44 -38.09
N PHE I 35 44.38 3.63 -37.87
CA PHE I 35 43.81 4.55 -36.91
C PHE I 35 42.55 5.21 -37.45
N ILE I 36 41.50 5.19 -36.62
CA ILE I 36 40.20 5.73 -37.00
C ILE I 36 39.98 7.06 -36.28
N ASN I 37 40.43 7.13 -35.04
CA ASN I 37 40.22 8.33 -34.26
C ASN I 37 41.12 8.41 -33.04
N ILE I 38 41.39 9.65 -32.63
CA ILE I 38 42.07 9.96 -31.38
C ILE I 38 41.10 10.78 -30.55
N LEU I 39 40.59 10.20 -29.47
CA LEU I 39 39.45 10.76 -28.77
C LEU I 39 39.86 11.70 -27.64
N GLU I 40 40.81 11.25 -26.83
CA GLU I 40 41.25 12.06 -25.71
C GLU I 40 42.74 11.95 -25.57
N VAL I 41 43.34 13.04 -25.14
CA VAL I 41 44.77 13.10 -24.98
C VAL I 41 45.03 13.87 -23.71
N ASN I 42 46.02 13.44 -22.95
CA ASN I 42 46.37 14.11 -21.71
C ASN I 42 47.90 14.22 -21.63
N GLU I 43 48.40 15.43 -21.81
CA GLU I 43 49.85 15.63 -21.86
C GLU I 43 50.44 15.65 -20.46
N ILE I 44 49.59 15.88 -19.47
CA ILE I 44 50.03 15.81 -18.09
C ILE I 44 50.30 14.36 -17.69
N THR I 45 49.31 13.50 -17.92
CA THR I 45 49.38 12.11 -17.52
C THR I 45 50.01 11.21 -18.58
N ASN I 46 50.22 11.75 -19.77
CA ASN I 46 50.74 10.96 -20.89
C ASN I 46 49.86 9.75 -21.21
N GLU I 47 48.57 10.00 -21.40
CA GLU I 47 47.62 8.95 -21.72
C GLU I 47 46.83 9.36 -22.92
N VAL I 48 46.51 8.41 -23.79
CA VAL I 48 45.71 8.69 -24.98
C VAL I 48 44.60 7.67 -25.11
N ASP I 49 43.46 8.13 -25.61
CA ASP I 49 42.32 7.27 -25.86
C ASP I 49 42.11 7.17 -27.38
N VAL I 50 42.24 5.95 -27.93
CA VAL I 50 42.34 5.77 -29.37
C VAL I 50 41.38 4.70 -29.93
N VAL I 51 40.89 4.95 -31.14
CA VAL I 51 40.13 3.95 -31.87
C VAL I 51 40.89 3.53 -33.13
N PHE I 52 41.04 2.23 -33.34
CA PHE I 52 41.78 1.72 -34.47
C PHE I 52 41.26 0.34 -34.89
N TRP I 53 41.45 -0.01 -36.16
CA TRP I 53 41.25 -1.37 -36.60
C TRP I 53 42.55 -2.14 -36.38
N GLN I 54 42.46 -3.27 -35.67
CA GLN I 54 43.64 -4.08 -35.45
C GLN I 54 43.71 -5.19 -36.49
N GLN I 55 44.24 -4.85 -37.66
CA GLN I 55 44.25 -5.80 -38.77
C GLN I 55 45.24 -6.90 -38.46
N THR I 56 44.72 -8.11 -38.31
CA THR I 56 45.51 -9.25 -37.86
C THR I 56 45.39 -10.43 -38.84
N THR I 57 46.53 -10.97 -39.23
CA THR I 57 46.59 -11.92 -40.32
C THR I 57 47.48 -13.13 -39.99
N TRP I 58 46.98 -14.32 -40.30
CA TRP I 58 47.78 -15.52 -40.13
C TRP I 58 47.15 -16.68 -40.89
N SER I 59 47.90 -17.77 -40.98
CA SER I 59 47.44 -18.95 -41.71
C SER I 59 47.17 -20.11 -40.74
N ASP I 60 46.04 -20.79 -40.92
CA ASP I 60 45.70 -21.99 -40.16
C ASP I 60 45.20 -23.07 -41.10
N ARG I 61 46.10 -23.98 -41.48
CA ARG I 61 45.79 -24.97 -42.49
C ARG I 61 44.69 -25.93 -42.07
N THR I 62 44.48 -26.10 -40.77
CA THR I 62 43.42 -26.99 -40.30
C THR I 62 42.02 -26.48 -40.68
N LEU I 63 41.94 -25.23 -41.14
CA LEU I 63 40.66 -24.65 -41.52
C LEU I 63 40.39 -24.83 -43.02
N ALA I 64 41.43 -25.17 -43.76
CA ALA I 64 41.36 -25.22 -45.22
C ALA I 64 40.31 -26.20 -45.73
N TRP I 65 39.78 -25.92 -46.92
CA TRP I 65 38.86 -26.83 -47.59
C TRP I 65 39.04 -26.74 -49.11
N ASN I 66 38.54 -27.76 -49.81
CA ASN I 66 38.57 -27.78 -51.25
C ASN I 66 37.47 -26.87 -51.79
N SER I 67 37.85 -25.77 -52.42
CA SER I 67 36.86 -24.78 -52.88
C SER I 67 36.53 -24.87 -54.37
N SER I 68 36.76 -26.03 -54.98
CA SER I 68 36.53 -26.15 -56.43
C SER I 68 35.10 -25.76 -56.83
N HIS I 69 34.11 -26.45 -56.26
CA HIS I 69 32.71 -26.12 -56.46
C HIS I 69 32.15 -25.58 -55.15
N SER I 70 32.83 -24.62 -54.55
CA SER I 70 32.42 -24.17 -53.22
C SER I 70 32.78 -22.71 -52.96
N PRO I 71 32.17 -22.13 -51.92
CA PRO I 71 32.53 -20.78 -51.48
C PRO I 71 34.02 -20.67 -51.22
N ASP I 72 34.58 -19.52 -51.55
CA ASP I 72 36.01 -19.26 -51.40
C ASP I 72 36.35 -18.73 -50.01
N GLN I 73 35.34 -18.19 -49.32
CA GLN I 73 35.55 -17.60 -48.01
C GLN I 73 34.29 -17.68 -47.16
N VAL I 74 34.47 -17.70 -45.84
CA VAL I 74 33.36 -17.59 -44.90
C VAL I 74 33.74 -16.68 -43.75
N SER I 75 32.73 -16.18 -43.05
CA SER I 75 32.97 -15.43 -41.82
C SER I 75 32.73 -16.36 -40.65
N VAL I 76 33.64 -16.37 -39.69
CA VAL I 76 33.61 -17.34 -38.61
C VAL I 76 33.78 -16.66 -37.25
N PRO I 77 32.93 -17.04 -36.28
CA PRO I 77 33.13 -16.51 -34.92
C PRO I 77 34.53 -16.87 -34.44
N ILE I 78 35.28 -15.91 -33.90
CA ILE I 78 36.62 -16.20 -33.39
C ILE I 78 36.58 -17.20 -32.23
N SER I 79 35.42 -17.37 -31.61
CA SER I 79 35.31 -18.38 -30.56
C SER I 79 35.52 -19.80 -31.16
N SER I 80 35.34 -19.94 -32.47
CA SER I 80 35.55 -21.23 -33.14
C SER I 80 36.93 -21.36 -33.76
N LEU I 81 37.80 -20.37 -33.55
CA LEU I 81 39.11 -20.36 -34.20
C LEU I 81 40.21 -20.14 -33.20
N TRP I 82 41.41 -20.61 -33.51
CA TRP I 82 42.56 -20.20 -32.74
C TRP I 82 42.91 -18.80 -33.18
N VAL I 83 43.14 -17.94 -32.20
CA VAL I 83 43.53 -16.57 -32.48
C VAL I 83 44.82 -16.28 -31.74
N PRO I 84 45.70 -15.47 -32.34
CA PRO I 84 46.94 -15.07 -31.70
C PRO I 84 46.66 -14.32 -30.39
N ASP I 85 47.42 -14.59 -29.34
CA ASP I 85 47.21 -13.92 -28.05
C ASP I 85 47.95 -12.58 -27.99
N LEU I 86 47.62 -11.68 -28.91
CA LEU I 86 48.24 -10.37 -28.98
C LEU I 86 47.77 -9.46 -27.84
N ALA I 87 48.69 -8.66 -27.32
CA ALA I 87 48.36 -7.64 -26.33
C ALA I 87 49.23 -6.42 -26.54
N ALA I 88 48.66 -5.24 -26.28
CA ALA I 88 49.41 -4.00 -26.32
C ALA I 88 50.05 -3.83 -24.96
N TYR I 89 51.39 -3.84 -24.93
CA TYR I 89 52.15 -3.77 -23.69
C TYR I 89 51.89 -2.51 -22.86
N ASN I 90 51.64 -1.39 -23.53
CA ASN I 90 51.44 -0.11 -22.85
C ASN I 90 49.97 0.33 -22.81
N ALA I 91 49.06 -0.61 -23.10
CA ALA I 91 47.65 -0.36 -22.89
C ALA I 91 47.36 -0.27 -21.39
N ILE I 92 46.54 0.70 -21.00
CA ILE I 92 46.18 0.86 -19.59
C ILE I 92 44.69 0.63 -19.38
N SER I 93 44.03 0.08 -20.39
CA SER I 93 42.63 -0.34 -20.29
C SER I 93 42.45 -1.60 -21.11
N LYS I 94 41.43 -2.40 -20.77
CA LYS I 94 41.06 -3.56 -21.58
C LYS I 94 40.68 -3.10 -22.98
N PRO I 95 41.07 -3.87 -24.00
CA PRO I 95 40.58 -3.58 -25.35
C PRO I 95 39.05 -3.59 -25.40
N GLU I 96 38.44 -2.47 -25.78
CA GLU I 96 36.99 -2.43 -25.98
C GLU I 96 36.72 -2.75 -27.45
N VAL I 97 36.25 -3.97 -27.71
CA VAL I 97 36.00 -4.40 -29.08
C VAL I 97 34.65 -3.89 -29.57
N LEU I 98 34.68 -3.04 -30.58
CA LEU I 98 33.49 -2.30 -31.00
C LEU I 98 32.66 -3.05 -32.01
N THR I 99 33.27 -4.05 -32.65
CA THR I 99 32.67 -4.69 -33.81
C THR I 99 32.38 -6.18 -33.57
N PRO I 100 31.48 -6.76 -34.39
CA PRO I 100 31.18 -8.20 -34.29
C PRO I 100 32.45 -9.03 -34.35
N GLN I 101 32.57 -10.01 -33.46
CA GLN I 101 33.81 -10.74 -33.34
C GLN I 101 33.87 -11.93 -34.30
N LEU I 102 33.94 -11.61 -35.58
CA LEU I 102 34.05 -12.59 -36.66
C LEU I 102 35.35 -12.40 -37.42
N ALA I 103 35.97 -13.50 -37.82
CA ALA I 103 37.12 -13.45 -38.70
C ALA I 103 36.72 -13.90 -40.09
N ARG I 104 37.46 -13.44 -41.09
CA ARG I 104 37.24 -13.90 -42.44
C ARG I 104 38.25 -15.01 -42.76
N VAL I 105 37.74 -16.17 -43.16
CA VAL I 105 38.58 -17.32 -43.44
C VAL I 105 38.50 -17.69 -44.92
N VAL I 106 39.67 -17.75 -45.58
CA VAL I 106 39.77 -18.12 -46.99
C VAL I 106 39.97 -19.63 -47.07
N SER I 107 39.61 -20.23 -48.20
CA SER I 107 39.60 -21.69 -48.33
C SER I 107 40.99 -22.32 -48.20
N ASP I 108 42.03 -21.50 -48.34
CA ASP I 108 43.41 -22.00 -48.19
C ASP I 108 43.91 -21.91 -46.73
N GLY I 109 43.06 -21.43 -45.83
CA GLY I 109 43.43 -21.37 -44.42
C GLY I 109 43.88 -19.99 -43.95
N GLU I 110 43.94 -19.02 -44.85
CA GLU I 110 44.30 -17.65 -44.48
C GLU I 110 43.18 -17.01 -43.70
N VAL I 111 43.52 -16.39 -42.58
CA VAL I 111 42.55 -15.74 -41.73
C VAL I 111 42.80 -14.23 -41.65
N LEU I 112 41.74 -13.46 -41.69
CA LEU I 112 41.81 -12.03 -41.48
C LEU I 112 40.84 -11.66 -40.35
N TYR I 113 41.39 -11.24 -39.23
CA TYR I 113 40.58 -10.72 -38.14
C TYR I 113 40.93 -9.24 -37.97
N MET I 114 39.94 -8.38 -38.08
CA MET I 114 40.19 -6.95 -38.06
C MET I 114 39.09 -6.21 -37.31
N PRO I 115 39.08 -6.36 -35.98
CA PRO I 115 38.08 -5.67 -35.15
C PRO I 115 38.43 -4.20 -35.01
N SER I 116 37.41 -3.35 -34.82
CA SER I 116 37.67 -1.99 -34.41
C SER I 116 37.74 -1.95 -32.89
N ILE I 117 38.80 -1.34 -32.36
CA ILE I 117 39.05 -1.36 -30.93
C ILE I 117 39.24 0.05 -30.38
N ARG I 118 38.60 0.33 -29.26
CA ARG I 118 38.92 1.51 -28.49
C ARG I 118 39.74 1.11 -27.27
N GLN I 119 40.85 1.79 -27.04
CA GLN I 119 41.72 1.44 -25.94
C GLN I 119 42.56 2.66 -25.50
N ARG I 120 42.91 2.68 -24.21
CA ARG I 120 43.75 3.76 -23.70
C ARG I 120 45.18 3.29 -23.48
N PHE I 121 46.13 4.15 -23.79
CA PHE I 121 47.54 3.81 -23.74
C PHE I 121 48.34 4.82 -22.95
N SER I 122 49.40 4.33 -22.35
CA SER I 122 50.40 5.18 -21.77
C SER I 122 51.52 5.36 -22.79
N CYS I 123 51.78 6.60 -23.19
CA CYS I 123 52.82 6.89 -24.16
C CYS I 123 53.16 8.37 -24.17
N ASP I 124 54.11 8.75 -25.02
CA ASP I 124 54.63 10.10 -25.02
C ASP I 124 53.70 11.08 -25.72
N VAL I 125 53.03 11.93 -24.94
CA VAL I 125 52.10 12.89 -25.50
C VAL I 125 52.73 14.29 -25.66
N SER I 126 53.92 14.47 -25.10
CA SER I 126 54.61 15.75 -25.22
C SER I 126 54.70 16.23 -26.67
N GLY I 127 54.41 17.51 -26.88
CA GLY I 127 54.55 18.13 -28.19
C GLY I 127 53.29 18.02 -29.04
N VAL I 128 52.25 17.42 -28.46
CA VAL I 128 51.02 17.18 -29.19
C VAL I 128 50.43 18.47 -29.75
N ASP I 129 50.70 19.59 -29.08
CA ASP I 129 50.11 20.86 -29.49
C ASP I 129 51.11 21.72 -30.25
N THR I 130 52.15 21.08 -30.77
CA THR I 130 53.12 21.77 -31.60
C THR I 130 52.94 21.35 -33.05
N GLU I 131 53.63 22.03 -33.94
CA GLU I 131 53.60 21.70 -35.34
C GLU I 131 54.27 20.34 -35.59
N SER I 132 55.26 20.01 -34.75
CA SER I 132 56.03 18.76 -34.85
C SER I 132 55.21 17.57 -34.31
N GLY I 133 54.24 17.89 -33.44
CA GLY I 133 53.34 16.90 -32.88
C GLY I 133 53.98 15.98 -31.88
N ALA I 134 53.18 15.08 -31.31
CA ALA I 134 53.69 14.06 -30.40
C ALA I 134 53.87 12.75 -31.15
N THR I 135 54.69 11.87 -30.60
CA THR I 135 54.83 10.52 -31.13
C THR I 135 54.51 9.48 -30.07
N CYS I 136 53.34 8.87 -30.20
CA CYS I 136 52.88 7.85 -29.25
C CYS I 136 53.20 6.45 -29.79
N ARG I 137 54.05 5.75 -29.05
CA ARG I 137 54.57 4.44 -29.47
C ARG I 137 53.75 3.32 -28.83
N ILE I 138 53.17 2.46 -29.66
CA ILE I 138 52.33 1.38 -29.16
C ILE I 138 52.94 0.01 -29.46
N LYS I 139 53.14 -0.78 -28.41
CA LYS I 139 53.86 -2.04 -28.52
C LYS I 139 52.92 -3.25 -28.42
N ILE I 140 52.82 -4.02 -29.49
CA ILE I 140 51.93 -5.17 -29.53
C ILE I 140 52.66 -6.46 -29.88
N GLY I 141 52.37 -7.53 -29.14
CA GLY I 141 52.93 -8.83 -29.47
C GLY I 141 52.28 -9.96 -28.68
N SER I 142 52.65 -11.20 -29.01
CA SER I 142 52.10 -12.35 -28.30
C SER I 142 52.46 -12.29 -26.83
N TRP I 143 51.47 -12.48 -25.97
CA TRP I 143 51.74 -12.41 -24.54
C TRP I 143 52.53 -13.62 -24.05
N THR I 144 52.23 -14.80 -24.60
CA THR I 144 52.77 -16.04 -24.06
C THR I 144 53.49 -16.94 -25.07
N HIS I 145 53.47 -16.57 -26.34
CA HIS I 145 54.15 -17.34 -27.36
C HIS I 145 55.47 -16.69 -27.81
N HIS I 146 56.58 -17.38 -27.61
CA HIS I 146 57.87 -16.84 -28.03
C HIS I 146 58.08 -16.98 -29.55
N SER I 147 59.26 -16.55 -30.01
CA SER I 147 59.49 -16.36 -31.44
C SER I 147 59.51 -17.65 -32.27
N ARG I 148 59.72 -18.81 -31.62
CA ARG I 148 59.66 -20.06 -32.35
C ARG I 148 58.22 -20.53 -32.52
N GLU I 149 57.29 -19.84 -31.87
CA GLU I 149 55.86 -20.21 -31.93
C GLU I 149 55.03 -19.15 -32.66
N ILE I 150 55.26 -17.89 -32.31
CA ILE I 150 54.65 -16.80 -33.04
C ILE I 150 55.68 -15.77 -33.45
N SER I 151 55.68 -15.42 -34.73
CA SER I 151 56.43 -14.25 -35.18
C SER I 151 55.41 -13.18 -35.56
N VAL I 152 55.71 -11.92 -35.26
CA VAL I 152 54.82 -10.81 -35.64
C VAL I 152 55.54 -9.91 -36.65
N ASP I 153 54.85 -9.57 -37.75
CA ASP I 153 55.36 -8.63 -38.76
C ASP I 153 54.33 -7.53 -39.05
N PRO I 154 54.81 -6.30 -39.30
CA PRO I 154 53.93 -5.22 -39.74
C PRO I 154 53.50 -5.42 -41.19
N THR I 155 52.51 -4.66 -41.64
CA THR I 155 52.21 -4.65 -43.06
C THR I 155 51.05 -3.73 -43.40
N ASP I 161 46.91 4.22 -42.85
CA ASP I 161 47.45 5.18 -43.81
C ASP I 161 46.85 6.58 -43.63
N SER I 162 46.31 6.86 -42.43
CA SER I 162 45.47 8.04 -42.23
C SER I 162 44.29 7.97 -43.20
N GLU I 163 44.15 6.81 -43.83
CA GLU I 163 43.19 6.59 -44.88
C GLU I 163 41.79 6.38 -44.28
N TYR I 164 41.74 5.88 -43.04
CA TYR I 164 40.48 5.62 -42.36
C TYR I 164 40.29 6.59 -41.20
N PHE I 165 41.25 7.49 -41.03
CA PHE I 165 41.18 8.43 -39.90
C PHE I 165 40.08 9.48 -40.10
N SER I 166 39.31 9.70 -39.03
CA SER I 166 38.19 10.62 -39.07
C SER I 166 38.59 12.08 -39.32
N GLN I 167 38.02 12.68 -40.36
CA GLN I 167 38.20 14.11 -40.63
C GLN I 167 37.57 14.99 -39.56
N TYR I 168 36.82 14.38 -38.64
CA TYR I 168 36.11 15.15 -37.61
C TYR I 168 36.80 15.12 -36.25
N SER I 169 37.92 14.42 -36.16
CA SER I 169 38.75 14.45 -34.95
C SER I 169 39.34 15.83 -34.73
N ARG I 170 39.70 16.12 -33.48
CA ARG I 170 40.48 17.32 -33.19
C ARG I 170 41.95 17.11 -33.56
N PHE I 171 42.34 15.83 -33.70
CA PHE I 171 43.73 15.52 -33.95
C PHE I 171 43.90 15.13 -35.41
N GLU I 172 45.14 15.24 -35.90
CA GLU I 172 45.48 14.76 -37.23
C GLU I 172 46.74 13.91 -37.16
N ILE I 173 46.84 12.97 -38.08
CA ILE I 173 48.00 12.09 -38.11
C ILE I 173 49.04 12.65 -39.05
N LEU I 174 50.27 12.77 -38.55
CA LEU I 174 51.37 13.27 -39.35
C LEU I 174 52.07 12.12 -40.03
N ASP I 175 52.20 11.00 -39.33
CA ASP I 175 52.94 9.86 -39.84
C ASP I 175 52.75 8.63 -38.96
N VAL I 176 52.77 7.46 -39.59
CA VAL I 176 52.73 6.20 -38.87
C VAL I 176 53.86 5.32 -39.39
N THR I 177 54.71 4.85 -38.48
CA THR I 177 55.76 3.92 -38.88
C THR I 177 55.72 2.73 -37.97
N GLN I 178 56.25 1.62 -38.46
CA GLN I 178 56.21 0.36 -37.72
C GLN I 178 57.63 -0.24 -37.64
N LYS I 179 57.94 -0.83 -36.50
CA LYS I 179 59.26 -1.41 -36.29
C LYS I 179 59.07 -2.77 -35.63
N LYS I 180 59.84 -3.75 -36.05
CA LYS I 180 59.80 -5.07 -35.44
C LYS I 180 60.91 -5.22 -34.39
N ASN I 181 60.59 -5.83 -33.26
CA ASN I 181 61.60 -6.11 -32.24
C ASN I 181 61.52 -7.53 -31.73
N SER I 182 62.64 -7.99 -31.20
CA SER I 182 62.72 -9.30 -30.56
C SER I 182 63.35 -9.10 -29.18
N VAL I 183 62.57 -9.38 -28.14
CA VAL I 183 62.99 -9.03 -26.78
C VAL I 183 63.05 -10.22 -25.84
N THR I 184 64.09 -10.26 -25.02
CA THR I 184 64.18 -11.26 -23.96
C THR I 184 63.70 -10.67 -22.63
N TYR I 185 62.87 -11.44 -21.92
CA TYR I 185 62.33 -10.97 -20.65
C TYR I 185 62.94 -11.80 -19.52
N SER I 186 63.11 -11.17 -18.35
CA SER I 186 63.83 -11.82 -17.25
C SER I 186 63.16 -13.10 -16.77
N CYS I 187 61.88 -13.25 -17.05
CA CYS I 187 61.13 -14.43 -16.61
C CYS I 187 61.57 -15.69 -17.37
N CYS I 188 62.08 -15.50 -18.59
CA CYS I 188 62.14 -16.59 -19.55
C CYS I 188 63.38 -16.50 -20.42
N PRO I 189 63.90 -17.66 -20.86
CA PRO I 189 65.15 -17.72 -21.64
C PRO I 189 64.88 -17.26 -23.07
N GLU I 190 63.61 -16.92 -23.28
CA GLU I 190 62.97 -16.89 -24.58
C GLU I 190 62.96 -15.50 -25.21
N ALA I 191 62.98 -15.39 -26.54
CA ALA I 191 62.70 -14.08 -27.13
C ALA I 191 61.28 -14.04 -27.65
N TYR I 192 60.59 -12.93 -27.38
CA TYR I 192 59.23 -12.74 -27.86
C TYR I 192 59.22 -11.55 -28.79
N GLU I 193 58.58 -11.70 -29.94
CA GLU I 193 58.57 -10.62 -30.91
C GLU I 193 57.41 -9.65 -30.67
N ASP I 194 57.61 -8.42 -31.11
CA ASP I 194 56.57 -7.42 -31.09
C ASP I 194 56.70 -6.48 -32.28
N VAL I 195 55.59 -5.81 -32.59
CA VAL I 195 55.61 -4.68 -33.51
C VAL I 195 55.38 -3.41 -32.70
N GLU I 196 56.23 -2.41 -32.91
CA GLU I 196 56.02 -1.09 -32.31
C GLU I 196 55.50 -0.14 -33.37
N VAL I 197 54.29 0.35 -33.15
CA VAL I 197 53.69 1.31 -34.06
C VAL I 197 53.85 2.71 -33.49
N SER I 198 54.57 3.56 -34.21
CA SER I 198 54.75 4.94 -33.80
C SER I 198 53.76 5.87 -34.48
N LEU I 199 52.84 6.41 -33.69
CA LEU I 199 51.81 7.32 -34.17
C LEU I 199 52.24 8.75 -33.95
N ASN I 200 52.58 9.45 -35.02
CA ASN I 200 52.96 10.86 -34.93
C ASN I 200 51.75 11.72 -35.26
N PHE I 201 51.23 12.41 -34.26
CA PHE I 201 50.01 13.18 -34.45
C PHE I 201 50.09 14.51 -33.72
N ARG I 202 49.21 15.44 -34.09
CA ARG I 202 49.12 16.71 -33.38
C ARG I 202 47.66 17.17 -33.28
N LYS I 203 47.42 18.12 -32.39
CA LYS I 203 46.13 18.80 -32.31
C LYS I 203 46.00 19.72 -33.53
N LYS I 204 44.83 19.71 -34.16
CA LYS I 204 44.55 20.63 -35.27
C LYS I 204 44.61 22.09 -34.84
N GLY I 205 45.12 22.94 -35.72
CA GLY I 205 45.07 24.37 -35.47
C GLY I 205 43.62 24.82 -35.37
N LEU J 1 53.86 -36.98 -28.70
CA LEU J 1 52.77 -36.03 -28.47
C LEU J 1 53.04 -34.72 -29.18
N ASP J 2 52.01 -34.11 -29.74
CA ASP J 2 52.11 -32.75 -30.24
C ASP J 2 51.25 -31.81 -29.40
N ARG J 3 51.34 -30.51 -29.67
CA ARG J 3 50.57 -29.54 -28.91
C ARG J 3 49.08 -29.89 -28.80
N ALA J 4 48.47 -30.26 -29.92
CA ALA J 4 47.05 -30.57 -29.95
C ALA J 4 46.72 -31.68 -28.93
N ASP J 5 47.55 -32.72 -28.92
CA ASP J 5 47.35 -33.83 -27.99
C ASP J 5 47.42 -33.37 -26.54
N ILE J 6 48.49 -32.66 -26.21
CA ILE J 6 48.73 -32.16 -24.86
C ILE J 6 47.56 -31.29 -24.37
N LEU J 7 47.15 -30.36 -25.21
CA LEU J 7 46.05 -29.46 -24.85
C LEU J 7 44.72 -30.21 -24.72
N TYR J 8 44.53 -31.20 -25.59
CA TYR J 8 43.37 -32.05 -25.48
C TYR J 8 43.37 -32.76 -24.13
N ASN J 9 44.48 -33.42 -23.81
CA ASN J 9 44.60 -34.15 -22.57
C ASN J 9 44.35 -33.28 -21.36
N ILE J 10 44.88 -32.07 -21.40
CA ILE J 10 44.72 -31.15 -20.28
C ILE J 10 43.28 -30.72 -20.16
N ARG J 11 42.69 -30.30 -21.27
CA ARG J 11 41.30 -29.90 -21.26
C ARG J 11 40.40 -31.02 -20.73
N GLN J 12 40.67 -32.25 -21.15
CA GLN J 12 39.84 -33.39 -20.78
C GLN J 12 40.04 -33.84 -19.34
N THR J 13 41.23 -33.60 -18.78
CA THR J 13 41.57 -34.17 -17.47
C THR J 13 41.81 -33.19 -16.32
N SER J 14 42.50 -32.08 -16.60
CA SER J 14 42.76 -31.11 -15.54
C SER J 14 41.47 -30.74 -14.79
N ARG J 15 41.51 -30.87 -13.47
CA ARG J 15 40.36 -30.57 -12.63
C ARG J 15 40.56 -29.18 -12.03
N PRO J 16 40.10 -28.15 -12.74
CA PRO J 16 40.37 -26.73 -12.42
C PRO J 16 39.94 -26.35 -11.02
N ASP J 17 39.04 -27.13 -10.44
CA ASP J 17 38.52 -26.83 -9.11
C ASP J 17 39.27 -27.58 -8.02
N VAL J 18 40.25 -28.38 -8.42
CA VAL J 18 40.97 -29.21 -7.47
C VAL J 18 42.39 -28.72 -7.27
N ILE J 19 42.68 -28.23 -6.07
CA ILE J 19 44.03 -27.82 -5.71
C ILE J 19 44.98 -29.03 -5.72
N PRO J 20 46.10 -28.89 -6.45
CA PRO J 20 46.99 -30.03 -6.69
C PRO J 20 47.97 -30.24 -5.55
N THR J 21 47.46 -30.47 -4.34
CA THR J 21 48.33 -30.46 -3.16
C THR J 21 49.41 -31.55 -3.18
N GLN J 22 49.36 -32.42 -4.19
CA GLN J 22 50.47 -33.33 -4.49
C GLN J 22 51.04 -33.99 -3.25
N ARG J 23 50.50 -35.15 -2.89
CA ARG J 23 50.94 -35.90 -1.71
C ARG J 23 51.06 -34.96 -0.53
N ASP J 24 50.03 -34.94 0.31
CA ASP J 24 49.82 -33.85 1.27
C ASP J 24 51.05 -32.99 1.56
N ARG J 25 50.98 -31.75 1.12
CA ARG J 25 51.98 -30.71 1.35
C ARG J 25 51.32 -29.46 0.79
N PRO J 26 51.64 -28.27 1.35
CA PRO J 26 50.98 -27.14 0.69
C PRO J 26 51.53 -26.95 -0.73
N VAL J 27 50.69 -26.45 -1.62
CA VAL J 27 51.15 -26.03 -2.93
C VAL J 27 51.97 -24.76 -2.72
N ALA J 28 53.23 -24.82 -3.14
CA ALA J 28 54.11 -23.67 -3.02
C ALA J 28 53.87 -22.71 -4.17
N VAL J 29 53.36 -21.52 -3.83
CA VAL J 29 53.07 -20.51 -4.85
C VAL J 29 54.02 -19.33 -4.69
N SER J 30 54.73 -19.00 -5.77
CA SER J 30 55.58 -17.82 -5.80
C SER J 30 54.80 -16.70 -6.46
N VAL J 31 54.89 -15.52 -5.86
CA VAL J 31 54.21 -14.34 -6.36
C VAL J 31 55.18 -13.18 -6.41
N SER J 32 55.05 -12.36 -7.45
CA SER J 32 55.94 -11.25 -7.67
C SER J 32 55.25 -10.23 -8.57
N LEU J 33 55.31 -8.95 -8.18
CA LEU J 33 54.71 -7.90 -8.98
C LEU J 33 55.79 -7.15 -9.75
N LYS J 34 55.65 -7.11 -11.07
CA LYS J 34 56.50 -6.30 -11.91
C LYS J 34 55.72 -5.06 -12.31
N PHE J 35 56.05 -3.93 -11.70
CA PHE J 35 55.32 -2.70 -11.94
C PHE J 35 55.57 -2.11 -13.31
N ILE J 36 54.49 -1.76 -13.99
CA ILE J 36 54.55 -1.26 -15.36
C ILE J 36 54.20 0.21 -15.37
N ASN J 37 53.27 0.60 -14.50
CA ASN J 37 52.86 2.00 -14.45
C ASN J 37 52.13 2.36 -13.17
N ILE J 38 52.23 3.64 -12.81
CA ILE J 38 51.46 4.23 -11.74
C ILE J 38 50.67 5.36 -12.38
N LEU J 39 49.35 5.19 -12.45
CA LEU J 39 48.53 6.06 -13.29
C LEU J 39 47.95 7.23 -12.53
N GLU J 40 47.41 6.95 -11.36
CA GLU J 40 46.82 8.01 -10.56
C GLU J 40 47.16 7.82 -9.10
N VAL J 41 47.33 8.93 -8.41
CA VAL J 41 47.68 8.89 -7.03
C VAL J 41 46.89 9.98 -6.34
N ASN J 42 46.37 9.68 -5.16
CA ASN J 42 45.61 10.66 -4.41
C ASN J 42 46.07 10.64 -2.97
N GLU J 43 46.78 11.69 -2.59
CA GLU J 43 47.42 11.76 -1.29
C GLU J 43 46.40 12.16 -0.23
N ILE J 44 45.27 12.72 -0.69
CA ILE J 44 44.16 13.02 0.20
C ILE J 44 43.43 11.73 0.60
N THR J 45 43.04 10.94 -0.40
CA THR J 45 42.30 9.70 -0.17
C THR J 45 43.19 8.50 0.08
N ASN J 46 44.50 8.64 -0.14
CA ASN J 46 45.40 7.50 -0.03
C ASN J 46 45.02 6.35 -0.95
N GLU J 47 44.82 6.65 -2.22
CA GLU J 47 44.48 5.63 -3.20
C GLU J 47 45.45 5.75 -4.38
N VAL J 48 45.83 4.61 -4.95
CA VAL J 48 46.69 4.61 -6.13
C VAL J 48 46.13 3.69 -7.19
N ASP J 49 46.32 4.07 -8.44
CA ASP J 49 45.88 3.28 -9.58
C ASP J 49 47.15 2.78 -10.24
N VAL J 50 47.31 1.45 -10.28
CA VAL J 50 48.56 0.84 -10.73
C VAL J 50 48.40 -0.22 -11.81
N VAL J 51 49.38 -0.30 -12.72
CA VAL J 51 49.46 -1.42 -13.66
C VAL J 51 50.71 -2.24 -13.35
N PHE J 52 50.55 -3.55 -13.28
CA PHE J 52 51.67 -4.44 -12.97
C PHE J 52 51.43 -5.81 -13.58
N TRP J 53 52.51 -6.53 -13.85
CA TRP J 53 52.42 -7.95 -14.17
C TRP J 53 52.41 -8.74 -12.87
N GLN J 54 51.40 -9.57 -12.69
CA GLN J 54 51.34 -10.42 -11.51
C GLN J 54 51.95 -11.79 -11.79
N GLN J 55 53.28 -11.88 -11.71
CA GLN J 55 54.00 -13.10 -12.02
C GLN J 55 53.70 -14.14 -10.96
N THR J 56 53.00 -15.19 -11.37
CA THR J 56 52.53 -16.21 -10.46
C THR J 56 53.02 -17.59 -10.90
N THR J 57 53.56 -18.35 -9.94
CA THR J 57 54.26 -19.59 -10.26
C THR J 57 53.92 -20.71 -9.30
N TRP J 58 53.64 -21.88 -9.85
CA TRP J 58 53.40 -23.07 -9.04
C TRP J 58 53.51 -24.33 -9.89
N SER J 59 53.50 -25.47 -9.21
CA SER J 59 53.63 -26.75 -9.86
C SER J 59 52.32 -27.54 -9.76
N ASP J 60 51.89 -28.13 -10.88
CA ASP J 60 50.74 -29.02 -10.89
C ASP J 60 51.12 -30.28 -11.67
N ARG J 61 51.45 -31.34 -10.95
CA ARG J 61 51.93 -32.57 -11.56
C ARG J 61 50.89 -33.25 -12.45
N THR J 62 49.61 -32.96 -12.22
CA THR J 62 48.57 -33.62 -13.02
C THR J 62 48.57 -33.12 -14.45
N LEU J 63 49.34 -32.07 -14.71
CA LEU J 63 49.44 -31.51 -16.05
C LEU J 63 50.64 -32.08 -16.81
N ALA J 64 51.55 -32.76 -16.10
CA ALA J 64 52.81 -33.19 -16.67
C ALA J 64 52.62 -34.17 -17.82
N TRP J 65 53.59 -34.21 -18.73
CA TRP J 65 53.59 -35.19 -19.81
C TRP J 65 55.03 -35.56 -20.16
N ASN J 66 55.18 -36.69 -20.84
CA ASN J 66 56.48 -37.15 -21.31
C ASN J 66 56.87 -36.33 -22.54
N SER J 67 57.90 -35.50 -22.43
CA SER J 67 58.25 -34.60 -23.52
C SER J 67 59.43 -35.07 -24.38
N SER J 68 59.63 -36.38 -24.50
CA SER J 68 60.79 -36.89 -25.25
C SER J 68 60.92 -36.25 -26.63
N HIS J 69 59.99 -36.56 -27.53
CA HIS J 69 60.01 -35.99 -28.87
C HIS J 69 58.77 -35.12 -29.02
N SER J 70 58.46 -34.46 -27.91
CA SER J 70 57.27 -33.65 -27.84
C SER J 70 57.63 -32.23 -27.44
N PRO J 71 56.70 -31.30 -27.66
CA PRO J 71 56.87 -29.93 -27.18
C PRO J 71 57.16 -29.91 -25.69
N ASP J 72 57.97 -28.94 -25.26
CA ASP J 72 58.38 -28.82 -23.88
C ASP J 72 57.40 -27.93 -23.10
N GLN J 73 56.66 -27.10 -23.81
CA GLN J 73 55.72 -26.16 -23.19
C GLN J 73 54.52 -25.88 -24.07
N VAL J 74 53.42 -25.52 -23.44
CA VAL J 74 52.25 -25.04 -24.17
C VAL J 74 51.64 -23.88 -23.43
N SER J 75 50.86 -23.08 -24.14
CA SER J 75 50.04 -22.04 -23.52
C SER J 75 48.61 -22.58 -23.31
N VAL J 76 48.06 -22.37 -22.13
CA VAL J 76 46.77 -22.95 -21.76
C VAL J 76 45.83 -21.92 -21.17
N PRO J 77 44.57 -21.90 -21.64
CA PRO J 77 43.58 -21.02 -20.98
C PRO J 77 43.47 -21.37 -19.49
N ILE J 78 43.54 -20.37 -18.62
CA ILE J 78 43.46 -20.62 -17.18
C ILE J 78 42.12 -21.24 -16.80
N SER J 79 41.13 -21.13 -17.69
CA SER J 79 39.84 -21.76 -17.43
C SER J 79 39.98 -23.29 -17.41
N SER J 80 41.08 -23.79 -17.98
CA SER J 80 41.31 -25.24 -18.05
C SER J 80 42.28 -25.70 -16.99
N LEU J 81 42.66 -24.79 -16.10
CA LEU J 81 43.68 -25.08 -15.10
C LEU J 81 43.21 -24.69 -13.71
N TRP J 82 43.71 -25.38 -12.70
CA TRP J 82 43.56 -24.87 -11.34
C TRP J 82 44.51 -23.70 -11.17
N VAL J 83 43.98 -22.61 -10.64
CA VAL J 83 44.79 -21.43 -10.37
C VAL J 83 44.64 -21.04 -8.92
N PRO J 84 45.72 -20.54 -8.30
CA PRO J 84 45.66 -20.10 -6.90
C PRO J 84 44.66 -18.98 -6.74
N ASP J 85 43.87 -19.03 -5.68
CA ASP J 85 42.86 -17.99 -5.43
C ASP J 85 43.46 -16.75 -4.75
N LEU J 86 44.42 -16.12 -5.41
CA LEU J 86 45.11 -14.96 -4.80
C LEU J 86 44.23 -13.74 -4.84
N ALA J 87 44.35 -12.92 -3.81
CA ALA J 87 43.67 -11.64 -3.80
C ALA J 87 44.53 -10.61 -3.08
N ALA J 88 44.42 -9.37 -3.51
CA ALA J 88 45.10 -8.28 -2.83
C ALA J 88 44.17 -7.76 -1.74
N TYR J 89 44.58 -7.89 -0.49
CA TYR J 89 43.73 -7.53 0.65
C TYR J 89 43.33 -6.08 0.68
N ASN J 90 44.22 -5.20 0.22
CA ASN J 90 43.92 -3.77 0.25
C ASN J 90 43.53 -3.19 -1.12
N ALA J 91 43.20 -4.07 -2.07
CA ALA J 91 42.64 -3.62 -3.33
C ALA J 91 41.24 -3.06 -3.09
N ILE J 92 40.92 -1.94 -3.74
CA ILE J 92 39.61 -1.34 -3.60
C ILE J 92 38.86 -1.34 -4.93
N SER J 93 39.40 -2.05 -5.92
CA SER J 93 38.69 -2.31 -7.16
C SER J 93 38.97 -3.74 -7.61
N LYS J 94 38.09 -4.30 -8.42
CA LYS J 94 38.31 -5.60 -9.04
C LYS J 94 39.59 -5.53 -9.87
N PRO J 95 40.34 -6.64 -9.91
CA PRO J 95 41.49 -6.69 -10.82
C PRO J 95 41.01 -6.54 -12.24
N GLU J 96 41.52 -5.55 -12.97
CA GLU J 96 41.24 -5.43 -14.38
C GLU J 96 42.36 -6.12 -15.11
N VAL J 97 42.07 -7.30 -15.66
CA VAL J 97 43.06 -8.10 -16.38
C VAL J 97 43.23 -7.61 -17.82
N LEU J 98 44.42 -7.10 -18.13
CA LEU J 98 44.64 -6.40 -19.39
C LEU J 98 45.05 -7.34 -20.52
N THR J 99 45.48 -8.53 -20.15
CA THR J 99 46.12 -9.43 -21.12
C THR J 99 45.36 -10.75 -21.31
N PRO J 100 45.64 -11.45 -22.42
CA PRO J 100 44.99 -12.74 -22.68
C PRO J 100 45.19 -13.68 -21.50
N GLN J 101 44.11 -14.36 -21.08
CA GLN J 101 44.18 -15.16 -19.87
C GLN J 101 44.71 -16.59 -20.11
N LEU J 102 45.98 -16.66 -20.49
CA LEU J 102 46.66 -17.93 -20.75
C LEU J 102 47.83 -18.09 -19.79
N ALA J 103 48.06 -19.32 -19.35
CA ALA J 103 49.23 -19.61 -18.55
C ALA J 103 50.19 -20.44 -19.38
N ARG J 104 51.48 -20.38 -19.02
CA ARG J 104 52.48 -21.20 -19.69
C ARG J 104 52.74 -22.46 -18.87
N VAL J 105 52.57 -23.61 -19.50
CA VAL J 105 52.75 -24.88 -18.79
C VAL J 105 53.94 -25.63 -19.35
N VAL J 106 54.88 -26.00 -18.47
CA VAL J 106 56.04 -26.80 -18.87
C VAL J 106 55.70 -28.28 -18.69
N SER J 107 56.41 -29.15 -19.41
CA SER J 107 56.06 -30.57 -19.44
C SER J 107 56.18 -31.26 -18.09
N ASP J 108 56.87 -30.63 -17.16
CA ASP J 108 57.05 -31.22 -15.83
C ASP J 108 55.95 -30.75 -14.87
N GLY J 109 55.04 -29.94 -15.36
CA GLY J 109 53.92 -29.49 -14.57
C GLY J 109 54.07 -28.09 -13.98
N GLU J 110 55.21 -27.46 -14.20
CA GLU J 110 55.41 -26.08 -13.73
C GLU J 110 54.52 -25.14 -14.51
N VAL J 111 53.87 -24.23 -13.80
CA VAL J 111 53.00 -23.27 -14.45
C VAL J 111 53.49 -21.86 -14.18
N LEU J 112 53.41 -21.03 -15.22
CA LEU J 112 53.67 -19.61 -15.08
C LEU J 112 52.47 -18.85 -15.60
N TYR J 113 51.79 -18.14 -14.70
CA TYR J 113 50.70 -17.24 -15.09
C TYR J 113 51.10 -15.81 -14.71
N MET J 114 51.17 -14.93 -15.72
CA MET J 114 51.68 -13.59 -15.49
C MET J 114 50.89 -12.57 -16.28
N PRO J 115 49.65 -12.31 -15.84
CA PRO J 115 48.80 -11.31 -16.50
C PRO J 115 49.24 -9.91 -16.11
N SER J 116 48.99 -8.95 -16.99
CA SER J 116 49.14 -7.55 -16.63
C SER J 116 47.82 -7.08 -16.05
N ILE J 117 47.89 -6.44 -14.89
CA ILE J 117 46.70 -6.06 -14.16
C ILE J 117 46.71 -4.58 -13.79
N ARG J 118 45.57 -3.92 -14.02
CA ARG J 118 45.35 -2.59 -13.46
C ARG J 118 44.40 -2.68 -12.28
N GLN J 119 44.77 -2.06 -11.16
CA GLN J 119 43.97 -2.18 -9.97
C GLN J 119 44.23 -1.00 -9.03
N ARG J 120 43.21 -0.61 -8.27
CA ARG J 120 43.37 0.46 -7.30
C ARG J 120 43.52 -0.08 -5.89
N PHE J 121 44.37 0.57 -5.12
CA PHE J 121 44.67 0.13 -3.76
C PHE J 121 44.55 1.24 -2.75
N SER J 122 44.24 0.84 -1.52
CA SER J 122 44.26 1.73 -0.38
C SER J 122 45.58 1.47 0.32
N CYS J 123 46.41 2.51 0.42
CA CYS J 123 47.72 2.37 1.06
C CYS J 123 48.29 3.74 1.38
N ASP J 124 49.44 3.76 2.04
CA ASP J 124 50.04 4.99 2.49
C ASP J 124 50.68 5.78 1.35
N VAL J 125 50.06 6.91 1.01
CA VAL J 125 50.55 7.74 -0.08
C VAL J 125 51.35 8.96 0.45
N SER J 126 51.31 9.16 1.75
CA SER J 126 52.02 10.27 2.36
C SER J 126 53.51 10.29 1.96
N GLY J 127 54.03 11.48 1.69
CA GLY J 127 55.42 11.65 1.28
C GLY J 127 55.69 11.41 -0.20
N VAL J 128 54.65 11.14 -0.98
CA VAL J 128 54.84 10.84 -2.38
C VAL J 128 55.54 11.97 -3.13
N ASP J 129 55.37 13.19 -2.64
CA ASP J 129 55.95 14.35 -3.32
C ASP J 129 57.23 14.84 -2.64
N THR J 130 57.83 13.97 -1.83
CA THR J 130 59.13 14.25 -1.23
C THR J 130 60.22 13.40 -1.88
N GLU J 131 61.49 13.67 -1.57
CA GLU J 131 62.57 12.91 -2.18
C GLU J 131 62.60 11.52 -1.56
N SER J 132 62.04 11.43 -0.36
CA SER J 132 61.97 10.14 0.35
C SER J 132 60.87 9.28 -0.25
N GLY J 133 59.89 9.92 -0.88
CA GLY J 133 58.77 9.25 -1.53
C GLY J 133 57.80 8.58 -0.59
N ALA J 134 56.74 8.01 -1.16
CA ALA J 134 55.75 7.26 -0.39
C ALA J 134 56.07 5.78 -0.46
N THR J 135 55.56 5.03 0.52
CA THR J 135 55.69 3.58 0.50
C THR J 135 54.30 2.95 0.58
N CYS J 136 53.84 2.45 -0.57
CA CYS J 136 52.54 1.80 -0.66
C CYS J 136 52.70 0.28 -0.51
N ARG J 137 52.11 -0.24 0.56
CA ARG J 137 52.22 -1.65 0.91
C ARG J 137 51.03 -2.46 0.35
N ILE J 138 51.32 -3.46 -0.47
CA ILE J 138 50.27 -4.27 -1.08
C ILE J 138 50.33 -5.72 -0.59
N LYS J 139 49.21 -6.18 -0.05
CA LYS J 139 49.17 -7.49 0.62
C LYS J 139 48.38 -8.51 -0.21
N ILE J 140 49.05 -9.58 -0.61
CA ILE J 140 48.45 -10.58 -1.47
C ILE J 140 48.61 -11.98 -0.91
N GLY J 141 47.53 -12.76 -0.91
CA GLY J 141 47.58 -14.14 -0.45
C GLY J 141 46.34 -14.91 -0.86
N SER J 142 46.36 -16.22 -0.64
CA SER J 142 45.19 -17.05 -0.91
C SER J 142 44.04 -16.60 -0.05
N TRP J 143 42.87 -16.42 -0.67
CA TRP J 143 41.71 -15.95 0.06
C TRP J 143 41.14 -17.03 0.99
N THR J 144 41.19 -18.29 0.55
CA THR J 144 40.48 -19.36 1.26
C THR J 144 41.34 -20.58 1.63
N HIS J 145 42.59 -20.61 1.18
CA HIS J 145 43.47 -21.74 1.47
C HIS J 145 44.52 -21.38 2.52
N HIS J 146 44.49 -22.07 3.66
CA HIS J 146 45.43 -21.79 4.73
C HIS J 146 46.80 -22.41 4.43
N SER J 147 47.72 -22.22 5.37
CA SER J 147 49.13 -22.49 5.11
C SER J 147 49.47 -23.97 4.87
N ARG J 148 48.60 -24.88 5.25
CA ARG J 148 48.87 -26.29 5.00
C ARG J 148 48.42 -26.65 3.59
N GLU J 149 47.74 -25.72 2.94
CA GLU J 149 47.23 -25.93 1.59
C GLU J 149 47.94 -25.07 0.56
N ILE J 150 48.11 -23.80 0.89
CA ILE J 150 48.91 -22.91 0.03
C ILE J 150 49.92 -22.14 0.85
N SER J 151 51.18 -22.21 0.44
CA SER J 151 52.18 -21.28 0.96
C SER J 151 52.50 -20.29 -0.15
N VAL J 152 52.73 -19.04 0.22
CA VAL J 152 53.10 -18.01 -0.74
C VAL J 152 54.49 -17.47 -0.43
N ASP J 153 55.24 -17.18 -1.47
CA ASP J 153 56.62 -16.73 -1.34
C ASP J 153 56.93 -15.73 -2.44
N PRO J 154 57.76 -14.74 -2.12
CA PRO J 154 58.22 -13.82 -3.16
C PRO J 154 59.11 -14.57 -4.13
N THR J 155 58.88 -14.32 -5.42
CA THR J 155 59.66 -14.89 -6.51
C THR J 155 61.16 -14.83 -6.24
N ASP J 160 65.95 -4.99 -10.53
CA ASP J 160 64.84 -5.85 -10.93
C ASP J 160 63.52 -5.10 -10.71
N ASP J 161 63.63 -3.79 -10.48
CA ASP J 161 62.48 -2.96 -10.11
C ASP J 161 61.77 -2.37 -11.32
N SER J 162 62.33 -1.28 -11.81
CA SER J 162 61.73 -0.52 -12.91
C SER J 162 61.93 -1.24 -14.23
N GLU J 163 62.34 -2.50 -14.16
CA GLU J 163 62.73 -3.26 -15.35
C GLU J 163 61.82 -2.98 -16.55
N TYR J 164 60.53 -2.97 -16.28
CA TYR J 164 59.48 -2.83 -17.27
C TYR J 164 58.63 -1.60 -16.95
N PHE J 165 59.12 -0.79 -16.02
CA PHE J 165 58.36 0.38 -15.59
C PHE J 165 58.35 1.49 -16.64
N SER J 166 57.17 2.05 -16.89
CA SER J 166 56.99 3.06 -17.92
C SER J 166 57.77 4.34 -17.64
N GLN J 167 58.58 4.74 -18.61
CA GLN J 167 59.28 6.03 -18.53
C GLN J 167 58.31 7.22 -18.63
N TYR J 168 57.05 6.94 -18.93
CA TYR J 168 56.08 8.02 -19.15
C TYR J 168 55.18 8.27 -17.96
N SER J 169 55.36 7.48 -16.91
CA SER J 169 54.65 7.69 -15.64
C SER J 169 55.07 9.02 -15.04
N ARG J 170 54.16 9.70 -14.35
CA ARG J 170 54.56 10.91 -13.64
C ARG J 170 55.35 10.56 -12.38
N PHE J 171 55.52 9.26 -12.13
CA PHE J 171 56.17 8.78 -10.92
C PHE J 171 57.37 7.91 -11.26
N GLU J 172 58.29 7.77 -10.30
CA GLU J 172 59.41 6.85 -10.45
C GLU J 172 59.48 5.91 -9.25
N ILE J 173 60.04 4.73 -9.47
CA ILE J 173 60.17 3.76 -8.40
C ILE J 173 61.53 3.87 -7.76
N LEU J 174 61.55 4.04 -6.44
CA LEU J 174 62.80 4.14 -5.70
C LEU J 174 63.27 2.77 -5.26
N ASP J 175 62.32 1.92 -4.87
CA ASP J 175 62.66 0.60 -4.36
C ASP J 175 61.42 -0.27 -4.25
N VAL J 176 61.60 -1.58 -4.47
CA VAL J 176 60.54 -2.55 -4.23
C VAL J 176 61.09 -3.66 -3.35
N THR J 177 60.43 -3.91 -2.22
CA THR J 177 60.83 -5.02 -1.36
C THR J 177 59.63 -5.89 -1.03
N GLN J 178 59.89 -7.15 -0.73
CA GLN J 178 58.82 -8.11 -0.49
C GLN J 178 59.03 -8.80 0.84
N LYS J 179 57.94 -9.03 1.56
CA LYS J 179 58.01 -9.67 2.87
C LYS J 179 56.93 -10.74 2.95
N LYS J 180 57.26 -11.89 3.53
CA LYS J 180 56.28 -12.94 3.72
C LYS J 180 55.67 -12.88 5.12
N ASN J 181 54.36 -13.07 5.23
CA ASN J 181 53.71 -13.13 6.53
C ASN J 181 52.77 -14.31 6.66
N SER J 182 52.50 -14.68 7.91
CA SER J 182 51.57 -15.76 8.21
C SER J 182 50.61 -15.19 9.26
N VAL J 183 49.34 -15.09 8.92
CA VAL J 183 48.38 -14.41 9.78
C VAL J 183 47.19 -15.26 10.17
N THR J 184 46.81 -15.16 11.44
CA THR J 184 45.59 -15.79 11.92
C THR J 184 44.47 -14.76 11.91
N TYR J 185 43.29 -15.17 11.42
CA TYR J 185 42.13 -14.29 11.36
C TYR J 185 41.08 -14.79 12.35
N SER J 186 40.32 -13.86 12.92
CA SER J 186 39.39 -14.22 13.98
C SER J 186 38.30 -15.22 13.54
N CYS J 187 38.06 -15.29 12.23
CA CYS J 187 37.06 -16.21 11.70
C CYS J 187 37.49 -17.66 11.84
N CYS J 188 38.79 -17.89 11.87
CA CYS J 188 39.30 -19.24 11.61
C CYS J 188 40.53 -19.57 12.45
N PRO J 189 40.73 -20.86 12.76
CA PRO J 189 41.82 -21.31 13.62
C PRO J 189 43.17 -21.40 12.90
N GLU J 190 43.17 -21.58 11.58
CA GLU J 190 44.42 -21.71 10.82
C GLU J 190 45.04 -20.37 10.46
N ALA J 191 46.35 -20.43 10.23
CA ALA J 191 47.10 -19.29 9.73
C ALA J 191 47.09 -19.28 8.19
N TYR J 192 46.97 -18.08 7.65
CA TYR J 192 46.97 -17.88 6.21
C TYR J 192 48.17 -17.04 5.82
N GLU J 193 48.89 -17.49 4.79
CA GLU J 193 50.09 -16.78 4.38
C GLU J 193 49.80 -15.65 3.39
N ASP J 194 50.65 -14.63 3.42
CA ASP J 194 50.57 -13.58 2.43
C ASP J 194 51.96 -13.08 2.11
N VAL J 195 52.08 -12.41 0.96
CA VAL J 195 53.26 -11.61 0.66
C VAL J 195 52.87 -10.13 0.72
N GLU J 196 53.66 -9.33 1.42
CA GLU J 196 53.49 -7.89 1.41
C GLU J 196 54.54 -7.25 0.51
N VAL J 197 54.06 -6.61 -0.55
CA VAL J 197 54.96 -5.94 -1.46
C VAL J 197 55.01 -4.45 -1.14
N SER J 198 56.18 -3.94 -0.78
CA SER J 198 56.34 -2.54 -0.44
C SER J 198 56.89 -1.76 -1.62
N LEU J 199 56.04 -0.91 -2.18
CA LEU J 199 56.39 -0.09 -3.33
C LEU J 199 56.79 1.30 -2.87
N ASN J 200 58.08 1.60 -2.97
CA ASN J 200 58.59 2.91 -2.59
C ASN J 200 58.74 3.76 -3.85
N PHE J 201 57.91 4.78 -3.97
CA PHE J 201 57.89 5.59 -5.19
C PHE J 201 57.69 7.06 -4.85
N ARG J 202 58.00 7.93 -5.81
CA ARG J 202 57.77 9.36 -5.66
C ARG J 202 57.38 10.00 -6.99
N LYS J 203 56.82 11.20 -6.90
CA LYS J 203 56.50 11.99 -8.08
C LYS J 203 57.80 12.51 -8.68
N LYS J 204 57.92 12.42 -10.00
CA LYS J 204 59.09 12.94 -10.68
C LYS J 204 59.22 14.45 -10.48
#